data_1MAK
#
_entry.id   1MAK
#
_cell.length_a   1.000
_cell.length_b   1.000
_cell.length_c   1.000
_cell.angle_alpha   90.00
_cell.angle_beta   90.00
_cell.angle_gamma   90.00
#
_symmetry.space_group_name_H-M   'P 1'
#
_entity_poly.entity_id   1
_entity_poly.type   'polypeptide(L)'
_entity_poly.pdbx_seq_one_letter_code
;DVVMTQTPLSLPVSLGDQASISCRSSQSLVHSNGNTYLNWYLQKAGQSPKLLIYKVSNRFSGVPDRFSGSGSGTDFTLKI
SRVEAEDLGIYFCSQTTHVPPTFGGGTKLEIKR
;
_entity_poly.pdbx_strand_id   A
#
# COMPACT_ATOMS: atom_id res chain seq x y z
N ASP A 1 -8.81 -3.60 -6.55
CA ASP A 1 -8.02 -3.15 -5.36
C ASP A 1 -7.65 -1.69 -5.50
N VAL A 2 -7.07 -1.17 -4.47
CA VAL A 2 -6.67 0.27 -4.53
C VAL A 2 -5.43 0.47 -5.40
N VAL A 3 -5.51 1.41 -6.30
CA VAL A 3 -4.35 1.69 -7.20
C VAL A 3 -3.42 2.75 -6.60
N MET A 4 -2.19 2.76 -7.04
CA MET A 4 -1.22 3.75 -6.51
C MET A 4 -0.31 4.29 -7.62
N THR A 5 -0.48 5.55 -7.93
CA THR A 5 0.36 6.17 -9.00
C THR A 5 1.74 6.54 -8.45
N GLN A 6 2.76 5.83 -8.89
CA GLN A 6 4.13 6.13 -8.40
C GLN A 6 4.88 7.04 -9.37
N THR A 7 5.42 8.11 -8.84
CA THR A 7 6.18 9.07 -9.69
C THR A 7 7.05 9.97 -8.82
N PRO A 8 8.11 10.52 -9.38
CA PRO A 8 8.51 10.25 -10.77
C PRO A 8 9.27 8.94 -10.89
N LEU A 9 9.64 8.59 -12.08
CA LEU A 9 10.40 7.32 -12.28
C LEU A 9 11.88 7.56 -12.03
N SER A 10 12.34 8.73 -12.40
CA SER A 10 13.78 9.08 -12.20
C SER A 10 13.90 10.47 -11.60
N LEU A 11 15.01 10.73 -10.96
CA LEU A 11 15.20 12.07 -10.34
C LEU A 11 16.67 12.53 -10.44
N PRO A 12 17.04 12.96 -11.62
CA PRO A 12 18.41 13.44 -11.86
C PRO A 12 18.63 14.77 -11.13
N VAL A 13 19.15 14.69 -9.94
CA VAL A 13 19.39 15.93 -9.16
C VAL A 13 20.88 16.18 -8.92
N SER A 14 21.15 17.22 -8.18
CA SER A 14 22.56 17.57 -7.87
C SER A 14 22.81 17.37 -6.37
N LEU A 15 24.03 17.08 -6.01
CA LEU A 15 24.33 16.88 -4.57
C LEU A 15 24.21 18.18 -3.79
N GLY A 16 23.01 18.42 -3.32
CA GLY A 16 22.76 19.67 -2.53
C GLY A 16 21.36 20.22 -2.83
N ASP A 17 20.73 19.69 -3.84
CA ASP A 17 19.36 20.16 -4.20
C ASP A 17 18.30 19.53 -3.30
N GLN A 18 17.06 19.70 -3.66
CA GLN A 18 15.96 19.12 -2.83
C GLN A 18 15.30 17.95 -3.56
N ALA A 19 14.50 17.18 -2.85
CA ALA A 19 13.83 16.02 -3.50
C ALA A 19 12.33 16.03 -3.21
N SER A 20 11.60 15.28 -4.00
CA SER A 20 10.12 15.23 -3.80
C SER A 20 9.52 13.99 -4.49
N ILE A 21 9.71 12.85 -3.89
CA ILE A 21 9.15 11.61 -4.51
C ILE A 21 7.64 11.58 -4.34
N SER A 22 6.93 11.26 -5.39
CA SER A 22 5.45 11.21 -5.29
C SER A 22 4.90 9.79 -5.23
N CYS A 23 3.87 9.61 -4.45
CA CYS A 23 3.23 8.28 -4.29
C CYS A 23 1.74 8.47 -4.06
N ARG A 24 1.02 8.66 -5.14
CA ARG A 24 -0.46 8.87 -5.01
C ARG A 24 -1.23 7.57 -4.85
N SER A 25 -2.49 7.72 -4.50
CA SER A 25 -3.38 6.54 -4.30
C SER A 25 -4.74 6.80 -4.95
N SER A 26 -5.41 5.75 -5.32
CA SER A 26 -6.75 5.93 -5.95
C SER A 26 -7.76 6.49 -4.96
N GLN A 27 -7.83 5.87 -3.81
CA GLN A 27 -8.79 6.34 -2.77
C GLN A 27 -8.04 6.76 -1.51
N SER A 28 -8.73 7.42 -0.62
CA SER A 28 -8.09 7.87 0.64
C SER A 28 -7.69 6.67 1.50
N LEU A 29 -6.42 6.58 1.83
CA LEU A 29 -5.97 5.44 2.67
C LEU A 29 -6.29 5.68 4.14
N VAL A 30 -7.38 6.36 4.39
CA VAL A 30 -7.76 6.64 5.81
C VAL A 30 -8.80 5.61 6.28
N HIS A 31 -8.56 5.05 7.43
CA HIS A 31 -9.51 4.05 7.98
C HIS A 31 -10.67 4.70 8.72
N SER A 32 -11.69 3.93 9.01
CA SER A 32 -12.87 4.48 9.73
C SER A 32 -12.48 5.08 11.09
N ASN A 33 -11.42 4.58 11.66
CA ASN A 33 -10.98 5.12 12.98
C ASN A 33 -10.21 6.43 12.80
N GLY A 34 -9.88 6.75 11.58
CA GLY A 34 -9.14 8.01 11.31
C GLY A 34 -7.62 7.78 11.23
N ASN A 35 -7.20 6.55 11.42
CA ASN A 35 -5.74 6.26 11.36
C ASN A 35 -5.30 6.03 9.91
N THR A 36 -4.10 6.48 9.61
CA THR A 36 -3.57 6.29 8.23
C THR A 36 -2.59 5.11 8.19
N TYR A 37 -2.42 4.53 7.03
CA TYR A 37 -1.49 3.38 6.93
C TYR A 37 -0.63 3.45 5.66
N LEU A 38 0.51 4.08 5.78
CA LEU A 38 1.42 4.20 4.59
C LEU A 38 2.85 4.42 5.04
N ASN A 39 3.76 3.71 4.43
CA ASN A 39 5.20 3.87 4.82
C ASN A 39 6.08 4.09 3.59
N TRP A 40 7.29 4.49 3.83
CA TRP A 40 8.24 4.74 2.71
C TRP A 40 9.42 3.77 2.78
N TYR A 41 10.18 3.71 1.73
CA TYR A 41 11.35 2.78 1.72
C TYR A 41 12.52 3.35 0.90
N LEU A 42 13.69 2.84 1.17
CA LEU A 42 14.91 3.30 0.45
C LEU A 42 15.92 2.16 0.39
N GLN A 43 16.48 1.92 -0.77
CA GLN A 43 17.47 0.82 -0.88
C GLN A 43 18.70 1.27 -1.67
N LYS A 44 19.80 0.61 -1.41
CA LYS A 44 21.05 0.97 -2.12
C LYS A 44 21.45 -0.14 -3.11
N ALA A 45 22.68 -0.58 -3.04
CA ALA A 45 23.13 -1.65 -3.97
C ALA A 45 22.69 -3.03 -3.48
N GLY A 46 23.02 -3.34 -2.25
CA GLY A 46 22.62 -4.68 -1.70
C GLY A 46 22.73 -4.68 -0.18
N GLN A 47 22.27 -3.60 0.41
CA GLN A 47 22.33 -3.49 1.90
C GLN A 47 20.95 -3.77 2.51
N SER A 48 20.90 -3.76 3.82
CA SER A 48 19.60 -4.02 4.51
C SER A 48 18.58 -2.94 4.13
N PRO A 49 17.31 -3.30 4.20
CA PRO A 49 16.23 -2.37 3.87
C PRO A 49 16.27 -1.12 4.77
N LYS A 50 15.95 0.02 4.21
CA LYS A 50 15.97 1.27 5.00
C LYS A 50 14.59 1.92 5.06
N LEU A 51 14.21 2.35 6.23
CA LEU A 51 12.87 3.01 6.41
C LEU A 51 13.04 4.44 6.90
N LEU A 52 12.44 5.37 6.18
CA LEU A 52 12.54 6.80 6.58
C LEU A 52 11.27 7.23 7.32
N ILE A 53 10.15 6.92 6.72
CA ILE A 53 8.84 7.28 7.33
C ILE A 53 7.93 6.06 7.35
N TYR A 54 7.25 5.84 8.44
CA TYR A 54 6.34 4.66 8.51
C TYR A 54 4.88 5.09 8.66
N LYS A 55 4.69 6.35 8.90
CA LYS A 55 3.31 6.89 9.06
C LYS A 55 3.25 8.30 8.50
N VAL A 56 2.74 8.41 7.28
CA VAL A 56 2.62 9.73 6.59
C VAL A 56 3.86 10.64 6.76
N SER A 57 4.07 11.17 7.95
CA SER A 57 5.26 12.04 8.17
C SER A 57 6.15 11.50 9.30
N ASN A 58 5.54 10.75 10.18
CA ASN A 58 6.30 10.17 11.33
C ASN A 58 7.61 9.51 10.89
N ARG A 59 8.70 10.17 11.21
CA ARG A 59 10.03 9.62 10.83
C ARG A 59 10.46 8.51 11.79
N PHE A 60 11.36 7.68 11.36
CA PHE A 60 11.82 6.57 12.23
C PHE A 60 12.90 7.06 13.22
N SER A 61 13.05 6.34 14.29
CA SER A 61 14.06 6.72 15.32
C SER A 61 15.48 6.63 14.73
N GLY A 62 15.90 7.69 14.09
CA GLY A 62 17.25 7.70 13.49
C GLY A 62 17.24 8.46 12.15
N VAL A 63 16.07 8.82 11.72
CA VAL A 63 15.95 9.56 10.42
C VAL A 63 16.08 11.08 10.67
N PRO A 64 17.10 11.66 10.08
CA PRO A 64 17.35 13.11 10.22
C PRO A 64 16.19 13.94 9.67
N ASP A 65 16.03 15.13 10.21
CA ASP A 65 14.93 16.02 9.75
C ASP A 65 15.02 16.31 8.26
N ARG A 66 16.11 15.90 7.65
CA ARG A 66 16.27 16.15 6.20
C ARG A 66 15.16 15.45 5.42
N PHE A 67 14.68 14.37 5.97
CA PHE A 67 13.59 13.60 5.30
C PHE A 67 12.23 13.94 5.89
N SER A 68 11.29 14.25 5.04
CA SER A 68 9.93 14.60 5.55
C SER A 68 8.86 14.04 4.63
N GLY A 69 7.85 13.46 5.22
CA GLY A 69 6.74 12.88 4.39
C GLY A 69 5.43 13.61 4.68
N SER A 70 4.71 13.93 3.65
CA SER A 70 3.41 14.64 3.85
C SER A 70 2.51 14.45 2.63
N GLY A 71 1.36 15.06 2.68
CA GLY A 71 0.41 14.95 1.53
C GLY A 71 -1.00 14.66 2.05
N SER A 72 -1.92 14.49 1.15
CA SER A 72 -3.33 14.21 1.58
C SER A 72 -3.56 12.70 1.73
N GLY A 73 -4.76 12.33 2.07
CA GLY A 73 -5.07 10.88 2.24
C GLY A 73 -4.89 10.16 0.90
N THR A 74 -4.83 10.93 -0.15
CA THR A 74 -4.66 10.33 -1.51
C THR A 74 -3.38 10.84 -2.16
N ASP A 75 -2.52 11.38 -1.34
CA ASP A 75 -1.24 11.91 -1.88
C ASP A 75 -0.15 11.88 -0.82
N PHE A 76 0.95 11.24 -1.14
CA PHE A 76 2.07 11.15 -0.18
C PHE A 76 3.38 11.46 -0.90
N THR A 77 4.17 12.32 -0.34
CA THR A 77 5.47 12.66 -0.99
C THR A 77 6.64 12.60 -0.03
N LEU A 78 7.78 12.22 -0.56
CA LEU A 78 9.02 12.12 0.27
C LEU A 78 9.92 13.30 -0.08
N LYS A 79 9.84 14.34 0.72
CA LYS A 79 10.68 15.53 0.46
C LYS A 79 11.99 15.50 1.24
N ILE A 80 13.04 15.93 0.58
CA ILE A 80 14.37 15.96 1.24
C ILE A 80 14.95 17.35 1.14
N SER A 81 15.47 17.82 2.24
CA SER A 81 16.04 19.18 2.22
C SER A 81 17.24 19.27 1.31
N ARG A 82 18.27 18.53 1.61
CA ARG A 82 19.48 18.56 0.75
C ARG A 82 19.88 17.14 0.37
N VAL A 83 19.67 16.81 -0.87
CA VAL A 83 20.03 15.45 -1.36
C VAL A 83 21.54 15.26 -1.35
N GLU A 84 22.00 14.51 -0.40
CA GLU A 84 23.46 14.25 -0.29
C GLU A 84 23.83 12.98 -1.07
N ALA A 85 25.00 12.47 -0.81
CA ALA A 85 25.43 11.23 -1.52
C ALA A 85 24.78 9.98 -0.92
N GLU A 86 24.42 10.05 0.34
CA GLU A 86 23.78 8.86 0.97
C GLU A 86 22.32 8.71 0.54
N ASP A 87 21.69 9.83 0.27
CA ASP A 87 20.26 9.77 -0.15
C ASP A 87 20.11 9.05 -1.50
N LEU A 88 21.18 9.03 -2.25
CA LEU A 88 21.14 8.35 -3.58
C LEU A 88 20.72 6.89 -3.46
N GLY A 89 20.18 6.36 -4.52
CA GLY A 89 19.75 4.94 -4.50
C GLY A 89 18.34 4.80 -5.10
N ILE A 90 17.60 3.84 -4.62
CA ILE A 90 16.23 3.63 -5.13
C ILE A 90 15.21 3.86 -4.02
N TYR A 91 14.12 4.51 -4.35
CA TYR A 91 13.07 4.78 -3.32
C TYR A 91 11.77 4.08 -3.64
N PHE A 92 11.02 3.76 -2.61
CA PHE A 92 9.71 3.07 -2.80
C PHE A 92 8.73 3.45 -1.69
N CYS A 93 7.52 2.99 -1.81
CA CYS A 93 6.49 3.31 -0.78
C CYS A 93 5.43 2.20 -0.72
N SER A 94 4.72 2.12 0.36
CA SER A 94 3.67 1.06 0.47
C SER A 94 2.54 1.48 1.39
N GLN A 95 1.44 0.75 1.32
CA GLN A 95 0.28 1.09 2.17
C GLN A 95 -0.15 -0.11 3.00
N THR A 96 -0.74 0.16 4.12
CA THR A 96 -1.20 -0.93 5.02
C THR A 96 -2.68 -0.71 5.34
N THR A 97 -3.43 -0.39 4.33
CA THR A 97 -4.90 -0.14 4.53
C THR A 97 -5.74 -1.28 3.94
N HIS A 98 -5.41 -1.69 2.74
CA HIS A 98 -6.18 -2.80 2.12
C HIS A 98 -5.39 -4.10 2.10
N VAL A 99 -6.09 -5.20 1.93
CA VAL A 99 -5.40 -6.52 1.90
C VAL A 99 -5.72 -7.28 0.61
N PRO A 100 -4.69 -7.80 -0.04
CA PRO A 100 -3.30 -7.65 0.42
C PRO A 100 -2.80 -6.21 0.24
N PRO A 101 -1.84 -5.82 1.04
CA PRO A 101 -1.28 -4.46 0.97
C PRO A 101 -0.68 -4.20 -0.41
N THR A 102 -1.02 -3.07 -0.98
CA THR A 102 -0.48 -2.75 -2.32
C THR A 102 0.89 -2.07 -2.23
N PHE A 103 1.83 -2.62 -2.95
CA PHE A 103 3.21 -2.05 -2.93
C PHE A 103 3.50 -1.33 -4.25
N GLY A 104 4.41 -0.39 -4.19
CA GLY A 104 4.75 0.36 -5.45
C GLY A 104 5.93 1.31 -5.20
N GLY A 105 6.35 1.98 -6.24
CA GLY A 105 7.48 2.93 -6.09
C GLY A 105 8.68 2.46 -6.93
N GLY A 106 9.63 3.33 -7.08
CA GLY A 106 10.84 2.96 -7.88
C GLY A 106 11.52 4.21 -8.44
N THR A 107 11.56 5.23 -7.65
CA THR A 107 12.20 6.49 -8.12
C THR A 107 13.71 6.36 -8.04
N LYS A 108 14.36 6.42 -9.18
CA LYS A 108 15.84 6.31 -9.19
C LYS A 108 16.51 7.66 -8.91
N LEU A 109 17.06 7.78 -7.74
CA LEU A 109 17.74 9.05 -7.38
C LEU A 109 19.22 8.98 -7.73
N GLU A 110 19.54 9.36 -8.93
CA GLU A 110 20.95 9.33 -9.38
C GLU A 110 21.45 10.75 -9.65
N ILE A 111 22.69 10.99 -9.32
CA ILE A 111 23.25 12.35 -9.56
C ILE A 111 23.44 12.61 -11.05
N LYS A 112 23.14 13.80 -11.48
CA LYS A 112 23.31 14.14 -12.91
C LYS A 112 24.79 14.19 -13.28
N ARG A 113 25.05 14.43 -14.53
CA ARG A 113 26.46 14.50 -14.99
C ARG A 113 26.63 15.60 -16.04
N ASP A 1 -6.74 -6.71 -3.09
CA ASP A 1 -6.68 -5.28 -3.47
C ASP A 1 -7.49 -4.44 -2.51
N VAL A 2 -7.29 -3.15 -2.59
CA VAL A 2 -8.02 -2.24 -1.69
C VAL A 2 -9.49 -2.17 -2.10
N VAL A 3 -10.37 -2.44 -1.18
CA VAL A 3 -11.82 -2.39 -1.51
C VAL A 3 -12.29 -0.95 -1.70
N MET A 4 -13.25 -0.77 -2.58
CA MET A 4 -13.78 0.59 -2.85
C MET A 4 -15.29 0.52 -3.10
N THR A 5 -16.06 1.04 -2.18
CA THR A 5 -17.54 1.02 -2.36
C THR A 5 -18.08 2.37 -2.82
N GLN A 6 -18.66 2.37 -3.99
CA GLN A 6 -19.22 3.64 -4.53
C GLN A 6 -20.73 3.66 -4.34
N THR A 7 -21.24 4.76 -3.85
CA THR A 7 -22.71 4.87 -3.62
C THR A 7 -23.14 6.34 -3.67
N PRO A 8 -24.43 6.56 -3.83
CA PRO A 8 -25.42 5.47 -3.99
C PRO A 8 -25.38 4.89 -5.39
N LEU A 9 -26.20 3.92 -5.64
CA LEU A 9 -26.24 3.30 -6.99
C LEU A 9 -27.00 4.21 -7.95
N SER A 10 -28.02 4.84 -7.43
CA SER A 10 -28.84 5.76 -8.27
C SER A 10 -29.18 7.01 -7.46
N LEU A 11 -29.38 8.11 -8.14
CA LEU A 11 -29.71 9.37 -7.41
C LEU A 11 -30.81 10.17 -8.13
N PRO A 12 -32.04 9.82 -7.85
CA PRO A 12 -33.19 10.51 -8.46
C PRO A 12 -33.30 11.95 -7.94
N VAL A 13 -32.96 12.88 -8.78
CA VAL A 13 -33.02 14.32 -8.37
C VAL A 13 -33.72 15.17 -9.42
N SER A 14 -33.77 16.45 -9.15
CA SER A 14 -34.41 17.39 -10.10
C SER A 14 -33.41 18.46 -10.53
N LEU A 15 -33.63 19.05 -11.68
CA LEU A 15 -32.68 20.09 -12.15
C LEU A 15 -32.73 21.33 -11.26
N GLY A 16 -31.97 21.29 -10.21
CA GLY A 16 -31.92 22.44 -9.26
C GLY A 16 -31.74 21.93 -7.82
N ASP A 17 -30.97 20.89 -7.69
CA ASP A 17 -30.72 20.32 -6.33
C ASP A 17 -29.26 19.98 -6.12
N GLN A 18 -28.90 19.74 -4.89
CA GLN A 18 -27.48 19.41 -4.59
C GLN A 18 -27.29 17.89 -4.56
N ALA A 19 -26.22 17.44 -5.14
CA ALA A 19 -25.95 15.98 -5.18
C ALA A 19 -24.79 15.59 -4.26
N SER A 20 -24.74 14.33 -3.90
CA SER A 20 -23.65 13.87 -3.00
C SER A 20 -23.30 12.40 -3.31
N ILE A 21 -22.36 12.22 -4.19
CA ILE A 21 -21.96 10.82 -4.54
C ILE A 21 -20.89 10.31 -3.59
N SER A 22 -21.25 9.33 -2.82
CA SER A 22 -20.29 8.76 -1.84
C SER A 22 -19.32 7.75 -2.48
N CYS A 23 -18.20 7.59 -1.84
CA CYS A 23 -17.16 6.65 -2.33
C CYS A 23 -16.26 6.20 -1.19
N ARG A 24 -16.62 5.13 -0.56
CA ARG A 24 -15.81 4.61 0.58
C ARG A 24 -14.74 3.62 0.12
N SER A 25 -13.82 3.35 1.01
CA SER A 25 -12.73 2.39 0.67
C SER A 25 -12.29 1.63 1.93
N SER A 26 -11.52 0.60 1.75
CA SER A 26 -11.06 -0.19 2.93
C SER A 26 -9.89 0.51 3.62
N GLN A 27 -8.76 0.52 2.95
CA GLN A 27 -7.56 1.17 3.54
C GLN A 27 -7.46 2.63 3.09
N SER A 28 -6.81 3.43 3.88
CA SER A 28 -6.67 4.87 3.53
C SER A 28 -5.85 5.01 2.25
N LEU A 29 -6.34 5.80 1.33
CA LEU A 29 -5.60 5.98 0.05
C LEU A 29 -4.54 7.08 0.18
N VAL A 30 -3.98 7.17 1.35
CA VAL A 30 -2.93 8.20 1.58
C VAL A 30 -1.55 7.61 1.31
N HIS A 31 -0.78 8.27 0.47
CA HIS A 31 0.58 7.76 0.16
C HIS A 31 1.55 8.08 1.29
N SER A 32 2.59 8.81 0.98
CA SER A 32 3.57 9.16 2.04
C SER A 32 3.01 10.28 2.93
N ASN A 33 2.02 9.93 3.70
CA ASN A 33 1.38 10.92 4.63
C ASN A 33 1.32 12.34 4.03
N GLY A 34 0.76 12.45 2.85
CA GLY A 34 0.68 13.79 2.22
C GLY A 34 -0.03 13.77 0.87
N ASN A 35 0.46 12.95 -0.03
CA ASN A 35 -0.19 12.87 -1.38
C ASN A 35 -1.41 11.94 -1.39
N THR A 36 -2.53 12.48 -1.78
CA THR A 36 -3.78 11.67 -1.84
C THR A 36 -4.14 11.41 -3.30
N TYR A 37 -3.79 10.24 -3.77
CA TYR A 37 -4.09 9.89 -5.19
C TYR A 37 -5.51 9.37 -5.39
N LEU A 38 -6.46 10.27 -5.38
CA LEU A 38 -7.88 9.85 -5.56
C LEU A 38 -8.53 10.78 -6.59
N ASN A 39 -9.10 10.20 -7.62
CA ASN A 39 -9.76 11.03 -8.65
C ASN A 39 -11.22 10.60 -8.90
N TRP A 40 -11.97 11.49 -9.49
CA TRP A 40 -13.40 11.18 -9.76
C TRP A 40 -13.61 10.97 -11.26
N TYR A 41 -14.81 10.59 -11.63
CA TYR A 41 -15.10 10.37 -13.07
C TYR A 41 -16.57 10.66 -13.40
N LEU A 42 -16.83 10.84 -14.66
CA LEU A 42 -18.20 11.13 -15.14
C LEU A 42 -18.27 10.81 -16.64
N GLN A 43 -19.00 9.78 -16.98
CA GLN A 43 -19.10 9.41 -18.42
C GLN A 43 -20.52 9.61 -18.96
N LYS A 44 -20.61 9.69 -20.27
CA LYS A 44 -21.94 9.88 -20.90
C LYS A 44 -22.17 8.84 -21.99
N ALA A 45 -23.22 9.03 -22.76
CA ALA A 45 -23.51 8.06 -23.85
C ALA A 45 -22.67 8.34 -25.10
N GLY A 46 -21.92 7.35 -25.50
CA GLY A 46 -21.05 7.52 -26.71
C GLY A 46 -20.15 8.74 -26.57
N GLN A 47 -19.70 8.99 -25.36
CA GLN A 47 -18.82 10.15 -25.13
C GLN A 47 -17.53 9.73 -24.43
N SER A 48 -16.49 10.51 -24.63
CA SER A 48 -15.19 10.17 -23.98
C SER A 48 -15.25 10.46 -22.48
N PRO A 49 -14.47 9.72 -21.73
CA PRO A 49 -14.41 9.88 -20.27
C PRO A 49 -13.96 11.29 -19.86
N LYS A 50 -14.74 11.92 -19.01
CA LYS A 50 -14.39 13.29 -18.55
C LYS A 50 -13.92 13.27 -17.09
N LEU A 51 -12.90 14.06 -16.81
CA LEU A 51 -12.36 14.11 -15.41
C LEU A 51 -12.78 15.42 -14.72
N LEU A 52 -13.23 15.29 -13.49
CA LEU A 52 -13.66 16.51 -12.74
C LEU A 52 -12.66 16.83 -11.62
N ILE A 53 -12.36 15.85 -10.83
CA ILE A 53 -11.39 16.06 -9.71
C ILE A 53 -10.29 15.00 -9.78
N TYR A 54 -9.07 15.42 -9.62
CA TYR A 54 -7.96 14.43 -9.68
C TYR A 54 -7.28 14.27 -8.32
N LYS A 55 -7.43 15.27 -7.48
CA LYS A 55 -6.80 15.19 -6.13
C LYS A 55 -7.79 15.66 -5.07
N VAL A 56 -8.30 14.71 -4.33
CA VAL A 56 -9.28 14.99 -3.23
C VAL A 56 -10.15 16.24 -3.51
N SER A 57 -9.67 17.40 -3.17
CA SER A 57 -10.47 18.64 -3.42
C SER A 57 -9.79 19.55 -4.44
N ASN A 58 -9.37 18.96 -5.54
CA ASN A 58 -8.69 19.76 -6.59
C ASN A 58 -9.39 19.57 -7.95
N ARG A 59 -10.07 20.58 -8.38
CA ARG A 59 -10.79 20.52 -9.69
C ARG A 59 -9.81 20.59 -10.86
N PHE A 60 -10.11 19.87 -11.91
CA PHE A 60 -9.23 19.88 -13.10
C PHE A 60 -9.38 21.21 -13.84
N SER A 61 -8.36 21.59 -14.58
CA SER A 61 -8.43 22.87 -15.33
C SER A 61 -9.60 22.88 -16.32
N GLY A 62 -10.69 23.49 -15.91
CA GLY A 62 -11.88 23.55 -16.80
C GLY A 62 -13.15 23.14 -16.04
N VAL A 63 -12.96 22.48 -14.94
CA VAL A 63 -14.12 22.03 -14.13
C VAL A 63 -14.78 23.21 -13.40
N PRO A 64 -16.05 23.44 -13.69
CA PRO A 64 -16.82 24.54 -13.07
C PRO A 64 -16.93 24.38 -11.55
N ASP A 65 -17.02 25.50 -10.89
CA ASP A 65 -17.14 25.49 -9.39
C ASP A 65 -18.32 24.64 -8.93
N ARG A 66 -19.24 24.40 -9.82
CA ARG A 66 -20.44 23.58 -9.46
C ARG A 66 -20.03 22.21 -8.93
N PHE A 67 -18.79 21.85 -9.13
CA PHE A 67 -18.30 20.53 -8.65
C PHE A 67 -17.24 20.67 -7.56
N SER A 68 -17.45 20.00 -6.46
CA SER A 68 -16.47 20.06 -5.33
C SER A 68 -16.32 18.68 -4.69
N GLY A 69 -15.11 18.22 -4.61
CA GLY A 69 -14.88 16.88 -4.01
C GLY A 69 -14.10 17.00 -2.69
N SER A 70 -14.36 16.09 -1.80
CA SER A 70 -13.66 16.10 -0.49
C SER A 70 -13.65 14.70 0.12
N GLY A 71 -12.76 14.46 1.04
CA GLY A 71 -12.71 13.13 1.68
C GLY A 71 -11.52 13.03 2.63
N SER A 72 -11.59 12.09 3.53
CA SER A 72 -10.47 11.92 4.50
C SER A 72 -9.43 10.94 3.97
N GLY A 73 -9.51 9.71 4.44
CA GLY A 73 -8.53 8.69 3.98
C GLY A 73 -9.27 7.48 3.40
N THR A 74 -10.39 7.14 4.01
CA THR A 74 -11.16 5.97 3.52
C THR A 74 -12.59 6.37 3.15
N ASP A 75 -12.81 7.64 2.96
CA ASP A 75 -14.18 8.11 2.59
C ASP A 75 -14.11 9.41 1.79
N PHE A 76 -14.72 9.38 0.63
CA PHE A 76 -14.72 10.59 -0.24
C PHE A 76 -16.10 10.76 -0.89
N THR A 77 -16.42 11.97 -1.27
CA THR A 77 -17.75 12.21 -1.90
C THR A 77 -17.73 13.38 -2.88
N LEU A 78 -18.56 13.28 -3.89
CA LEU A 78 -18.64 14.33 -4.93
C LEU A 78 -19.88 15.21 -4.65
N LYS A 79 -19.65 16.41 -4.22
CA LYS A 79 -20.80 17.31 -3.93
C LYS A 79 -21.05 18.30 -5.07
N ILE A 80 -22.25 18.27 -5.58
CA ILE A 80 -22.60 19.20 -6.68
C ILE A 80 -23.54 20.27 -6.17
N SER A 81 -23.24 21.49 -6.50
CA SER A 81 -24.10 22.59 -6.02
C SER A 81 -25.50 22.49 -6.62
N ARG A 82 -25.57 22.56 -7.92
CA ARG A 82 -26.90 22.48 -8.59
C ARG A 82 -26.84 21.56 -9.80
N VAL A 83 -27.46 20.42 -9.68
CA VAL A 83 -27.44 19.46 -10.81
C VAL A 83 -28.12 20.05 -12.04
N GLU A 84 -27.33 20.34 -13.05
CA GLU A 84 -27.90 20.91 -14.30
C GLU A 84 -28.18 19.81 -15.32
N ALA A 85 -28.59 20.19 -16.50
CA ALA A 85 -28.88 19.17 -17.54
C ALA A 85 -27.61 18.45 -18.01
N GLU A 86 -26.48 19.08 -17.87
CA GLU A 86 -25.21 18.43 -18.31
C GLU A 86 -24.60 17.57 -17.19
N ASP A 87 -24.78 17.98 -15.97
CA ASP A 87 -24.21 17.18 -14.84
C ASP A 87 -24.85 15.79 -14.77
N LEU A 88 -25.92 15.60 -15.49
CA LEU A 88 -26.60 14.28 -15.46
C LEU A 88 -25.75 13.22 -16.17
N GLY A 89 -25.84 12.00 -15.70
CA GLY A 89 -25.04 10.91 -16.33
C GLY A 89 -24.61 9.89 -15.28
N ILE A 90 -23.62 9.11 -15.60
CA ILE A 90 -23.12 8.09 -14.64
C ILE A 90 -21.79 8.51 -14.03
N TYR A 91 -21.78 8.70 -12.74
CA TYR A 91 -20.52 9.12 -12.08
C TYR A 91 -19.70 7.93 -11.61
N PHE A 92 -18.41 8.13 -11.51
CA PHE A 92 -17.52 7.04 -11.05
C PHE A 92 -16.35 7.59 -10.25
N CYS A 93 -15.63 6.72 -9.61
CA CYS A 93 -14.47 7.18 -8.79
C CYS A 93 -13.49 6.04 -8.56
N SER A 94 -12.23 6.37 -8.41
CA SER A 94 -11.22 5.30 -8.19
C SER A 94 -10.01 5.83 -7.39
N GLN A 95 -9.03 4.98 -7.23
CA GLN A 95 -7.81 5.38 -6.48
C GLN A 95 -6.56 4.92 -7.22
N THR A 96 -5.58 5.77 -7.30
CA THR A 96 -4.32 5.39 -8.00
C THR A 96 -3.17 5.23 -7.01
N THR A 97 -3.47 4.60 -5.91
CA THR A 97 -2.43 4.38 -4.87
C THR A 97 -1.90 2.95 -4.94
N HIS A 98 -2.81 2.03 -5.20
CA HIS A 98 -2.40 0.61 -5.29
C HIS A 98 -2.48 0.12 -6.74
N VAL A 99 -1.74 -0.90 -7.05
CA VAL A 99 -1.76 -1.43 -8.44
C VAL A 99 -2.05 -2.94 -8.44
N PRO A 100 -2.94 -3.36 -9.32
CA PRO A 100 -3.66 -2.47 -10.25
C PRO A 100 -4.71 -1.61 -9.53
N PRO A 101 -5.16 -0.57 -10.19
CA PRO A 101 -6.17 0.34 -9.63
C PRO A 101 -7.51 -0.37 -9.42
N THR A 102 -8.35 0.22 -8.61
CA THR A 102 -9.69 -0.40 -8.35
C THR A 102 -10.72 0.04 -9.39
N PHE A 103 -11.45 1.09 -9.08
CA PHE A 103 -12.49 1.62 -10.02
C PHE A 103 -13.59 0.57 -10.27
N GLY A 104 -14.79 0.88 -9.87
CA GLY A 104 -15.90 -0.11 -10.09
C GLY A 104 -17.19 0.32 -9.38
N GLY A 105 -17.64 1.51 -9.66
CA GLY A 105 -18.89 2.00 -9.01
C GLY A 105 -19.99 2.17 -10.07
N GLY A 106 -20.50 3.37 -10.20
CA GLY A 106 -21.56 3.59 -11.22
C GLY A 106 -22.80 4.26 -10.61
N THR A 107 -22.65 5.49 -10.22
CA THR A 107 -23.81 6.20 -9.62
C THR A 107 -24.65 6.82 -10.73
N LYS A 108 -25.78 6.24 -10.99
CA LYS A 108 -26.65 6.77 -12.06
C LYS A 108 -27.38 8.03 -11.60
N LEU A 109 -27.06 9.12 -12.25
CA LEU A 109 -27.70 10.42 -11.89
C LEU A 109 -28.64 10.88 -13.02
N GLU A 110 -29.89 10.53 -12.88
CA GLU A 110 -30.89 10.93 -13.91
C GLU A 110 -32.01 11.75 -13.28
N ILE A 111 -32.49 12.71 -14.02
CA ILE A 111 -33.59 13.57 -13.48
C ILE A 111 -34.85 12.75 -13.21
N LYS A 112 -35.65 13.21 -12.28
CA LYS A 112 -36.90 12.48 -11.94
C LYS A 112 -37.84 12.47 -13.14
N ARG A 113 -38.23 11.29 -13.56
CA ARG A 113 -39.15 11.18 -14.72
C ARG A 113 -40.58 10.93 -14.26
N ASP A 1 -8.30 -5.60 -6.60
CA ASP A 1 -7.49 -4.95 -5.53
C ASP A 1 -8.40 -4.20 -4.59
N VAL A 2 -7.84 -3.79 -3.48
CA VAL A 2 -8.67 -3.04 -2.51
C VAL A 2 -8.97 -1.64 -3.04
N VAL A 3 -10.23 -1.37 -3.26
CA VAL A 3 -10.61 -0.03 -3.79
C VAL A 3 -10.36 1.06 -2.74
N MET A 4 -10.09 2.24 -3.21
CA MET A 4 -9.83 3.38 -2.28
C MET A 4 -10.43 4.67 -2.85
N THR A 5 -11.32 5.26 -2.12
CA THR A 5 -11.96 6.53 -2.59
C THR A 5 -11.68 7.68 -1.63
N GLN A 6 -11.50 8.86 -2.17
CA GLN A 6 -11.22 10.05 -1.30
C GLN A 6 -12.31 11.12 -1.44
N THR A 7 -12.55 11.82 -0.36
CA THR A 7 -13.57 12.89 -0.36
C THR A 7 -13.35 13.84 0.81
N PRO A 8 -13.80 15.07 0.67
CA PRO A 8 -14.50 15.55 -0.54
C PRO A 8 -13.49 15.88 -1.65
N LEU A 9 -14.01 16.29 -2.77
CA LEU A 9 -13.12 16.63 -3.90
C LEU A 9 -12.47 18.00 -3.67
N SER A 10 -13.28 18.94 -3.25
CA SER A 10 -12.76 20.31 -2.97
C SER A 10 -13.18 20.77 -1.58
N LEU A 11 -12.40 21.63 -0.99
CA LEU A 11 -12.75 22.11 0.38
C LEU A 11 -12.41 23.60 0.56
N PRO A 12 -13.26 24.45 0.04
CA PRO A 12 -13.05 25.91 0.16
C PRO A 12 -13.18 26.34 1.62
N VAL A 13 -12.19 27.02 2.12
CA VAL A 13 -12.27 27.47 3.54
C VAL A 13 -11.58 28.81 3.77
N SER A 14 -11.54 29.19 5.02
CA SER A 14 -10.90 30.48 5.41
C SER A 14 -9.67 30.19 6.26
N LEU A 15 -8.87 31.20 6.47
CA LEU A 15 -7.64 31.00 7.29
C LEU A 15 -7.97 31.13 8.78
N GLY A 16 -8.32 30.01 9.36
CA GLY A 16 -8.66 30.00 10.81
C GLY A 16 -9.89 29.13 11.04
N ASP A 17 -9.86 27.94 10.49
CA ASP A 17 -11.02 27.01 10.66
C ASP A 17 -10.56 25.56 10.78
N GLN A 18 -11.50 24.69 11.01
CA GLN A 18 -11.14 23.25 11.14
C GLN A 18 -11.37 22.50 9.82
N ALA A 19 -10.55 21.50 9.58
CA ALA A 19 -10.70 20.72 8.32
C ALA A 19 -10.85 19.23 8.61
N SER A 20 -11.35 18.49 7.66
CA SER A 20 -11.54 17.03 7.88
C SER A 20 -11.68 16.28 6.55
N ILE A 21 -10.59 15.73 6.08
CA ILE A 21 -10.64 14.98 4.79
C ILE A 21 -11.05 13.53 5.06
N SER A 22 -11.89 13.01 4.20
CA SER A 22 -12.34 11.60 4.38
C SER A 22 -11.72 10.63 3.37
N CYS A 23 -11.49 9.43 3.82
CA CYS A 23 -10.89 8.38 2.94
C CYS A 23 -11.32 7.00 3.45
N ARG A 24 -12.03 6.26 2.64
CA ARG A 24 -12.48 4.91 3.08
C ARG A 24 -12.02 3.81 2.13
N SER A 25 -11.95 2.61 2.65
CA SER A 25 -11.51 1.44 1.83
C SER A 25 -12.58 0.36 1.83
N SER A 26 -12.70 -0.34 0.73
CA SER A 26 -13.73 -1.42 0.65
C SER A 26 -13.52 -2.46 1.75
N GLN A 27 -12.30 -2.92 1.87
CA GLN A 27 -11.99 -3.94 2.91
C GLN A 27 -11.10 -3.34 3.99
N SER A 28 -11.15 -3.93 5.16
CA SER A 28 -10.30 -3.42 6.29
C SER A 28 -8.82 -3.59 5.97
N LEU A 29 -8.03 -2.65 6.41
CA LEU A 29 -6.56 -2.74 6.15
C LEU A 29 -5.81 -3.32 7.36
N VAL A 30 -6.49 -4.17 8.09
CA VAL A 30 -5.83 -4.78 9.28
C VAL A 30 -5.12 -6.08 8.90
N HIS A 31 -3.98 -6.30 9.48
CA HIS A 31 -3.21 -7.53 9.17
C HIS A 31 -3.71 -8.72 10.00
N SER A 32 -2.82 -9.36 10.72
CA SER A 32 -3.23 -10.52 11.55
C SER A 32 -4.39 -10.17 12.49
N ASN A 33 -4.11 -9.36 13.47
CA ASN A 33 -5.19 -8.96 14.42
C ASN A 33 -4.77 -7.83 15.34
N GLY A 34 -3.76 -7.09 14.94
CA GLY A 34 -3.30 -5.97 15.82
C GLY A 34 -2.24 -5.10 15.10
N ASN A 35 -2.16 -5.25 13.81
CA ASN A 35 -1.16 -4.45 13.04
C ASN A 35 -1.81 -3.83 11.80
N THR A 36 -1.93 -2.53 11.82
CA THR A 36 -2.54 -1.83 10.65
C THR A 36 -1.51 -0.92 9.97
N TYR A 37 -1.67 -0.73 8.69
CA TYR A 37 -0.69 0.13 7.95
C TYR A 37 -1.39 1.16 7.06
N LEU A 38 -1.44 2.38 7.53
CA LEU A 38 -2.09 3.47 6.75
C LEU A 38 -1.43 4.81 7.08
N ASN A 39 -1.04 5.53 6.07
CA ASN A 39 -0.39 6.85 6.31
C ASN A 39 -1.01 7.96 5.45
N TRP A 40 -0.79 9.18 5.87
CA TRP A 40 -1.35 10.34 5.13
C TRP A 40 -0.23 11.17 4.50
N TYR A 41 -0.54 11.82 3.41
CA TYR A 41 0.47 12.65 2.72
C TYR A 41 -0.04 14.06 2.44
N LEU A 42 0.88 14.92 2.10
CA LEU A 42 0.53 16.34 1.79
C LEU A 42 1.59 16.89 0.85
N GLN A 43 1.16 17.44 -0.25
CA GLN A 43 2.15 18.00 -1.22
C GLN A 43 1.87 19.47 -1.54
N LYS A 44 2.84 20.11 -2.15
CA LYS A 44 2.68 21.55 -2.51
C LYS A 44 2.67 21.72 -4.03
N ALA A 45 3.19 22.81 -4.50
CA ALA A 45 3.21 23.04 -5.97
C ALA A 45 4.23 22.13 -6.67
N GLY A 46 5.48 22.49 -6.56
CA GLY A 46 6.55 21.66 -7.20
C GLY A 46 7.64 21.33 -6.18
N GLN A 47 7.22 20.86 -5.03
CA GLN A 47 8.19 20.50 -3.97
C GLN A 47 8.11 19.02 -3.63
N SER A 48 8.84 18.61 -2.62
CA SER A 48 8.82 17.18 -2.22
C SER A 48 7.66 16.90 -1.26
N PRO A 49 7.13 15.70 -1.34
CA PRO A 49 6.01 15.28 -0.48
C PRO A 49 6.42 15.26 1.00
N LYS A 50 5.45 15.47 1.86
CA LYS A 50 5.75 15.47 3.32
C LYS A 50 4.84 14.49 4.06
N LEU A 51 5.41 13.75 4.97
CA LEU A 51 4.62 12.76 5.75
C LEU A 51 4.09 13.39 7.05
N LEU A 52 2.84 13.14 7.33
CA LEU A 52 2.24 13.71 8.57
C LEU A 52 1.90 12.60 9.56
N ILE A 53 0.97 11.77 9.17
CA ILE A 53 0.55 10.66 10.05
C ILE A 53 0.87 9.31 9.42
N TYR A 54 1.33 8.38 10.22
CA TYR A 54 1.67 7.04 9.67
C TYR A 54 1.03 5.95 10.53
N LYS A 55 0.87 4.78 9.94
CA LYS A 55 0.24 3.66 10.69
C LYS A 55 -1.27 3.88 10.80
N VAL A 56 -1.65 4.89 11.54
CA VAL A 56 -3.11 5.18 11.71
C VAL A 56 -3.33 6.51 12.43
N SER A 57 -2.45 6.86 13.32
CA SER A 57 -2.62 8.14 14.06
C SER A 57 -1.29 8.74 14.53
N ASN A 58 -0.33 7.89 14.78
CA ASN A 58 0.99 8.40 15.25
C ASN A 58 1.51 9.49 14.31
N ARG A 59 1.88 10.61 14.88
CA ARG A 59 2.40 11.73 14.06
C ARG A 59 3.91 11.63 13.89
N PHE A 60 4.38 11.92 12.70
CA PHE A 60 5.85 11.84 12.46
C PHE A 60 6.59 12.87 13.32
N SER A 61 7.82 12.55 13.66
CA SER A 61 8.61 13.49 14.50
C SER A 61 8.77 14.84 13.82
N GLY A 62 8.02 15.81 14.29
CA GLY A 62 8.10 17.18 13.68
C GLY A 62 6.70 17.67 13.31
N VAL A 63 5.75 16.77 13.33
CA VAL A 63 4.35 17.16 12.98
C VAL A 63 3.66 17.82 14.18
N PRO A 64 3.26 19.06 14.01
CA PRO A 64 2.57 19.81 15.09
C PRO A 64 1.27 19.13 15.51
N ASP A 65 0.90 19.31 16.76
CA ASP A 65 -0.35 18.69 17.27
C ASP A 65 -1.57 19.15 16.47
N ARG A 66 -1.39 20.20 15.71
CA ARG A 66 -2.51 20.72 14.89
C ARG A 66 -3.07 19.65 13.94
N PHE A 67 -2.30 18.62 13.70
CA PHE A 67 -2.78 17.53 12.79
C PHE A 67 -3.13 16.28 13.58
N SER A 68 -4.32 15.78 13.35
CA SER A 68 -4.75 14.55 14.06
C SER A 68 -5.53 13.63 13.13
N GLY A 69 -5.09 12.40 13.02
CA GLY A 69 -5.79 11.44 12.13
C GLY A 69 -6.02 10.11 12.83
N SER A 70 -7.14 9.50 12.52
CA SER A 70 -7.47 8.19 13.14
C SER A 70 -8.51 7.45 12.31
N GLY A 71 -8.93 6.31 12.79
CA GLY A 71 -9.95 5.54 12.02
C GLY A 71 -10.13 4.12 12.59
N SER A 72 -11.15 3.46 12.11
CA SER A 72 -11.42 2.08 12.60
C SER A 72 -10.71 1.03 11.72
N GLY A 73 -11.32 0.69 10.61
CA GLY A 73 -10.70 -0.32 9.70
C GLY A 73 -10.89 0.07 8.23
N THR A 74 -12.03 0.61 7.92
CA THR A 74 -12.28 1.01 6.50
C THR A 74 -12.69 2.48 6.41
N ASP A 75 -12.47 3.18 7.49
CA ASP A 75 -12.84 4.62 7.52
C ASP A 75 -11.77 5.45 8.22
N PHE A 76 -11.16 6.34 7.49
CA PHE A 76 -10.10 7.19 8.10
C PHE A 76 -10.33 8.67 7.74
N THR A 77 -10.01 9.54 8.67
CA THR A 77 -10.20 11.00 8.40
C THR A 77 -9.05 11.83 8.98
N LEU A 78 -8.64 12.82 8.23
CA LEU A 78 -7.54 13.72 8.68
C LEU A 78 -8.13 15.06 9.09
N LYS A 79 -8.09 15.35 10.35
CA LYS A 79 -8.65 16.65 10.83
C LYS A 79 -7.56 17.65 11.23
N ILE A 80 -7.87 18.90 11.02
CA ILE A 80 -6.90 19.98 11.37
C ILE A 80 -7.56 20.97 12.30
N SER A 81 -6.87 21.34 13.33
CA SER A 81 -7.46 22.30 14.29
C SER A 81 -7.65 23.69 13.67
N ARG A 82 -6.59 24.25 13.15
CA ARG A 82 -6.70 25.59 12.52
C ARG A 82 -5.94 25.63 11.20
N VAL A 83 -6.68 25.73 10.13
CA VAL A 83 -6.04 25.78 8.79
C VAL A 83 -5.33 27.12 8.57
N GLU A 84 -4.09 27.04 8.15
CA GLU A 84 -3.30 28.28 7.90
C GLU A 84 -3.04 28.43 6.40
N ALA A 85 -2.23 29.39 6.03
CA ALA A 85 -1.93 29.58 4.58
C ALA A 85 -0.99 28.49 4.07
N GLU A 86 -0.15 27.99 4.94
CA GLU A 86 0.80 26.93 4.52
C GLU A 86 0.07 25.60 4.27
N ASP A 87 -0.84 25.27 5.16
CA ASP A 87 -1.60 24.01 5.02
C ASP A 87 -2.16 23.84 3.60
N LEU A 88 -2.57 24.95 3.02
CA LEU A 88 -3.13 24.89 1.63
C LEU A 88 -2.28 24.01 0.73
N GLY A 89 -2.94 23.20 -0.05
CA GLY A 89 -2.21 22.29 -0.98
C GLY A 89 -3.08 21.08 -1.36
N ILE A 90 -2.46 19.95 -1.52
CA ILE A 90 -3.22 18.72 -1.89
C ILE A 90 -2.97 17.59 -0.90
N TYR A 91 -4.01 16.85 -0.58
CA TYR A 91 -3.85 15.72 0.39
C TYR A 91 -4.18 14.37 -0.26
N PHE A 92 -3.55 13.34 0.24
CA PHE A 92 -3.79 11.97 -0.31
C PHE A 92 -3.69 10.91 0.79
N CYS A 93 -4.20 9.74 0.49
CA CYS A 93 -4.15 8.64 1.49
C CYS A 93 -3.76 7.34 0.79
N SER A 94 -2.88 6.58 1.39
CA SER A 94 -2.47 5.30 0.74
C SER A 94 -2.32 4.17 1.76
N GLN A 95 -2.47 2.96 1.28
CA GLN A 95 -2.35 1.78 2.17
C GLN A 95 -1.22 0.85 1.71
N THR A 96 -0.65 0.13 2.65
CA THR A 96 0.45 -0.81 2.30
C THR A 96 0.15 -2.20 2.86
N THR A 97 -1.11 -2.51 2.96
CA THR A 97 -1.52 -3.84 3.50
C THR A 97 -1.50 -4.91 2.40
N HIS A 98 -2.26 -4.67 1.36
CA HIS A 98 -2.31 -5.66 0.24
C HIS A 98 -1.54 -5.16 -0.98
N VAL A 99 -1.18 -6.10 -1.82
CA VAL A 99 -0.42 -5.74 -3.05
C VAL A 99 -1.30 -5.92 -4.29
N PRO A 100 -1.18 -5.01 -5.23
CA PRO A 100 -0.27 -3.84 -5.15
C PRO A 100 -0.85 -2.76 -4.24
N PRO A 101 0.00 -1.84 -3.84
CA PRO A 101 -0.39 -0.73 -2.97
C PRO A 101 -1.32 0.23 -3.71
N THR A 102 -2.52 0.38 -3.21
CA THR A 102 -3.48 1.30 -3.89
C THR A 102 -3.35 2.73 -3.34
N PHE A 103 -3.34 3.68 -4.23
CA PHE A 103 -3.21 5.09 -3.79
C PHE A 103 -4.59 5.69 -3.43
N GLY A 104 -4.58 6.93 -3.04
CA GLY A 104 -5.87 7.60 -2.67
C GLY A 104 -6.46 8.33 -3.88
N GLY A 105 -7.55 9.02 -3.64
CA GLY A 105 -8.21 9.76 -4.75
C GLY A 105 -7.54 11.12 -4.98
N GLY A 106 -7.72 12.02 -4.04
CA GLY A 106 -7.09 13.37 -4.18
C GLY A 106 -8.08 14.47 -3.79
N THR A 107 -7.76 15.16 -2.72
CA THR A 107 -8.66 16.26 -2.26
C THR A 107 -7.94 17.60 -2.37
N LYS A 108 -8.56 18.53 -3.06
CA LYS A 108 -7.93 19.87 -3.22
C LYS A 108 -8.38 20.84 -2.12
N LEU A 109 -7.42 21.45 -1.47
CA LEU A 109 -7.75 22.42 -0.38
C LEU A 109 -7.22 23.81 -0.73
N GLU A 110 -8.06 24.58 -1.37
CA GLU A 110 -7.63 25.96 -1.75
C GLU A 110 -8.41 27.00 -0.95
N ILE A 111 -7.74 28.07 -0.61
CA ILE A 111 -8.40 29.15 0.17
C ILE A 111 -9.49 29.83 -0.66
N LYS A 112 -10.51 30.32 0.01
CA LYS A 112 -11.61 31.00 -0.71
C LYS A 112 -11.10 32.25 -1.44
N ARG A 113 -11.28 32.27 -2.73
CA ARG A 113 -10.82 33.45 -3.52
C ARG A 113 -11.97 34.42 -3.75
N ASP A 1 -7.67 -6.14 -0.92
CA ASP A 1 -6.85 -6.12 -2.17
C ASP A 1 -5.78 -7.19 -2.10
N VAL A 2 -5.24 -7.50 -3.25
CA VAL A 2 -4.18 -8.54 -3.29
C VAL A 2 -2.87 -7.99 -2.72
N VAL A 3 -2.53 -8.42 -1.54
CA VAL A 3 -1.27 -7.94 -0.91
C VAL A 3 -0.03 -8.51 -1.64
N MET A 4 1.10 -7.90 -1.37
CA MET A 4 2.35 -8.36 -2.03
C MET A 4 3.55 -8.25 -1.07
N THR A 5 4.05 -9.38 -0.65
CA THR A 5 5.22 -9.37 0.29
C THR A 5 6.50 -9.06 -0.48
N GLN A 6 7.06 -7.91 -0.25
CA GLN A 6 8.32 -7.53 -0.97
C GLN A 6 9.56 -7.80 -0.11
N THR A 7 10.51 -8.46 -0.71
CA THR A 7 11.77 -8.76 0.02
C THR A 7 12.86 -9.19 -0.96
N PRO A 8 14.10 -9.03 -0.55
CA PRO A 8 14.46 -8.45 0.75
C PRO A 8 14.45 -6.93 0.68
N LEU A 9 14.66 -6.29 1.81
CA LEU A 9 14.67 -4.81 1.83
C LEU A 9 16.05 -4.30 1.41
N SER A 10 17.06 -5.00 1.87
CA SER A 10 18.46 -4.60 1.52
C SER A 10 19.22 -5.82 1.00
N LEU A 11 20.07 -5.61 0.04
CA LEU A 11 20.83 -6.77 -0.51
C LEU A 11 22.31 -6.44 -0.75
N PRO A 12 23.09 -6.50 0.31
CA PRO A 12 24.53 -6.21 0.23
C PRO A 12 25.23 -7.33 -0.54
N VAL A 13 25.89 -6.98 -1.61
CA VAL A 13 26.60 -8.03 -2.39
C VAL A 13 27.93 -7.53 -2.96
N SER A 14 28.56 -8.40 -3.69
CA SER A 14 29.87 -8.06 -4.31
C SER A 14 29.70 -7.89 -5.82
N LEU A 15 30.73 -7.45 -6.47
CA LEU A 15 30.63 -7.26 -7.94
C LEU A 15 31.02 -8.55 -8.67
N GLY A 16 30.05 -9.38 -8.89
CA GLY A 16 30.30 -10.68 -9.60
C GLY A 16 29.55 -11.82 -8.90
N ASP A 17 28.46 -11.50 -8.28
CA ASP A 17 27.66 -12.55 -7.57
C ASP A 17 26.25 -12.64 -8.16
N GLN A 18 25.49 -13.60 -7.69
CA GLN A 18 24.11 -13.76 -8.21
C GLN A 18 23.09 -13.08 -7.30
N ALA A 19 22.09 -12.48 -7.89
CA ALA A 19 21.05 -11.79 -7.07
C ALA A 19 19.73 -12.56 -7.10
N SER A 20 18.84 -12.19 -6.23
CA SER A 20 17.52 -12.90 -6.19
C SER A 20 16.48 -12.07 -5.44
N ILE A 21 15.93 -11.10 -6.10
CA ILE A 21 14.91 -10.24 -5.45
C ILE A 21 13.60 -11.02 -5.35
N SER A 22 12.99 -10.98 -4.20
CA SER A 22 11.70 -11.73 -4.04
C SER A 22 10.47 -10.81 -4.02
N CYS A 23 9.36 -11.40 -4.39
CA CYS A 23 8.07 -10.66 -4.42
C CYS A 23 6.93 -11.69 -4.42
N ARG A 24 6.48 -12.06 -3.25
CA ARG A 24 5.37 -13.06 -3.16
C ARG A 24 4.01 -12.36 -3.05
N SER A 25 3.02 -12.98 -3.59
CA SER A 25 1.65 -12.41 -3.54
C SER A 25 0.74 -13.25 -2.65
N SER A 26 -0.37 -12.68 -2.25
CA SER A 26 -1.32 -13.45 -1.38
C SER A 26 -2.12 -14.44 -2.21
N GLN A 27 -2.66 -13.97 -3.31
CA GLN A 27 -3.46 -14.86 -4.18
C GLN A 27 -2.85 -14.93 -5.58
N SER A 28 -3.05 -16.04 -6.24
CA SER A 28 -2.48 -16.21 -7.61
C SER A 28 -2.94 -15.07 -8.52
N LEU A 29 -2.01 -14.49 -9.23
CA LEU A 29 -2.38 -13.37 -10.14
C LEU A 29 -2.84 -13.89 -11.50
N VAL A 30 -3.46 -15.05 -11.49
CA VAL A 30 -3.93 -15.63 -12.77
C VAL A 30 -5.34 -15.13 -13.09
N HIS A 31 -5.60 -14.91 -14.35
CA HIS A 31 -6.95 -14.42 -14.75
C HIS A 31 -7.91 -15.57 -15.03
N SER A 32 -8.58 -15.53 -16.16
CA SER A 32 -9.54 -16.61 -16.50
C SER A 32 -8.86 -17.98 -16.50
N ASN A 33 -7.87 -18.14 -17.34
CA ASN A 33 -7.15 -19.44 -17.40
C ASN A 33 -5.69 -19.30 -16.95
N GLY A 34 -4.81 -18.95 -17.86
CA GLY A 34 -3.38 -18.79 -17.48
C GLY A 34 -2.90 -17.37 -17.76
N ASN A 35 -3.84 -16.47 -17.93
CA ASN A 35 -3.44 -15.07 -18.20
C ASN A 35 -2.97 -14.37 -16.93
N THR A 36 -1.68 -14.41 -16.72
CA THR A 36 -1.11 -13.77 -15.50
C THR A 36 -0.34 -12.50 -15.89
N TYR A 37 -0.37 -11.51 -15.04
CA TYR A 37 0.35 -10.25 -15.36
C TYR A 37 1.26 -9.79 -14.22
N LEU A 38 2.51 -9.61 -14.54
CA LEU A 38 3.50 -9.16 -13.54
C LEU A 38 4.61 -8.37 -14.24
N ASN A 39 5.26 -7.48 -13.52
CA ASN A 39 6.34 -6.68 -14.16
C ASN A 39 7.43 -6.28 -13.16
N TRP A 40 8.58 -5.96 -13.69
CA TRP A 40 9.71 -5.56 -12.82
C TRP A 40 10.31 -4.24 -13.31
N TYR A 41 10.79 -3.44 -12.40
CA TYR A 41 11.38 -2.14 -12.78
C TYR A 41 12.60 -1.83 -11.92
N LEU A 42 13.63 -1.32 -12.54
CA LEU A 42 14.86 -0.96 -11.79
C LEU A 42 15.15 0.53 -11.94
N GLN A 43 15.57 1.14 -10.87
CA GLN A 43 15.86 2.60 -10.94
C GLN A 43 17.28 2.91 -10.45
N LYS A 44 17.88 3.91 -11.05
CA LYS A 44 19.26 4.30 -10.66
C LYS A 44 19.26 5.69 -10.03
N ALA A 45 20.19 6.52 -10.42
CA ALA A 45 20.25 7.89 -9.85
C ALA A 45 19.22 8.81 -10.51
N GLY A 46 19.32 8.96 -11.81
CA GLY A 46 18.36 9.83 -12.54
C GLY A 46 18.22 9.39 -13.99
N GLN A 47 17.91 8.13 -14.17
CA GLN A 47 17.75 7.61 -15.56
C GLN A 47 16.30 7.67 -16.03
N SER A 48 16.10 7.53 -17.31
CA SER A 48 14.71 7.58 -17.85
C SER A 48 13.95 6.30 -17.48
N PRO A 49 12.65 6.37 -17.55
CA PRO A 49 11.78 5.21 -17.22
C PRO A 49 12.09 4.01 -18.11
N LYS A 50 12.68 3.00 -17.53
CA LYS A 50 13.02 1.78 -18.31
C LYS A 50 12.24 0.58 -17.80
N LEU A 51 12.57 -0.58 -18.30
CA LEU A 51 11.86 -1.82 -17.87
C LEU A 51 12.78 -3.03 -17.96
N LEU A 52 12.56 -3.98 -17.09
CA LEU A 52 13.41 -5.20 -17.09
C LEU A 52 12.62 -6.42 -17.56
N ILE A 53 11.87 -7.00 -16.66
CA ILE A 53 11.07 -8.20 -17.04
C ILE A 53 9.58 -7.92 -16.91
N TYR A 54 8.84 -8.33 -17.89
CA TYR A 54 7.38 -8.12 -17.86
C TYR A 54 6.70 -9.47 -17.82
N LYS A 55 5.42 -9.52 -17.61
CA LYS A 55 4.74 -10.83 -17.57
C LYS A 55 5.41 -11.67 -16.46
N VAL A 56 5.43 -12.96 -16.59
CA VAL A 56 6.07 -13.79 -15.52
C VAL A 56 7.37 -14.41 -16.00
N SER A 57 7.80 -14.08 -17.20
CA SER A 57 9.07 -14.66 -17.71
C SER A 57 9.39 -14.13 -19.13
N ASN A 58 9.64 -12.85 -19.21
CA ASN A 58 9.96 -12.26 -20.54
C ASN A 58 10.79 -10.98 -20.40
N ARG A 59 12.01 -11.05 -20.87
CA ARG A 59 12.91 -9.86 -20.79
C ARG A 59 12.52 -8.83 -21.85
N PHE A 60 12.53 -7.58 -21.47
CA PHE A 60 12.17 -6.53 -22.44
C PHE A 60 13.33 -6.27 -23.41
N SER A 61 13.04 -5.61 -24.50
CA SER A 61 14.12 -5.33 -25.49
C SER A 61 15.28 -4.58 -24.84
N GLY A 62 16.47 -5.07 -25.08
CA GLY A 62 17.67 -4.41 -24.49
C GLY A 62 18.05 -5.06 -23.15
N VAL A 63 17.10 -5.71 -22.53
CA VAL A 63 17.40 -6.37 -21.23
C VAL A 63 18.27 -7.61 -21.44
N PRO A 64 19.47 -7.58 -20.91
CA PRO A 64 20.43 -8.70 -21.03
C PRO A 64 19.89 -10.00 -20.42
N ASP A 65 20.30 -11.11 -21.00
CA ASP A 65 19.85 -12.42 -20.49
C ASP A 65 20.21 -12.59 -19.00
N ARG A 66 21.12 -11.76 -18.56
CA ARG A 66 21.56 -11.83 -17.14
C ARG A 66 20.38 -11.62 -16.18
N PHE A 67 19.28 -11.14 -16.70
CA PHE A 67 18.08 -10.92 -15.83
C PHE A 67 17.01 -11.98 -16.05
N SER A 68 16.70 -12.71 -15.00
CA SER A 68 15.65 -13.77 -15.11
C SER A 68 14.59 -13.57 -14.04
N GLY A 69 13.36 -13.45 -14.45
CA GLY A 69 12.26 -13.26 -13.46
C GLY A 69 11.13 -14.25 -13.70
N SER A 70 10.88 -15.07 -12.71
CA SER A 70 9.80 -16.08 -12.84
C SER A 70 9.41 -16.66 -11.48
N GLY A 71 8.32 -17.38 -11.45
CA GLY A 71 7.86 -17.98 -10.17
C GLY A 71 6.44 -18.53 -10.32
N SER A 72 5.76 -18.71 -9.22
CA SER A 72 4.37 -19.24 -9.28
C SER A 72 3.35 -18.11 -9.37
N GLY A 73 2.10 -18.46 -9.34
CA GLY A 73 1.03 -17.41 -9.42
C GLY A 73 1.15 -16.45 -8.22
N THR A 74 1.73 -16.93 -7.16
CA THR A 74 1.89 -16.09 -5.95
C THR A 74 3.36 -15.98 -5.56
N ASP A 75 4.22 -16.30 -6.48
CA ASP A 75 5.68 -16.22 -6.20
C ASP A 75 6.44 -15.66 -7.39
N PHE A 76 7.29 -14.70 -7.12
CA PHE A 76 8.08 -14.10 -8.23
C PHE A 76 9.45 -13.67 -7.71
N THR A 77 10.49 -14.10 -8.38
CA THR A 77 11.85 -13.71 -7.92
C THR A 77 12.73 -13.27 -9.09
N LEU A 78 13.37 -12.14 -8.93
CA LEU A 78 14.26 -11.62 -10.00
C LEU A 78 15.70 -12.08 -9.76
N LYS A 79 16.04 -13.22 -10.31
CA LYS A 79 17.41 -13.73 -10.14
C LYS A 79 18.35 -13.10 -11.16
N ILE A 80 19.55 -12.81 -10.74
CA ILE A 80 20.53 -12.19 -11.67
C ILE A 80 21.80 -13.01 -11.72
N SER A 81 22.34 -13.12 -12.90
CA SER A 81 23.59 -13.90 -13.04
C SER A 81 24.78 -13.21 -12.38
N ARG A 82 25.27 -12.17 -13.00
CA ARG A 82 26.44 -11.45 -12.42
C ARG A 82 26.09 -10.00 -12.11
N VAL A 83 25.94 -9.72 -10.85
CA VAL A 83 25.60 -8.33 -10.44
C VAL A 83 26.76 -7.37 -10.73
N GLU A 84 26.60 -6.58 -11.75
CA GLU A 84 27.68 -5.61 -12.09
C GLU A 84 27.46 -4.29 -11.36
N ALA A 85 28.44 -3.44 -11.39
CA ALA A 85 28.31 -2.13 -10.70
C ALA A 85 27.11 -1.35 -11.23
N GLU A 86 26.63 -1.76 -12.38
CA GLU A 86 25.46 -1.07 -12.99
C GLU A 86 24.16 -1.52 -12.32
N ASP A 87 24.10 -2.79 -11.97
CA ASP A 87 22.88 -3.33 -11.32
C ASP A 87 22.59 -2.58 -10.01
N LEU A 88 23.62 -2.06 -9.41
CA LEU A 88 23.45 -1.32 -8.14
C LEU A 88 22.34 -0.28 -8.24
N GLY A 89 21.53 -0.18 -7.22
CA GLY A 89 20.42 0.81 -7.24
C GLY A 89 19.21 0.29 -6.45
N ILE A 90 18.04 0.73 -6.84
CA ILE A 90 16.81 0.28 -6.14
C ILE A 90 15.90 -0.51 -7.09
N TYR A 91 15.55 -1.70 -6.69
CA TYR A 91 14.67 -2.54 -7.57
C TYR A 91 13.22 -2.49 -7.11
N PHE A 92 12.32 -2.77 -8.03
CA PHE A 92 10.86 -2.75 -7.68
C PHE A 92 10.10 -3.78 -8.53
N CYS A 93 8.92 -4.14 -8.07
CA CYS A 93 8.11 -5.14 -8.82
C CYS A 93 6.63 -4.78 -8.69
N SER A 94 5.85 -5.14 -9.69
CA SER A 94 4.39 -4.82 -9.62
C SER A 94 3.54 -5.83 -10.37
N GLN A 95 2.25 -5.75 -10.17
CA GLN A 95 1.32 -6.68 -10.84
C GLN A 95 0.27 -5.92 -11.65
N THR A 96 -0.50 -6.63 -12.43
CA THR A 96 -1.55 -5.95 -13.24
C THR A 96 -2.80 -6.83 -13.36
N THR A 97 -2.93 -7.76 -12.45
CA THR A 97 -4.12 -8.66 -12.49
C THR A 97 -5.26 -8.08 -11.66
N HIS A 98 -4.94 -7.16 -10.79
CA HIS A 98 -6.00 -6.54 -9.95
C HIS A 98 -5.95 -5.02 -10.02
N VAL A 99 -7.07 -4.43 -10.34
CA VAL A 99 -7.13 -2.95 -10.44
C VAL A 99 -7.98 -2.38 -9.29
N PRO A 100 -7.52 -1.28 -8.72
CA PRO A 100 -6.26 -0.61 -9.12
C PRO A 100 -5.03 -1.45 -8.73
N PRO A 101 -3.95 -1.23 -9.45
CA PRO A 101 -2.68 -1.95 -9.20
C PRO A 101 -2.14 -1.64 -7.80
N THR A 102 -1.33 -2.53 -7.28
CA THR A 102 -0.76 -2.29 -5.93
C THR A 102 0.57 -1.55 -6.04
N PHE A 103 1.49 -2.16 -6.73
CA PHE A 103 2.84 -1.55 -6.92
C PHE A 103 3.59 -1.46 -5.59
N GLY A 104 4.70 -2.13 -5.52
CA GLY A 104 5.50 -2.09 -4.26
C GLY A 104 6.91 -2.60 -4.50
N GLY A 105 7.64 -2.77 -3.43
CA GLY A 105 9.04 -3.27 -3.55
C GLY A 105 10.01 -2.21 -3.05
N GLY A 106 11.28 -2.47 -3.21
CA GLY A 106 12.29 -1.47 -2.74
C GLY A 106 13.55 -2.17 -2.25
N THR A 107 14.04 -3.10 -3.04
CA THR A 107 15.27 -3.81 -2.63
C THR A 107 16.47 -2.91 -2.90
N LYS A 108 17.15 -2.55 -1.85
CA LYS A 108 18.34 -1.68 -2.01
C LYS A 108 19.58 -2.48 -2.41
N LEU A 109 19.82 -2.53 -3.68
CA LEU A 109 21.01 -3.29 -4.17
C LEU A 109 22.26 -2.43 -4.03
N GLU A 110 22.73 -2.32 -2.81
CA GLU A 110 23.94 -1.51 -2.55
C GLU A 110 25.15 -2.42 -2.33
N ILE A 111 26.27 -2.00 -2.82
CA ILE A 111 27.50 -2.81 -2.66
C ILE A 111 28.07 -2.67 -1.24
N LYS A 112 28.88 -3.62 -0.85
CA LYS A 112 29.49 -3.56 0.50
C LYS A 112 30.40 -2.35 0.65
N ARG A 113 30.34 -1.72 1.80
CA ARG A 113 31.17 -0.52 2.05
C ARG A 113 32.06 -0.72 3.29
N ASP A 1 -2.88 0.06 -6.73
CA ASP A 1 -3.50 -0.97 -5.86
C ASP A 1 -2.49 -2.02 -5.50
N VAL A 2 -2.84 -2.84 -4.54
CA VAL A 2 -1.90 -3.90 -4.13
C VAL A 2 -1.94 -5.07 -5.10
N VAL A 3 -0.81 -5.71 -5.25
CA VAL A 3 -0.74 -6.88 -6.16
C VAL A 3 -0.73 -8.19 -5.38
N MET A 4 -1.11 -9.26 -6.03
CA MET A 4 -1.13 -10.59 -5.35
C MET A 4 -0.70 -11.70 -6.30
N THR A 5 0.43 -12.28 -6.01
CA THR A 5 0.94 -13.39 -6.88
C THR A 5 0.50 -14.74 -6.34
N GLN A 6 -0.36 -15.41 -7.06
CA GLN A 6 -0.83 -16.74 -6.59
C GLN A 6 -0.20 -17.87 -7.40
N THR A 7 0.16 -18.92 -6.72
CA THR A 7 0.80 -20.08 -7.39
C THR A 7 0.71 -21.31 -6.51
N PRO A 8 0.89 -22.47 -7.08
CA PRO A 8 1.15 -22.64 -8.52
C PRO A 8 -0.17 -22.65 -9.30
N LEU A 9 -0.07 -22.76 -10.60
CA LEU A 9 -1.31 -22.78 -11.42
C LEU A 9 -2.00 -24.13 -11.28
N SER A 10 -1.33 -25.16 -11.73
CA SER A 10 -1.91 -26.53 -11.64
C SER A 10 -1.12 -27.36 -10.62
N LEU A 11 -1.76 -28.33 -10.03
CA LEU A 11 -1.04 -29.17 -9.03
C LEU A 11 -1.41 -30.65 -9.15
N PRO A 12 -0.76 -31.32 -10.08
CA PRO A 12 -1.02 -32.76 -10.32
C PRO A 12 -0.52 -33.59 -9.12
N VAL A 13 -1.44 -34.24 -8.45
CA VAL A 13 -1.04 -35.07 -7.27
C VAL A 13 -1.79 -36.40 -7.21
N SER A 14 -1.62 -37.07 -6.10
CA SER A 14 -2.31 -38.38 -5.90
C SER A 14 -3.25 -38.30 -4.69
N LEU A 15 -3.97 -39.37 -4.45
CA LEU A 15 -4.91 -39.37 -3.30
C LEU A 15 -4.24 -39.90 -2.04
N GLY A 16 -3.69 -39.01 -1.28
CA GLY A 16 -3.01 -39.41 -0.01
C GLY A 16 -1.71 -38.61 0.17
N ASP A 17 -1.35 -37.85 -0.83
CA ASP A 17 -0.12 -37.04 -0.74
C ASP A 17 -0.37 -35.71 -0.04
N GLN A 18 0.62 -34.86 -0.04
CA GLN A 18 0.46 -33.53 0.62
C GLN A 18 0.29 -32.41 -0.42
N ALA A 19 -0.11 -31.26 0.04
CA ALA A 19 -0.30 -30.12 -0.89
C ALA A 19 0.18 -28.82 -0.25
N SER A 20 0.45 -27.83 -1.07
CA SER A 20 0.93 -26.53 -0.51
C SER A 20 0.69 -25.39 -1.52
N ILE A 21 -0.46 -24.78 -1.43
CA ILE A 21 -0.76 -23.66 -2.37
C ILE A 21 -0.07 -22.38 -1.91
N SER A 22 0.57 -21.71 -2.84
CA SER A 22 1.28 -20.45 -2.49
C SER A 22 0.45 -19.19 -2.80
N CYS A 23 0.65 -18.18 -1.99
CA CYS A 23 -0.09 -16.89 -2.18
C CYS A 23 0.72 -15.75 -1.57
N ARG A 24 1.36 -14.99 -2.42
CA ARG A 24 2.18 -13.85 -1.92
C ARG A 24 1.58 -12.50 -2.32
N SER A 25 1.76 -11.52 -1.47
CA SER A 25 1.20 -10.16 -1.76
C SER A 25 2.32 -9.13 -1.83
N SER A 26 2.06 -8.04 -2.50
CA SER A 26 3.09 -6.97 -2.61
C SER A 26 3.38 -6.35 -1.24
N GLN A 27 2.39 -5.70 -0.69
CA GLN A 27 2.58 -5.06 0.64
C GLN A 27 2.00 -5.93 1.75
N SER A 28 2.41 -5.66 2.96
CA SER A 28 1.90 -6.46 4.10
C SER A 28 0.41 -6.19 4.34
N LEU A 29 -0.39 -7.22 4.25
CA LEU A 29 -1.85 -7.01 4.48
C LEU A 29 -2.16 -6.87 5.97
N VAL A 30 -1.20 -6.39 6.71
CA VAL A 30 -1.40 -6.21 8.17
C VAL A 30 -1.97 -4.82 8.45
N HIS A 31 -3.06 -4.79 9.18
CA HIS A 31 -3.68 -3.48 9.50
C HIS A 31 -2.95 -2.75 10.62
N SER A 32 -3.20 -1.47 10.71
CA SER A 32 -2.54 -0.65 11.77
C SER A 32 -2.97 -1.08 13.18
N ASN A 33 -4.18 -1.56 13.30
CA ASN A 33 -4.65 -2.00 14.66
C ASN A 33 -3.98 -3.32 15.08
N GLY A 34 -3.43 -4.02 14.13
CA GLY A 34 -2.76 -5.31 14.46
C GLY A 34 -3.58 -6.51 13.97
N ASN A 35 -4.38 -6.29 12.96
CA ASN A 35 -5.21 -7.40 12.42
C ASN A 35 -4.88 -7.69 10.96
N THR A 36 -4.53 -8.92 10.68
CA THR A 36 -4.19 -9.29 9.28
C THR A 36 -5.37 -9.98 8.60
N TYR A 37 -6.07 -9.26 7.76
CA TYR A 37 -7.23 -9.85 7.06
C TYR A 37 -6.81 -10.62 5.81
N LEU A 38 -7.16 -11.88 5.79
CA LEU A 38 -6.82 -12.76 4.64
C LEU A 38 -7.47 -14.12 4.82
N ASN A 39 -8.06 -14.63 3.76
CA ASN A 39 -8.72 -15.96 3.88
C ASN A 39 -8.44 -16.84 2.67
N TRP A 40 -8.94 -18.04 2.73
CA TRP A 40 -8.75 -19.01 1.62
C TRP A 40 -10.10 -19.55 1.15
N TYR A 41 -10.16 -19.87 -0.11
CA TYR A 41 -11.45 -20.40 -0.65
C TYR A 41 -11.23 -21.70 -1.43
N LEU A 42 -12.30 -22.43 -1.60
CA LEU A 42 -12.23 -23.72 -2.35
C LEU A 42 -13.62 -24.07 -2.87
N GLN A 43 -13.78 -24.06 -4.16
CA GLN A 43 -15.10 -24.38 -4.74
C GLN A 43 -14.99 -25.34 -5.92
N LYS A 44 -16.06 -26.03 -6.18
CA LYS A 44 -16.07 -27.00 -7.30
C LYS A 44 -17.20 -26.66 -8.28
N ALA A 45 -18.17 -27.53 -8.40
CA ALA A 45 -19.29 -27.26 -9.33
C ALA A 45 -20.36 -26.41 -8.63
N GLY A 46 -20.56 -26.67 -7.38
CA GLY A 46 -21.58 -25.90 -6.60
C GLY A 46 -21.72 -26.47 -5.18
N GLN A 47 -20.59 -26.67 -4.54
CA GLN A 47 -20.64 -27.22 -3.15
C GLN A 47 -20.94 -26.13 -2.13
N SER A 48 -21.37 -26.54 -0.98
CA SER A 48 -21.70 -25.55 0.08
C SER A 48 -20.46 -24.86 0.68
N PRO A 49 -19.50 -25.65 1.10
CA PRO A 49 -18.25 -25.11 1.70
C PRO A 49 -17.39 -24.36 0.67
N LYS A 50 -17.11 -23.11 0.94
CA LYS A 50 -16.28 -22.31 0.00
C LYS A 50 -15.21 -21.53 0.77
N LEU A 51 -15.09 -21.85 2.02
CA LEU A 51 -14.08 -21.15 2.88
C LEU A 51 -13.41 -22.12 3.85
N LEU A 52 -12.11 -22.02 3.95
CA LEU A 52 -11.36 -22.92 4.88
C LEU A 52 -10.70 -22.08 5.98
N ILE A 53 -9.65 -21.39 5.61
CA ILE A 53 -8.93 -20.55 6.60
C ILE A 53 -9.37 -19.10 6.41
N TYR A 54 -9.57 -18.40 7.50
CA TYR A 54 -9.99 -16.97 7.35
C TYR A 54 -9.24 -16.07 8.31
N LYS A 55 -8.21 -16.59 8.90
CA LYS A 55 -7.41 -15.77 9.86
C LYS A 55 -5.94 -16.18 9.81
N VAL A 56 -5.46 -16.35 8.60
CA VAL A 56 -4.03 -16.75 8.38
C VAL A 56 -3.76 -18.19 8.80
N SER A 57 -4.50 -18.71 9.75
CA SER A 57 -4.24 -20.11 10.18
C SER A 57 -5.47 -20.76 10.79
N ASN A 58 -6.13 -20.05 11.66
CA ASN A 58 -7.33 -20.63 12.30
C ASN A 58 -8.37 -20.99 11.23
N ARG A 59 -8.82 -22.22 11.28
CA ARG A 59 -9.83 -22.68 10.28
C ARG A 59 -11.25 -22.26 10.67
N PHE A 60 -12.16 -22.45 9.75
CA PHE A 60 -13.58 -22.08 10.01
C PHE A 60 -14.32 -23.26 10.64
N SER A 61 -15.42 -22.97 11.29
CA SER A 61 -16.22 -24.08 11.92
C SER A 61 -16.70 -25.07 10.86
N GLY A 62 -16.21 -26.28 10.95
CA GLY A 62 -16.61 -27.33 9.97
C GLY A 62 -15.41 -27.75 9.13
N VAL A 63 -14.39 -26.93 9.14
CA VAL A 63 -13.17 -27.25 8.36
C VAL A 63 -12.33 -28.29 9.11
N PRO A 64 -11.94 -29.34 8.40
CA PRO A 64 -11.13 -30.42 9.00
C PRO A 64 -9.74 -29.91 9.40
N ASP A 65 -9.05 -30.70 10.19
CA ASP A 65 -7.69 -30.30 10.63
C ASP A 65 -6.64 -30.54 9.55
N ARG A 66 -7.00 -31.31 8.54
CA ARG A 66 -6.02 -31.59 7.44
C ARG A 66 -5.67 -30.30 6.69
N PHE A 67 -6.41 -29.26 6.94
CA PHE A 67 -6.14 -27.97 6.26
C PHE A 67 -5.38 -27.03 7.20
N SER A 68 -4.21 -26.62 6.79
CA SER A 68 -3.41 -25.71 7.64
C SER A 68 -2.99 -24.46 6.88
N GLY A 69 -3.24 -23.31 7.47
CA GLY A 69 -2.87 -22.03 6.80
C GLY A 69 -1.82 -21.30 7.63
N SER A 70 -0.92 -20.64 6.95
CA SER A 70 0.15 -19.89 7.67
C SER A 70 0.78 -18.85 6.77
N GLY A 71 1.24 -17.78 7.35
CA GLY A 71 1.88 -16.71 6.54
C GLY A 71 2.27 -15.53 7.43
N SER A 72 3.18 -14.72 6.93
CA SER A 72 3.63 -13.54 7.72
C SER A 72 2.77 -12.32 7.41
N GLY A 73 3.15 -11.61 6.37
CA GLY A 73 2.37 -10.39 5.99
C GLY A 73 2.30 -10.27 4.46
N THR A 74 3.34 -10.71 3.80
CA THR A 74 3.35 -10.62 2.31
C THR A 74 3.48 -12.02 1.69
N ASP A 75 3.24 -13.02 2.50
CA ASP A 75 3.33 -14.41 2.00
C ASP A 75 2.43 -15.34 2.81
N PHE A 76 1.71 -16.18 2.11
CA PHE A 76 0.81 -17.15 2.81
C PHE A 76 0.75 -18.46 2.02
N THR A 77 0.53 -19.55 2.71
CA THR A 77 0.48 -20.85 2.02
C THR A 77 -0.56 -21.78 2.64
N LEU A 78 -1.22 -22.54 1.80
CA LEU A 78 -2.25 -23.49 2.30
C LEU A 78 -1.71 -24.91 2.18
N LYS A 79 -1.27 -25.46 3.29
CA LYS A 79 -0.73 -26.84 3.27
C LYS A 79 -1.77 -27.87 3.69
N ILE A 80 -1.78 -28.97 2.98
CA ILE A 80 -2.75 -30.06 3.29
C ILE A 80 -2.01 -31.33 3.62
N SER A 81 -2.48 -32.01 4.62
CA SER A 81 -1.82 -33.28 5.01
C SER A 81 -2.01 -34.37 3.96
N ARG A 82 -3.20 -34.92 3.93
CA ARG A 82 -3.49 -36.00 2.94
C ARG A 82 -4.59 -35.58 1.97
N VAL A 83 -4.22 -35.23 0.78
CA VAL A 83 -5.21 -34.80 -0.24
C VAL A 83 -6.13 -35.97 -0.61
N GLU A 84 -7.41 -35.68 -0.68
CA GLU A 84 -8.38 -36.75 -1.04
C GLU A 84 -9.22 -36.34 -2.26
N ALA A 85 -9.90 -37.29 -2.83
CA ALA A 85 -10.74 -36.99 -4.03
C ALA A 85 -11.75 -35.87 -3.74
N GLU A 86 -12.09 -35.71 -2.49
CA GLU A 86 -13.06 -34.64 -2.12
C GLU A 86 -12.38 -33.27 -2.08
N ASP A 87 -11.19 -33.25 -1.56
CA ASP A 87 -10.45 -31.95 -1.47
C ASP A 87 -10.12 -31.41 -2.86
N LEU A 88 -10.26 -32.25 -3.86
CA LEU A 88 -9.95 -31.81 -5.25
C LEU A 88 -10.82 -30.61 -5.66
N GLY A 89 -10.30 -29.80 -6.53
CA GLY A 89 -11.07 -28.61 -7.00
C GLY A 89 -10.13 -27.42 -7.22
N ILE A 90 -10.70 -26.26 -7.36
CA ILE A 90 -9.87 -25.04 -7.58
C ILE A 90 -9.75 -24.24 -6.28
N TYR A 91 -8.54 -23.91 -5.92
CA TYR A 91 -8.32 -23.14 -4.67
C TYR A 91 -8.04 -21.67 -4.95
N PHE A 92 -8.49 -20.82 -4.07
CA PHE A 92 -8.27 -19.36 -4.25
C PHE A 92 -7.90 -18.70 -2.92
N CYS A 93 -7.48 -17.47 -3.01
CA CYS A 93 -7.08 -16.73 -1.77
C CYS A 93 -7.16 -15.23 -2.06
N SER A 94 -7.74 -14.50 -1.14
CA SER A 94 -7.85 -13.03 -1.36
C SER A 94 -7.65 -12.24 -0.08
N GLN A 95 -7.60 -10.94 -0.21
CA GLN A 95 -7.39 -10.07 0.97
C GLN A 95 -8.44 -8.95 1.00
N THR A 96 -8.67 -8.41 2.16
CA THR A 96 -9.67 -7.32 2.29
C THR A 96 -9.06 -6.10 2.96
N THR A 97 -7.76 -6.14 3.12
CA THR A 97 -7.04 -5.01 3.78
C THR A 97 -7.08 -3.77 2.88
N HIS A 98 -7.07 -3.99 1.59
CA HIS A 98 -7.09 -2.85 0.63
C HIS A 98 -8.39 -2.84 -0.16
N VAL A 99 -9.10 -1.74 -0.10
CA VAL A 99 -10.38 -1.64 -0.85
C VAL A 99 -10.20 -0.78 -2.11
N PRO A 100 -10.79 -1.20 -3.21
CA PRO A 100 -11.58 -2.45 -3.28
C PRO A 100 -10.69 -3.70 -3.24
N PRO A 101 -11.28 -4.82 -2.89
CA PRO A 101 -10.56 -6.10 -2.81
C PRO A 101 -9.96 -6.49 -4.17
N THR A 102 -8.78 -7.04 -4.15
CA THR A 102 -8.13 -7.44 -5.44
C THR A 102 -8.46 -8.88 -5.82
N PHE A 103 -8.69 -9.72 -4.84
CA PHE A 103 -9.01 -11.14 -5.15
C PHE A 103 -7.91 -11.77 -6.01
N GLY A 104 -8.24 -12.84 -6.68
CA GLY A 104 -7.23 -13.51 -7.56
C GLY A 104 -7.02 -14.97 -7.14
N GLY A 105 -6.05 -15.59 -7.77
CA GLY A 105 -5.75 -17.02 -7.43
C GLY A 105 -6.51 -17.97 -8.37
N GLY A 106 -6.06 -19.19 -8.43
CA GLY A 106 -6.74 -20.19 -9.30
C GLY A 106 -5.90 -21.47 -9.41
N THR A 107 -5.61 -22.04 -8.27
CA THR A 107 -4.80 -23.29 -8.29
C THR A 107 -5.66 -24.49 -8.64
N LYS A 108 -5.45 -25.03 -9.81
CA LYS A 108 -6.26 -26.21 -10.23
C LYS A 108 -5.72 -27.50 -9.61
N LEU A 109 -6.35 -27.93 -8.55
CA LEU A 109 -5.89 -29.17 -7.88
C LEU A 109 -6.55 -30.39 -8.53
N GLU A 110 -5.96 -30.84 -9.60
CA GLU A 110 -6.53 -32.02 -10.30
C GLU A 110 -5.64 -33.25 -10.12
N ILE A 111 -6.27 -34.38 -10.08
CA ILE A 111 -5.51 -35.65 -9.90
C ILE A 111 -4.97 -36.14 -11.24
N LYS A 112 -3.89 -36.87 -11.18
CA LYS A 112 -3.29 -37.40 -12.44
C LYS A 112 -4.31 -38.23 -13.23
N ARG A 113 -4.44 -37.94 -14.50
CA ARG A 113 -5.41 -38.70 -15.34
C ARG A 113 -4.99 -38.64 -16.81
N ASP A 1 -4.89 -3.86 -7.23
CA ASP A 1 -4.39 -3.54 -5.86
C ASP A 1 -3.67 -4.73 -5.28
N VAL A 2 -3.21 -4.57 -4.07
CA VAL A 2 -2.49 -5.68 -3.42
C VAL A 2 -3.42 -6.86 -3.13
N VAL A 3 -2.88 -8.04 -3.22
CA VAL A 3 -3.71 -9.26 -2.96
C VAL A 3 -3.42 -9.82 -1.56
N MET A 4 -4.43 -10.42 -0.97
CA MET A 4 -4.24 -11.00 0.40
C MET A 4 -4.95 -12.36 0.52
N THR A 5 -4.17 -13.40 0.56
CA THR A 5 -4.75 -14.77 0.68
C THR A 5 -4.71 -15.25 2.13
N GLN A 6 -5.81 -15.09 2.82
CA GLN A 6 -5.86 -15.53 4.25
C GLN A 6 -6.06 -17.04 4.35
N THR A 7 -5.39 -17.64 5.31
CA THR A 7 -5.51 -19.11 5.52
C THR A 7 -5.08 -19.48 6.93
N PRO A 8 -5.51 -20.62 7.40
CA PRO A 8 -6.40 -21.53 6.66
C PRO A 8 -7.84 -21.02 6.68
N LEU A 9 -8.71 -21.74 6.01
CA LEU A 9 -10.14 -21.33 5.97
C LEU A 9 -10.85 -21.72 7.28
N SER A 10 -10.81 -23.00 7.58
CA SER A 10 -11.47 -23.47 8.83
C SER A 10 -10.43 -24.00 9.82
N LEU A 11 -10.67 -23.77 11.08
CA LEU A 11 -9.68 -24.25 12.10
C LEU A 11 -10.37 -24.90 13.32
N PRO A 12 -10.90 -26.08 13.11
CA PRO A 12 -11.58 -26.82 14.19
C PRO A 12 -10.58 -27.23 15.27
N VAL A 13 -10.78 -26.73 16.47
CA VAL A 13 -9.84 -27.08 17.58
C VAL A 13 -10.56 -27.26 18.92
N SER A 14 -9.79 -27.55 19.93
CA SER A 14 -10.38 -27.75 21.28
C SER A 14 -10.05 -26.53 22.16
N LEU A 15 -10.84 -26.32 23.17
CA LEU A 15 -10.58 -25.15 24.07
C LEU A 15 -9.38 -25.41 24.95
N GLY A 16 -8.23 -25.08 24.44
CA GLY A 16 -6.97 -25.29 25.21
C GLY A 16 -5.85 -25.77 24.28
N ASP A 17 -5.75 -25.14 23.14
CA ASP A 17 -4.69 -25.54 22.16
C ASP A 17 -4.03 -24.32 21.54
N GLN A 18 -3.08 -24.56 20.67
CA GLN A 18 -2.38 -23.43 20.01
C GLN A 18 -3.00 -23.13 18.65
N ALA A 19 -2.97 -21.87 18.26
CA ALA A 19 -3.56 -21.50 16.94
C ALA A 19 -2.54 -20.75 16.07
N SER A 20 -2.77 -20.78 14.78
CA SER A 20 -1.82 -20.08 13.85
C SER A 20 -2.56 -19.60 12.60
N ILE A 21 -3.20 -18.47 12.71
CA ILE A 21 -3.94 -17.92 11.54
C ILE A 21 -2.98 -17.23 10.58
N SER A 22 -2.90 -17.73 9.38
CA SER A 22 -1.99 -17.12 8.38
C SER A 22 -2.62 -15.97 7.59
N CYS A 23 -1.77 -15.16 7.03
CA CYS A 23 -2.22 -13.98 6.22
C CYS A 23 -1.08 -13.59 5.27
N ARG A 24 -1.15 -14.03 4.04
CA ARG A 24 -0.08 -13.69 3.07
C ARG A 24 -0.50 -12.61 2.07
N SER A 25 0.47 -11.89 1.58
CA SER A 25 0.20 -10.81 0.59
C SER A 25 1.09 -10.99 -0.64
N SER A 26 0.57 -10.64 -1.79
CA SER A 26 1.40 -10.80 -3.03
C SER A 26 2.65 -9.91 -2.98
N GLN A 27 2.44 -8.66 -2.69
CA GLN A 27 3.59 -7.72 -2.62
C GLN A 27 3.85 -7.27 -1.18
N SER A 28 5.11 -7.06 -0.87
CA SER A 28 5.47 -6.63 0.51
C SER A 28 4.77 -5.31 0.87
N LEU A 29 4.30 -5.22 2.09
CA LEU A 29 3.60 -3.97 2.51
C LEU A 29 4.59 -3.01 3.17
N VAL A 30 5.77 -2.93 2.61
CA VAL A 30 6.79 -2.02 3.18
C VAL A 30 6.67 -0.62 2.54
N HIS A 31 6.78 0.38 3.37
CA HIS A 31 6.68 1.77 2.86
C HIS A 31 8.07 2.33 2.55
N SER A 32 8.11 3.35 1.71
CA SER A 32 9.42 3.95 1.35
C SER A 32 10.15 4.53 2.56
N ASN A 33 9.43 4.81 3.61
CA ASN A 33 10.10 5.36 4.83
C ASN A 33 10.64 4.25 5.73
N GLY A 34 10.34 3.03 5.39
CA GLY A 34 10.84 1.88 6.20
C GLY A 34 9.81 1.48 7.27
N ASN A 35 8.55 1.70 6.99
CA ASN A 35 7.50 1.34 7.98
C ASN A 35 6.58 0.26 7.45
N THR A 36 6.28 -0.70 8.28
CA THR A 36 5.37 -1.81 7.84
C THR A 36 3.98 -1.58 8.43
N TYR A 37 2.98 -1.61 7.59
CA TYR A 37 1.59 -1.40 8.11
C TYR A 37 0.70 -2.63 7.92
N LEU A 38 0.36 -3.25 9.02
CA LEU A 38 -0.52 -4.47 8.98
C LEU A 38 -1.31 -4.56 10.27
N ASN A 39 -2.52 -5.06 10.19
CA ASN A 39 -3.34 -5.17 11.44
C ASN A 39 -4.15 -6.47 11.48
N TRP A 40 -4.59 -6.79 12.67
CA TRP A 40 -5.40 -8.03 12.86
C TRP A 40 -6.67 -7.71 13.62
N TYR A 41 -7.71 -8.46 13.36
CA TYR A 41 -9.00 -8.20 14.06
C TYR A 41 -9.75 -9.52 14.33
N LEU A 42 -10.63 -9.47 15.30
CA LEU A 42 -11.41 -10.68 15.65
C LEU A 42 -12.86 -10.28 15.91
N GLN A 43 -13.76 -10.78 15.11
CA GLN A 43 -15.19 -10.43 15.31
C GLN A 43 -16.06 -11.67 15.50
N LYS A 44 -17.16 -11.49 16.20
CA LYS A 44 -18.08 -12.62 16.43
C LYS A 44 -19.39 -12.40 15.67
N ALA A 45 -20.49 -12.68 16.31
CA ALA A 45 -21.81 -12.51 15.63
C ALA A 45 -22.19 -11.02 15.55
N GLY A 46 -22.33 -10.39 16.68
CA GLY A 46 -22.70 -8.94 16.68
C GLY A 46 -22.05 -8.21 17.86
N GLN A 47 -20.86 -8.62 18.20
CA GLN A 47 -20.15 -7.97 19.33
C GLN A 47 -19.33 -6.77 18.85
N SER A 48 -18.85 -5.99 19.78
CA SER A 48 -18.04 -4.81 19.42
C SER A 48 -16.72 -5.22 18.75
N PRO A 49 -16.11 -4.29 18.07
CA PRO A 49 -14.84 -4.54 17.37
C PRO A 49 -13.73 -4.96 18.33
N LYS A 50 -12.84 -5.79 17.85
CA LYS A 50 -11.72 -6.26 18.72
C LYS A 50 -10.40 -6.18 17.97
N LEU A 51 -9.44 -5.50 18.54
CA LEU A 51 -8.12 -5.38 17.88
C LEU A 51 -7.02 -6.07 18.70
N LEU A 52 -6.37 -7.02 18.08
CA LEU A 52 -5.28 -7.74 18.80
C LEU A 52 -3.93 -7.11 18.44
N ILE A 53 -3.52 -7.33 17.22
CA ILE A 53 -2.23 -6.75 16.77
C ILE A 53 -2.48 -5.66 15.74
N TYR A 54 -1.72 -4.60 15.79
CA TYR A 54 -1.92 -3.50 14.80
C TYR A 54 -0.63 -3.10 14.09
N LYS A 55 0.41 -3.86 14.33
CA LYS A 55 1.71 -3.54 13.67
C LYS A 55 2.64 -4.76 13.68
N VAL A 56 2.19 -5.80 13.01
CA VAL A 56 2.98 -7.06 12.92
C VAL A 56 3.03 -7.81 14.27
N SER A 57 3.64 -7.21 15.26
CA SER A 57 3.71 -7.89 16.58
C SER A 57 3.16 -7.03 17.72
N ASN A 58 3.40 -5.74 17.63
CA ASN A 58 2.89 -4.83 18.70
C ASN A 58 1.41 -5.10 19.02
N ARG A 59 1.16 -5.53 20.23
CA ARG A 59 -0.25 -5.82 20.64
C ARG A 59 -0.95 -4.56 21.15
N PHE A 60 -2.23 -4.52 20.99
CA PHE A 60 -2.99 -3.32 21.46
C PHE A 60 -3.26 -3.39 22.97
N SER A 61 -3.62 -2.28 23.54
CA SER A 61 -3.90 -2.24 25.00
C SER A 61 -4.96 -3.28 25.37
N GLY A 62 -4.74 -3.98 26.45
CA GLY A 62 -5.73 -5.01 26.89
C GLY A 62 -5.40 -6.37 26.28
N VAL A 63 -4.99 -6.36 25.03
CA VAL A 63 -4.63 -7.64 24.35
C VAL A 63 -3.64 -8.44 25.20
N PRO A 64 -4.10 -9.54 25.76
CA PRO A 64 -3.25 -10.41 26.60
C PRO A 64 -2.09 -10.99 25.79
N ASP A 65 -1.01 -11.25 26.48
CA ASP A 65 0.19 -11.82 25.79
C ASP A 65 -0.16 -13.12 25.07
N ARG A 66 -1.31 -13.66 25.36
CA ARG A 66 -1.72 -14.92 24.69
C ARG A 66 -1.75 -14.72 23.17
N PHE A 67 -1.67 -13.48 22.75
CA PHE A 67 -1.69 -13.16 21.30
C PHE A 67 -0.34 -12.63 20.84
N SER A 68 0.27 -13.31 19.91
CA SER A 68 1.60 -12.85 19.42
C SER A 68 1.65 -12.88 17.89
N GLY A 69 1.48 -11.73 17.30
CA GLY A 69 1.52 -11.65 15.81
C GLY A 69 2.94 -11.42 15.32
N SER A 70 3.19 -11.86 14.12
CA SER A 70 4.55 -11.69 13.53
C SER A 70 4.47 -11.84 12.01
N GLY A 71 5.44 -11.30 11.32
CA GLY A 71 5.42 -11.42 9.84
C GLY A 71 6.56 -10.63 9.20
N SER A 72 6.92 -11.01 8.01
CA SER A 72 8.03 -10.31 7.30
C SER A 72 7.49 -9.15 6.45
N GLY A 73 7.25 -9.41 5.20
CA GLY A 73 6.72 -8.35 4.30
C GLY A 73 5.50 -8.86 3.52
N THR A 74 5.55 -10.11 3.15
CA THR A 74 4.42 -10.72 2.39
C THR A 74 3.81 -11.89 3.15
N ASP A 75 4.12 -11.97 4.41
CA ASP A 75 3.57 -13.10 5.21
C ASP A 75 3.44 -12.71 6.69
N PHE A 76 2.25 -12.88 7.21
CA PHE A 76 1.99 -12.55 8.65
C PHE A 76 1.02 -13.58 9.23
N THR A 77 1.26 -14.01 10.44
CA THR A 77 0.35 -15.01 11.06
C THR A 77 0.08 -14.70 12.52
N LEU A 78 -1.12 -14.97 12.96
CA LEU A 78 -1.49 -14.70 14.37
C LEU A 78 -1.41 -15.99 15.19
N LYS A 79 -0.42 -16.07 16.03
CA LYS A 79 -0.26 -17.30 16.87
C LYS A 79 -0.86 -17.09 18.25
N ILE A 80 -1.67 -18.03 18.66
CA ILE A 80 -2.30 -17.94 20.01
C ILE A 80 -1.80 -19.06 20.88
N SER A 81 -1.57 -18.74 22.12
CA SER A 81 -1.08 -19.79 23.05
C SER A 81 -2.17 -20.78 23.41
N ARG A 82 -3.21 -20.30 24.05
CA ARG A 82 -4.32 -21.22 24.45
C ARG A 82 -5.66 -20.70 23.92
N VAL A 83 -6.13 -21.28 22.86
CA VAL A 83 -7.43 -20.85 22.28
C VAL A 83 -8.56 -21.04 23.29
N GLU A 84 -9.09 -19.95 23.78
CA GLU A 84 -10.20 -20.03 24.76
C GLU A 84 -11.56 -19.81 24.11
N ALA A 85 -12.60 -19.94 24.88
CA ALA A 85 -13.97 -19.73 24.32
C ALA A 85 -14.08 -18.36 23.66
N GLU A 86 -13.31 -17.43 24.18
CA GLU A 86 -13.35 -16.05 23.62
C GLU A 86 -12.63 -16.03 22.27
N ASP A 87 -11.69 -16.92 22.10
CA ASP A 87 -10.94 -16.99 20.83
C ASP A 87 -11.80 -17.55 19.70
N LEU A 88 -13.02 -17.92 20.03
CA LEU A 88 -13.92 -18.49 19.00
C LEU A 88 -14.48 -17.38 18.10
N GLY A 89 -14.79 -17.75 16.89
CA GLY A 89 -15.34 -16.75 15.93
C GLY A 89 -14.53 -16.79 14.64
N ILE A 90 -14.53 -15.70 13.91
CA ILE A 90 -13.76 -15.65 12.64
C ILE A 90 -12.67 -14.58 12.69
N TYR A 91 -11.49 -14.94 12.27
CA TYR A 91 -10.38 -13.95 12.28
C TYR A 91 -10.18 -13.30 10.92
N PHE A 92 -9.67 -12.10 10.93
CA PHE A 92 -9.43 -11.38 9.64
C PHE A 92 -8.10 -10.61 9.68
N CYS A 93 -7.61 -10.25 8.52
CA CYS A 93 -6.32 -9.49 8.46
C CYS A 93 -6.36 -8.48 7.33
N SER A 94 -5.78 -7.33 7.57
CA SER A 94 -5.76 -6.28 6.51
C SER A 94 -4.47 -5.46 6.58
N GLN A 95 -4.12 -4.86 5.48
CA GLN A 95 -2.88 -4.04 5.45
C GLN A 95 -3.22 -2.55 5.49
N THR A 96 -2.33 -1.78 6.01
CA THR A 96 -2.58 -0.31 6.08
C THR A 96 -1.53 0.44 5.25
N THR A 97 -1.06 -0.23 4.21
CA THR A 97 -0.04 0.40 3.33
C THR A 97 -0.68 0.91 2.03
N HIS A 98 -1.25 0.00 1.28
CA HIS A 98 -1.91 0.41 0.00
C HIS A 98 -3.29 1.00 0.25
N VAL A 99 -3.75 1.81 -0.67
CA VAL A 99 -5.09 2.43 -0.50
C VAL A 99 -5.83 2.51 -1.83
N PRO A 100 -7.13 2.23 -1.80
CA PRO A 100 -7.84 1.85 -0.56
C PRO A 100 -7.43 0.45 -0.09
N PRO A 101 -7.57 0.23 1.20
CA PRO A 101 -7.22 -1.07 1.80
C PRO A 101 -8.07 -2.20 1.23
N THR A 102 -7.51 -3.38 1.18
CA THR A 102 -8.28 -4.53 0.62
C THR A 102 -9.20 -5.12 1.68
N PHE A 103 -8.61 -5.58 2.76
CA PHE A 103 -9.40 -6.18 3.87
C PHE A 103 -10.16 -7.43 3.40
N GLY A 104 -9.96 -8.52 4.09
CA GLY A 104 -10.66 -9.77 3.69
C GLY A 104 -10.27 -10.93 4.61
N GLY A 105 -10.31 -12.12 4.07
CA GLY A 105 -9.95 -13.31 4.88
C GLY A 105 -11.18 -13.85 5.60
N GLY A 106 -10.98 -14.82 6.45
CA GLY A 106 -12.15 -15.38 7.19
C GLY A 106 -11.80 -16.75 7.78
N THR A 107 -10.88 -16.77 8.69
CA THR A 107 -10.49 -18.06 9.31
C THR A 107 -11.51 -18.45 10.37
N LYS A 108 -12.35 -19.39 10.04
CA LYS A 108 -13.38 -19.83 11.01
C LYS A 108 -12.75 -20.63 12.14
N LEU A 109 -12.95 -20.15 13.34
CA LEU A 109 -12.37 -20.86 14.52
C LEU A 109 -13.47 -21.41 15.41
N GLU A 110 -14.03 -22.53 15.00
CA GLU A 110 -15.11 -23.15 15.81
C GLU A 110 -14.57 -24.38 16.52
N ILE A 111 -15.06 -24.63 17.70
CA ILE A 111 -14.59 -25.82 18.46
C ILE A 111 -14.93 -27.12 17.75
N LYS A 112 -13.96 -27.98 17.61
CA LYS A 112 -14.21 -29.27 16.93
C LYS A 112 -15.05 -30.18 17.81
N ARG A 113 -16.30 -30.30 17.48
CA ARG A 113 -17.18 -31.18 18.30
C ARG A 113 -17.13 -32.61 17.76
N ASP A 1 -7.21 -6.60 -5.88
CA ASP A 1 -6.45 -5.97 -4.78
C ASP A 1 -7.33 -5.79 -3.57
N VAL A 2 -6.74 -5.29 -2.51
CA VAL A 2 -7.52 -5.08 -1.28
C VAL A 2 -8.64 -4.07 -1.50
N VAL A 3 -9.68 -4.17 -0.72
CA VAL A 3 -10.82 -3.23 -0.87
C VAL A 3 -10.78 -2.15 0.21
N MET A 4 -11.18 -0.95 -0.16
CA MET A 4 -11.17 0.17 0.81
C MET A 4 -12.56 0.80 0.96
N THR A 5 -13.28 0.38 1.96
CA THR A 5 -14.65 0.93 2.18
C THR A 5 -14.59 2.12 3.14
N GLN A 6 -15.60 2.94 3.14
CA GLN A 6 -15.58 4.10 4.05
C GLN A 6 -16.98 4.70 4.26
N THR A 7 -17.11 5.47 5.29
CA THR A 7 -18.43 6.12 5.62
C THR A 7 -18.20 7.23 6.65
N PRO A 8 -19.10 8.18 6.71
CA PRO A 8 -20.27 8.27 5.82
C PRO A 8 -19.93 9.04 4.54
N LEU A 9 -20.87 9.16 3.66
CA LEU A 9 -20.62 9.90 2.39
C LEU A 9 -20.64 11.40 2.67
N SER A 10 -21.66 11.82 3.36
CA SER A 10 -21.79 13.27 3.70
C SER A 10 -21.87 13.44 5.21
N LEU A 11 -21.47 14.58 5.70
CA LEU A 11 -21.52 14.80 7.17
C LEU A 11 -21.98 16.21 7.53
N PRO A 12 -23.27 16.43 7.49
CA PRO A 12 -23.85 17.74 7.81
C PRO A 12 -23.68 18.02 9.31
N VAL A 13 -22.87 19.00 9.63
CA VAL A 13 -22.65 19.32 11.07
C VAL A 13 -22.71 20.83 11.35
N SER A 14 -22.41 21.16 12.57
CA SER A 14 -22.42 22.58 13.00
C SER A 14 -21.02 23.00 13.45
N LEU A 15 -20.76 24.28 13.47
CA LEU A 15 -19.40 24.74 13.89
C LEU A 15 -19.30 24.70 15.42
N GLY A 16 -18.91 23.57 15.91
CA GLY A 16 -18.77 23.41 17.39
C GLY A 16 -19.27 22.02 17.82
N ASP A 17 -19.05 21.06 16.96
CA ASP A 17 -19.49 19.67 17.28
C ASP A 17 -18.35 18.68 17.03
N GLN A 18 -18.66 17.42 17.13
CA GLN A 18 -17.60 16.39 16.91
C GLN A 18 -17.79 15.69 15.57
N ALA A 19 -16.69 15.32 14.95
CA ALA A 19 -16.77 14.63 13.63
C ALA A 19 -15.98 13.32 13.68
N SER A 20 -16.30 12.41 12.79
CA SER A 20 -15.55 11.11 12.80
C SER A 20 -15.73 10.37 11.48
N ILE A 21 -14.85 10.65 10.55
CA ILE A 21 -14.94 9.95 9.24
C ILE A 21 -14.49 8.50 9.39
N SER A 22 -15.10 7.63 8.64
CA SER A 22 -14.72 6.19 8.74
C SER A 22 -14.15 5.65 7.43
N CYS A 23 -13.14 4.83 7.56
CA CYS A 23 -12.49 4.22 6.38
C CYS A 23 -12.02 2.82 6.76
N ARG A 24 -12.76 1.81 6.37
CA ARG A 24 -12.35 0.42 6.72
C ARG A 24 -11.86 -0.36 5.51
N SER A 25 -10.94 -1.25 5.74
CA SER A 25 -10.39 -2.07 4.62
C SER A 25 -10.73 -3.55 4.83
N SER A 26 -11.08 -4.22 3.75
CA SER A 26 -11.43 -5.66 3.86
C SER A 26 -10.36 -6.43 4.63
N GLN A 27 -9.16 -6.40 4.13
CA GLN A 27 -8.06 -7.13 4.82
C GLN A 27 -7.23 -6.16 5.67
N SER A 28 -6.60 -6.70 6.68
CA SER A 28 -5.77 -5.83 7.57
C SER A 28 -4.52 -5.33 6.86
N LEU A 29 -4.25 -4.06 6.99
CA LEU A 29 -3.06 -3.48 6.32
C LEU A 29 -1.81 -3.63 7.20
N VAL A 30 -1.76 -4.72 7.93
CA VAL A 30 -0.58 -4.95 8.82
C VAL A 30 0.48 -5.77 8.09
N HIS A 31 1.63 -5.19 7.92
CA HIS A 31 2.73 -5.92 7.21
C HIS A 31 3.30 -7.04 8.09
N SER A 32 3.98 -7.95 7.46
CA SER A 32 4.60 -9.08 8.21
C SER A 32 5.63 -8.58 9.21
N ASN A 33 6.17 -7.42 8.95
CA ASN A 33 7.20 -6.86 9.88
C ASN A 33 6.53 -6.10 11.03
N GLY A 34 5.24 -5.93 10.93
CA GLY A 34 4.50 -5.19 12.01
C GLY A 34 4.35 -3.70 11.67
N ASN A 35 4.17 -3.41 10.40
CA ASN A 35 4.01 -1.99 10.00
C ASN A 35 2.66 -1.75 9.34
N THR A 36 1.89 -0.86 9.89
CA THR A 36 0.55 -0.57 9.30
C THR A 36 0.62 0.71 8.45
N TYR A 37 0.78 0.51 7.16
CA TYR A 37 0.86 1.68 6.25
C TYR A 37 -0.52 2.23 5.91
N LEU A 38 -0.85 3.34 6.50
CA LEU A 38 -2.18 3.98 6.26
C LEU A 38 -2.08 5.49 6.45
N ASN A 39 -2.83 6.23 5.68
CA ASN A 39 -2.78 7.72 5.83
C ASN A 39 -4.14 8.38 5.54
N TRP A 40 -4.26 9.60 6.01
CA TRP A 40 -5.52 10.36 5.80
C TRP A 40 -5.23 11.63 5.01
N TYR A 41 -6.20 12.13 4.30
CA TYR A 41 -5.97 13.37 3.51
C TYR A 41 -7.17 14.32 3.59
N LEU A 42 -6.94 15.56 3.23
CA LEU A 42 -8.03 16.57 3.26
C LEU A 42 -7.83 17.57 2.12
N GLN A 43 -8.57 17.38 1.05
CA GLN A 43 -8.45 18.29 -0.11
C GLN A 43 -9.54 19.36 -0.09
N LYS A 44 -9.17 20.55 -0.50
CA LYS A 44 -10.16 21.67 -0.53
C LYS A 44 -10.75 21.84 -1.93
N ALA A 45 -11.06 23.06 -2.28
CA ALA A 45 -11.63 23.33 -3.63
C ALA A 45 -10.56 23.25 -4.71
N GLY A 46 -9.52 24.03 -4.54
CA GLY A 46 -8.41 24.03 -5.54
C GLY A 46 -7.07 24.19 -4.82
N GLN A 47 -6.96 23.55 -3.70
CA GLN A 47 -5.70 23.63 -2.91
C GLN A 47 -4.96 22.29 -2.91
N SER A 48 -3.75 22.31 -2.43
CA SER A 48 -2.94 21.05 -2.38
C SER A 48 -3.45 20.13 -1.27
N PRO A 49 -3.54 18.86 -1.56
CA PRO A 49 -4.01 17.86 -0.58
C PRO A 49 -3.16 17.89 0.68
N LYS A 50 -3.72 18.42 1.74
CA LYS A 50 -2.96 18.49 3.02
C LYS A 50 -2.99 17.15 3.76
N LEU A 51 -1.89 16.87 4.42
CA LEU A 51 -1.80 15.60 5.19
C LEU A 51 -2.06 15.84 6.67
N LEU A 52 -2.79 14.96 7.28
CA LEU A 52 -3.10 15.11 8.74
C LEU A 52 -2.53 13.94 9.53
N ILE A 53 -2.84 12.75 9.09
CA ILE A 53 -2.34 11.53 9.78
C ILE A 53 -1.63 10.62 8.78
N TYR A 54 -0.48 10.10 9.16
CA TYR A 54 0.26 9.20 8.22
C TYR A 54 0.49 7.81 8.82
N LYS A 55 -0.32 7.44 9.77
CA LYS A 55 -0.17 6.09 10.40
C LYS A 55 -1.15 5.90 11.56
N VAL A 56 -2.36 5.57 11.22
CA VAL A 56 -3.42 5.36 12.26
C VAL A 56 -3.59 6.60 13.14
N SER A 57 -2.74 6.73 14.14
CA SER A 57 -2.84 7.91 15.06
C SER A 57 -1.53 8.71 15.05
N ASN A 58 -0.99 8.91 13.87
CA ASN A 58 0.28 9.68 13.76
C ASN A 58 0.06 11.04 13.10
N ARG A 59 -0.03 12.07 13.90
CA ARG A 59 -0.24 13.43 13.33
C ARG A 59 1.08 14.03 12.86
N PHE A 60 1.06 14.65 11.72
CA PHE A 60 2.31 15.27 11.19
C PHE A 60 2.70 16.50 12.02
N SER A 61 3.97 16.84 12.00
CA SER A 61 4.43 18.03 12.77
C SER A 61 3.68 19.29 12.34
N GLY A 62 2.86 19.80 13.22
CA GLY A 62 2.08 21.03 12.88
C GLY A 62 0.59 20.73 12.97
N VAL A 63 0.26 19.48 12.81
CA VAL A 63 -1.17 19.07 12.87
C VAL A 63 -1.69 19.22 14.31
N PRO A 64 -2.78 19.93 14.45
CA PRO A 64 -3.40 20.16 15.77
C PRO A 64 -3.82 18.85 16.46
N ASP A 65 -4.16 18.96 17.71
CA ASP A 65 -4.57 17.76 18.49
C ASP A 65 -6.03 17.37 18.19
N ARG A 66 -6.79 18.33 17.72
CA ARG A 66 -8.22 18.05 17.40
C ARG A 66 -8.35 16.87 16.44
N PHE A 67 -7.48 16.80 15.46
CA PHE A 67 -7.54 15.68 14.49
C PHE A 67 -6.90 14.43 15.07
N SER A 68 -7.71 13.43 15.33
CA SER A 68 -7.16 12.17 15.90
C SER A 68 -7.64 10.95 15.11
N GLY A 69 -6.71 10.25 14.52
CA GLY A 69 -7.09 9.04 13.73
C GLY A 69 -6.85 7.78 14.57
N SER A 70 -7.84 6.94 14.65
CA SER A 70 -7.68 5.70 15.45
C SER A 70 -8.60 4.59 14.97
N GLY A 71 -8.23 3.36 15.24
CA GLY A 71 -9.07 2.22 14.80
C GLY A 71 -8.27 0.91 14.83
N SER A 72 -8.86 -0.14 14.31
CA SER A 72 -8.16 -1.45 14.31
C SER A 72 -7.35 -1.66 13.02
N GLY A 73 -6.93 -2.88 12.79
CA GLY A 73 -6.14 -3.18 11.56
C GLY A 73 -6.99 -3.02 10.29
N THR A 74 -8.28 -3.11 10.45
CA THR A 74 -9.19 -2.96 9.28
C THR A 74 -10.18 -1.82 9.50
N ASP A 75 -9.87 -0.97 10.43
CA ASP A 75 -10.78 0.17 10.72
C ASP A 75 -9.99 1.41 11.14
N PHE A 76 -10.33 2.52 10.56
CA PHE A 76 -9.64 3.79 10.90
C PHE A 76 -10.64 4.95 10.89
N THR A 77 -10.69 5.67 11.98
CA THR A 77 -11.65 6.81 12.05
C THR A 77 -10.96 8.13 12.35
N LEU A 78 -11.27 9.14 11.55
CA LEU A 78 -10.65 10.48 11.77
C LEU A 78 -11.55 11.30 12.70
N LYS A 79 -11.36 11.11 13.98
CA LYS A 79 -12.19 11.86 14.96
C LYS A 79 -11.71 13.30 15.14
N ILE A 80 -12.66 14.18 15.29
CA ILE A 80 -12.32 15.63 15.48
C ILE A 80 -13.05 16.14 16.69
N SER A 81 -12.30 16.72 17.59
CA SER A 81 -12.94 17.24 18.82
C SER A 81 -13.96 18.35 18.51
N ARG A 82 -13.50 19.40 17.88
CA ARG A 82 -14.44 20.51 17.55
C ARG A 82 -14.28 20.94 16.10
N VAL A 83 -15.24 20.61 15.30
CA VAL A 83 -15.18 20.97 13.86
C VAL A 83 -15.20 22.50 13.68
N GLU A 84 -14.38 22.98 12.78
CA GLU A 84 -14.31 24.45 12.54
C GLU A 84 -14.73 24.78 11.10
N ALA A 85 -14.80 26.05 10.81
CA ALA A 85 -15.20 26.48 9.44
C ALA A 85 -14.13 26.09 8.42
N GLU A 86 -12.90 26.05 8.87
CA GLU A 86 -11.78 25.69 7.95
C GLU A 86 -11.81 24.19 7.64
N ASP A 87 -12.18 23.41 8.62
CA ASP A 87 -12.24 21.94 8.43
C ASP A 87 -13.14 21.55 7.25
N LEU A 88 -14.14 22.36 7.00
CA LEU A 88 -15.06 22.06 5.86
C LEU A 88 -14.29 21.74 4.59
N GLY A 89 -14.73 20.74 3.88
CA GLY A 89 -14.04 20.35 2.62
C GLY A 89 -14.30 18.88 2.30
N ILE A 90 -13.33 18.24 1.69
CA ILE A 90 -13.49 16.81 1.34
C ILE A 90 -12.37 15.97 1.95
N TYR A 91 -12.73 15.03 2.78
CA TYR A 91 -11.70 14.17 3.43
C TYR A 91 -11.48 12.87 2.65
N PHE A 92 -10.28 12.34 2.76
CA PHE A 92 -9.95 11.08 2.05
C PHE A 92 -9.02 10.19 2.88
N CYS A 93 -8.77 9.01 2.37
CA CYS A 93 -7.87 8.06 3.08
C CYS A 93 -7.26 7.10 2.06
N SER A 94 -6.09 6.59 2.36
CA SER A 94 -5.45 5.63 1.42
C SER A 94 -4.46 4.72 2.13
N GLN A 95 -4.27 3.55 1.59
CA GLN A 95 -3.32 2.59 2.20
C GLN A 95 -2.05 2.44 1.36
N THR A 96 -0.96 2.17 2.03
CA THR A 96 0.33 2.01 1.31
C THR A 96 0.91 0.63 1.59
N THR A 97 0.04 -0.35 1.60
CA THR A 97 0.50 -1.74 1.87
C THR A 97 0.50 -2.58 0.59
N HIS A 98 -0.64 -2.67 -0.05
CA HIS A 98 -0.73 -3.46 -1.31
C HIS A 98 -0.58 -2.57 -2.54
N VAL A 99 -0.40 -3.20 -3.68
CA VAL A 99 -0.24 -2.43 -4.94
C VAL A 99 -1.15 -3.01 -6.04
N PRO A 100 -1.78 -2.14 -6.79
CA PRO A 100 -1.66 -0.67 -6.64
C PRO A 100 -2.35 -0.19 -5.35
N PRO A 101 -1.84 0.90 -4.82
CA PRO A 101 -2.40 1.50 -3.59
C PRO A 101 -3.85 1.93 -3.80
N THR A 102 -4.73 1.40 -3.00
CA THR A 102 -6.17 1.77 -3.14
C THR A 102 -6.52 2.97 -2.26
N PHE A 103 -7.13 3.97 -2.85
CA PHE A 103 -7.50 5.18 -2.07
C PHE A 103 -8.91 5.04 -1.50
N GLY A 104 -9.39 6.08 -0.87
CA GLY A 104 -10.75 6.04 -0.27
C GLY A 104 -11.78 6.57 -1.26
N GLY A 105 -13.01 6.66 -0.82
CA GLY A 105 -14.10 7.16 -1.71
C GLY A 105 -14.14 8.69 -1.72
N GLY A 106 -14.36 9.27 -0.57
CA GLY A 106 -14.43 10.76 -0.47
C GLY A 106 -15.60 11.20 0.40
N THR A 107 -15.30 11.56 1.61
CA THR A 107 -16.38 12.00 2.54
C THR A 107 -16.52 13.53 2.50
N LYS A 108 -17.68 14.00 2.15
CA LYS A 108 -17.89 15.48 2.09
C LYS A 108 -18.27 16.04 3.46
N LEU A 109 -17.64 17.13 3.82
CA LEU A 109 -17.93 17.76 5.13
C LEU A 109 -18.33 19.23 4.93
N GLU A 110 -19.61 19.47 4.92
CA GLU A 110 -20.09 20.87 4.73
C GLU A 110 -20.95 21.32 5.91
N ILE A 111 -20.79 22.56 6.27
CA ILE A 111 -21.59 23.11 7.41
C ILE A 111 -23.08 23.13 7.08
N LYS A 112 -23.89 22.91 8.09
CA LYS A 112 -25.36 22.92 7.88
C LYS A 112 -25.86 24.31 7.48
N ARG A 113 -26.25 24.44 6.25
CA ARG A 113 -26.74 25.74 5.76
C ARG A 113 -28.23 25.91 6.09
N ASP A 1 -4.79 -5.15 -7.63
CA ASP A 1 -5.18 -5.18 -6.20
C ASP A 1 -4.22 -6.01 -5.41
N VAL A 2 -3.94 -5.58 -4.21
CA VAL A 2 -3.00 -6.33 -3.36
C VAL A 2 -3.72 -7.43 -2.59
N VAL A 3 -3.26 -8.64 -2.74
CA VAL A 3 -3.90 -9.78 -2.03
C VAL A 3 -3.56 -9.77 -0.54
N MET A 4 -4.55 -10.03 0.26
CA MET A 4 -4.35 -10.06 1.74
C MET A 4 -4.76 -11.41 2.29
N THR A 5 -3.81 -12.29 2.44
CA THR A 5 -4.13 -13.64 2.97
C THR A 5 -4.29 -13.65 4.48
N GLN A 6 -5.30 -14.34 4.95
CA GLN A 6 -5.55 -14.40 6.41
C GLN A 6 -5.59 -15.85 6.89
N THR A 7 -5.17 -16.06 8.12
CA THR A 7 -5.16 -17.43 8.69
C THR A 7 -5.05 -17.35 10.22
N PRO A 8 -5.49 -18.37 10.89
CA PRO A 8 -6.10 -19.56 10.27
C PRO A 8 -7.55 -19.29 9.88
N LEU A 9 -8.17 -20.28 9.29
CA LEU A 9 -9.58 -20.10 8.88
C LEU A 9 -10.51 -20.23 10.08
N SER A 10 -10.14 -21.07 11.00
CA SER A 10 -10.96 -21.28 12.22
C SER A 10 -10.07 -21.40 13.45
N LEU A 11 -10.62 -21.13 14.61
CA LEU A 11 -9.80 -21.23 15.84
C LEU A 11 -10.62 -21.71 17.04
N PRO A 12 -10.73 -23.01 17.16
CA PRO A 12 -11.50 -23.62 18.27
C PRO A 12 -10.78 -23.38 19.60
N VAL A 13 -11.34 -22.53 20.42
CA VAL A 13 -10.71 -22.24 21.74
C VAL A 13 -11.72 -22.27 22.88
N SER A 14 -11.20 -22.09 24.07
CA SER A 14 -12.08 -22.10 25.26
C SER A 14 -12.26 -20.66 25.76
N LEU A 15 -13.18 -20.47 26.66
CA LEU A 15 -13.40 -19.10 27.19
C LEU A 15 -12.38 -18.76 28.26
N GLY A 16 -11.27 -18.25 27.82
CA GLY A 16 -10.17 -17.88 28.76
C GLY A 16 -8.83 -18.38 28.21
N ASP A 17 -8.57 -18.05 26.98
CA ASP A 17 -7.30 -18.49 26.36
C ASP A 17 -6.74 -17.39 25.45
N GLN A 18 -5.48 -17.52 25.10
CA GLN A 18 -4.86 -16.49 24.21
C GLN A 18 -5.12 -16.83 22.74
N ALA A 19 -5.36 -15.81 21.96
CA ALA A 19 -5.63 -16.04 20.51
C ALA A 19 -4.62 -15.30 19.63
N SER A 20 -4.59 -15.64 18.37
CA SER A 20 -3.64 -14.96 17.44
C SER A 20 -4.04 -15.18 15.98
N ILE A 21 -4.77 -14.24 15.44
CA ILE A 21 -5.19 -14.37 14.01
C ILE A 21 -4.13 -13.79 13.09
N SER A 22 -3.59 -14.63 12.27
CA SER A 22 -2.52 -14.16 11.33
C SER A 22 -3.11 -13.51 10.07
N CYS A 23 -2.30 -12.69 9.45
CA CYS A 23 -2.74 -11.99 8.22
C CYS A 23 -1.51 -11.45 7.45
N ARG A 24 -1.25 -12.00 6.30
CA ARG A 24 -0.09 -11.53 5.51
C ARG A 24 -0.51 -10.96 4.16
N SER A 25 0.18 -9.94 3.72
CA SER A 25 -0.17 -9.32 2.42
C SER A 25 0.82 -9.71 1.33
N SER A 26 0.36 -9.74 0.11
CA SER A 26 1.27 -10.11 -1.01
C SER A 26 2.16 -8.94 -1.40
N GLN A 27 2.01 -7.84 -0.71
CA GLN A 27 2.83 -6.64 -1.00
C GLN A 27 2.91 -5.74 0.23
N SER A 28 4.10 -5.29 0.53
CA SER A 28 4.28 -4.40 1.71
C SER A 28 3.36 -3.18 1.62
N LEU A 29 2.55 -2.99 2.63
CA LEU A 29 1.63 -1.82 2.61
C LEU A 29 2.28 -0.61 3.28
N VAL A 30 3.57 -0.54 3.17
CA VAL A 30 4.30 0.60 3.79
C VAL A 30 4.38 1.78 2.83
N HIS A 31 3.76 2.87 3.21
CA HIS A 31 3.78 4.07 2.33
C HIS A 31 5.21 4.64 2.23
N SER A 32 5.48 5.32 1.15
CA SER A 32 6.84 5.91 0.98
C SER A 32 7.16 6.90 2.09
N ASN A 33 6.14 7.55 2.59
CA ASN A 33 6.39 8.54 3.69
C ASN A 33 6.63 7.84 5.02
N GLY A 34 6.56 6.53 5.01
CA GLY A 34 6.79 5.75 6.26
C GLY A 34 5.49 5.59 7.04
N ASN A 35 4.46 5.14 6.37
CA ASN A 35 3.15 4.95 7.05
C ASN A 35 2.44 3.70 6.53
N THR A 36 2.17 2.79 7.43
CA THR A 36 1.47 1.54 7.02
C THR A 36 0.00 1.60 7.43
N TYR A 37 -0.85 1.84 6.48
CA TYR A 37 -2.31 1.92 6.79
C TYR A 37 -2.96 0.53 6.86
N LEU A 38 -3.11 0.04 8.05
CA LEU A 38 -3.73 -1.31 8.23
C LEU A 38 -4.52 -1.36 9.54
N ASN A 39 -5.66 -1.97 9.48
CA ASN A 39 -6.51 -2.08 10.70
C ASN A 39 -7.18 -3.45 10.79
N TRP A 40 -7.84 -3.66 11.89
CA TRP A 40 -8.55 -4.96 12.11
C TRP A 40 -10.04 -4.74 12.36
N TYR A 41 -10.82 -5.70 11.94
CA TYR A 41 -12.30 -5.59 12.13
C TYR A 41 -12.83 -6.83 12.86
N LEU A 42 -14.01 -6.72 13.38
CA LEU A 42 -14.60 -7.89 14.10
C LEU A 42 -16.13 -7.75 14.15
N GLN A 43 -16.80 -8.68 13.52
CA GLN A 43 -18.28 -8.64 13.53
C GLN A 43 -18.90 -9.98 13.90
N LYS A 44 -20.14 -9.93 14.28
CA LYS A 44 -20.85 -11.18 14.67
C LYS A 44 -21.78 -11.63 13.53
N ALA A 45 -22.94 -12.11 13.89
CA ALA A 45 -23.90 -12.57 12.84
C ALA A 45 -24.51 -11.36 12.12
N GLY A 46 -24.56 -10.25 12.81
CA GLY A 46 -25.13 -9.02 12.20
C GLY A 46 -25.26 -7.91 13.26
N GLN A 47 -24.15 -7.30 13.57
CA GLN A 47 -24.16 -6.21 14.59
C GLN A 47 -23.75 -4.88 13.95
N SER A 48 -23.32 -3.96 14.77
CA SER A 48 -22.91 -2.64 14.24
C SER A 48 -21.42 -2.62 13.87
N PRO A 49 -21.05 -1.66 13.05
CA PRO A 49 -19.65 -1.53 12.61
C PRO A 49 -18.74 -1.27 13.82
N LYS A 50 -17.73 -2.08 13.96
CA LYS A 50 -16.82 -1.89 15.11
C LYS A 50 -15.35 -2.06 14.69
N LEU A 51 -14.53 -1.17 15.17
CA LEU A 51 -13.09 -1.22 14.84
C LEU A 51 -12.28 -1.54 16.09
N LEU A 52 -11.24 -2.31 15.91
CA LEU A 52 -10.39 -2.67 17.08
C LEU A 52 -9.02 -2.02 16.97
N ILE A 53 -8.11 -2.71 16.34
CA ILE A 53 -6.75 -2.14 16.19
C ILE A 53 -6.55 -1.52 14.82
N TYR A 54 -6.01 -0.34 14.81
CA TYR A 54 -5.78 0.36 13.51
C TYR A 54 -4.36 0.95 13.47
N LYS A 55 -4.00 1.48 12.33
CA LYS A 55 -2.64 2.08 12.22
C LYS A 55 -1.59 1.06 12.67
N VAL A 56 -1.88 -0.19 12.38
CA VAL A 56 -0.97 -1.32 12.74
C VAL A 56 -1.05 -1.65 14.23
N SER A 57 -1.17 -0.66 15.08
CA SER A 57 -1.24 -0.96 16.53
C SER A 57 -2.18 -0.03 17.30
N ASN A 58 -2.16 1.24 16.96
CA ASN A 58 -3.07 2.20 17.67
C ASN A 58 -4.43 1.56 17.96
N ARG A 59 -4.79 1.52 19.22
CA ARG A 59 -6.09 0.91 19.59
C ARG A 59 -7.20 1.98 19.63
N PHE A 60 -8.27 1.72 18.92
CA PHE A 60 -9.38 2.71 18.92
C PHE A 60 -9.81 3.02 20.36
N SER A 61 -10.28 4.21 20.59
CA SER A 61 -10.72 4.56 21.98
C SER A 61 -11.77 3.57 22.48
N GLY A 62 -11.42 2.80 23.47
CA GLY A 62 -12.38 1.81 24.03
C GLY A 62 -11.88 0.38 23.79
N VAL A 63 -11.04 0.22 22.81
CA VAL A 63 -10.50 -1.14 22.51
C VAL A 63 -9.81 -1.74 23.75
N PRO A 64 -10.32 -2.87 24.19
CA PRO A 64 -9.76 -3.56 25.35
C PRO A 64 -8.29 -3.90 25.15
N ASP A 65 -7.51 -3.72 26.19
CA ASP A 65 -6.06 -4.02 26.09
C ASP A 65 -5.82 -5.45 25.61
N ARG A 66 -6.81 -6.29 25.81
CA ARG A 66 -6.68 -7.70 25.37
C ARG A 66 -6.40 -7.79 23.87
N PHE A 67 -6.70 -6.73 23.16
CA PHE A 67 -6.46 -6.74 21.69
C PHE A 67 -5.09 -6.16 21.33
N SER A 68 -4.24 -7.00 20.81
CA SER A 68 -2.88 -6.55 20.43
C SER A 68 -2.65 -6.71 18.92
N GLY A 69 -2.97 -5.69 18.19
CA GLY A 69 -2.78 -5.76 16.71
C GLY A 69 -1.42 -5.16 16.34
N SER A 70 -0.66 -5.90 15.57
CA SER A 70 0.70 -5.40 15.16
C SER A 70 1.23 -6.22 13.98
N GLY A 71 2.45 -5.97 13.61
CA GLY A 71 3.04 -6.74 12.47
C GLY A 71 4.08 -5.93 11.70
N SER A 72 4.63 -6.54 10.68
CA SER A 72 5.67 -5.85 9.86
C SER A 72 5.06 -5.13 8.65
N GLY A 73 5.73 -5.19 7.53
CA GLY A 73 5.20 -4.52 6.30
C GLY A 73 4.22 -5.44 5.57
N THR A 74 4.49 -6.72 5.59
CA THR A 74 3.59 -7.69 4.91
C THR A 74 3.08 -8.75 5.86
N ASP A 75 3.29 -8.52 7.12
CA ASP A 75 2.83 -9.50 8.14
C ASP A 75 2.08 -8.81 9.26
N PHE A 76 0.92 -9.34 9.57
CA PHE A 76 0.10 -8.74 10.66
C PHE A 76 -0.63 -9.84 11.42
N THR A 77 -0.80 -9.65 12.71
CA THR A 77 -1.50 -10.68 13.50
C THR A 77 -2.25 -10.07 14.69
N LEU A 78 -3.41 -10.58 14.96
CA LEU A 78 -4.24 -10.07 16.09
C LEU A 78 -4.06 -10.97 17.31
N LYS A 79 -3.28 -10.54 18.25
CA LYS A 79 -3.07 -11.38 19.47
C LYS A 79 -4.04 -10.98 20.57
N ILE A 80 -4.81 -11.93 21.03
CA ILE A 80 -5.79 -11.62 22.11
C ILE A 80 -5.32 -12.21 23.42
N SER A 81 -5.49 -11.45 24.47
CA SER A 81 -5.06 -11.93 25.79
C SER A 81 -6.00 -13.03 26.30
N ARG A 82 -7.20 -12.65 26.65
CA ARG A 82 -8.16 -13.66 27.16
C ARG A 82 -9.44 -13.65 26.33
N VAL A 83 -9.58 -14.64 25.50
CA VAL A 83 -10.79 -14.73 24.63
C VAL A 83 -12.05 -14.91 25.46
N GLU A 84 -12.80 -13.84 25.59
CA GLU A 84 -14.06 -13.90 26.37
C GLU A 84 -15.24 -14.21 25.46
N ALA A 85 -16.39 -14.42 26.04
CA ALA A 85 -17.59 -14.74 25.21
C ALA A 85 -17.82 -13.65 24.15
N GLU A 86 -17.38 -12.46 24.44
CA GLU A 86 -17.56 -11.34 23.48
C GLU A 86 -16.60 -11.46 22.30
N ASP A 87 -15.38 -11.86 22.60
CA ASP A 87 -14.37 -12.00 21.52
C ASP A 87 -14.81 -13.02 20.46
N LEU A 88 -15.87 -13.71 20.73
CA LEU A 88 -16.36 -14.72 19.74
C LEU A 88 -16.91 -14.07 18.48
N GLY A 89 -16.78 -14.76 17.38
CA GLY A 89 -17.27 -14.22 16.08
C GLY A 89 -16.21 -14.43 15.00
N ILE A 90 -16.30 -13.68 13.94
CA ILE A 90 -15.29 -13.84 12.85
C ILE A 90 -14.43 -12.59 12.75
N TYR A 91 -13.14 -12.79 12.62
CA TYR A 91 -12.22 -11.63 12.51
C TYR A 91 -11.82 -11.36 11.07
N PHE A 92 -11.52 -10.13 10.77
CA PHE A 92 -11.12 -9.77 9.39
C PHE A 92 -10.01 -8.72 9.40
N CYS A 93 -9.15 -8.78 8.42
CA CYS A 93 -8.04 -7.80 8.34
C CYS A 93 -8.03 -7.17 6.96
N SER A 94 -7.77 -5.89 6.91
CA SER A 94 -7.75 -5.20 5.60
C SER A 94 -6.68 -4.11 5.57
N GLN A 95 -6.35 -3.66 4.39
CA GLN A 95 -5.33 -2.58 4.28
C GLN A 95 -5.92 -1.32 3.66
N THR A 96 -5.22 -0.24 3.83
CA THR A 96 -5.70 1.06 3.27
C THR A 96 -4.55 1.81 2.61
N THR A 97 -3.63 1.05 2.06
CA THR A 97 -2.44 1.67 1.40
C THR A 97 -2.65 1.71 -0.12
N HIS A 98 -3.30 0.70 -0.63
CA HIS A 98 -3.55 0.65 -2.10
C HIS A 98 -5.02 0.93 -2.43
N VAL A 99 -5.29 1.16 -3.68
CA VAL A 99 -6.70 1.43 -4.09
C VAL A 99 -7.04 0.67 -5.37
N PRO A 100 -8.21 0.07 -5.39
CA PRO A 100 -9.15 0.09 -4.25
C PRO A 100 -8.64 -0.75 -3.08
N PRO A 101 -9.04 -0.37 -1.89
CA PRO A 101 -8.64 -1.08 -0.67
C PRO A 101 -9.03 -2.56 -0.76
N THR A 102 -8.07 -3.42 -0.57
CA THR A 102 -8.39 -4.88 -0.65
C THR A 102 -8.71 -5.47 0.72
N PHE A 103 -9.90 -5.97 0.85
CA PHE A 103 -10.32 -6.57 2.15
C PHE A 103 -10.33 -8.09 2.02
N GLY A 104 -10.77 -8.78 3.04
CA GLY A 104 -10.81 -10.27 2.95
C GLY A 104 -10.45 -10.91 4.29
N GLY A 105 -10.52 -12.21 4.31
CA GLY A 105 -10.20 -12.95 5.56
C GLY A 105 -11.48 -13.51 6.18
N GLY A 106 -11.35 -14.25 7.24
CA GLY A 106 -12.56 -14.81 7.89
C GLY A 106 -12.18 -15.84 8.95
N THR A 107 -11.46 -15.41 9.95
CA THR A 107 -11.07 -16.36 11.02
C THR A 107 -12.24 -16.61 11.95
N LYS A 108 -12.82 -17.77 11.81
CA LYS A 108 -13.98 -18.12 12.67
C LYS A 108 -13.54 -18.47 14.09
N LEU A 109 -13.78 -17.56 15.00
CA LEU A 109 -13.38 -17.79 16.41
C LEU A 109 -14.60 -18.23 17.22
N GLU A 110 -14.79 -19.51 17.27
CA GLU A 110 -15.95 -20.06 18.03
C GLU A 110 -15.48 -20.96 19.16
N ILE A 111 -16.21 -20.94 20.23
CA ILE A 111 -15.83 -21.81 21.38
C ILE A 111 -15.85 -23.27 20.97
N LYS A 112 -14.78 -23.96 21.22
CA LYS A 112 -14.72 -25.39 20.86
C LYS A 112 -15.89 -26.15 21.48
N ARG A 113 -16.58 -26.89 20.66
CA ARG A 113 -17.75 -27.66 21.18
C ARG A 113 -17.34 -29.11 21.46
N ASP A 1 -8.23 -3.77 -6.66
CA ASP A 1 -7.31 -3.26 -5.61
C ASP A 1 -6.55 -2.05 -6.12
N VAL A 2 -5.91 -1.36 -5.22
CA VAL A 2 -5.15 -0.17 -5.63
C VAL A 2 -3.91 -0.56 -6.42
N VAL A 3 -3.80 -0.06 -7.62
CA VAL A 3 -2.61 -0.39 -8.44
C VAL A 3 -1.38 0.38 -7.96
N MET A 4 -0.23 -0.21 -8.09
CA MET A 4 1.02 0.45 -7.64
C MET A 4 2.19 0.05 -8.54
N THR A 5 2.77 1.03 -9.17
CA THR A 5 3.92 0.74 -10.08
C THR A 5 5.19 1.42 -9.58
N GLN A 6 6.21 0.63 -9.36
CA GLN A 6 7.50 1.20 -8.88
C GLN A 6 8.46 1.47 -10.04
N THR A 7 9.24 2.50 -9.89
CA THR A 7 10.22 2.85 -10.96
C THR A 7 11.31 3.76 -10.38
N PRO A 8 12.45 3.79 -11.02
CA PRO A 8 12.73 2.98 -12.22
C PRO A 8 13.00 1.52 -11.87
N LEU A 9 13.17 0.70 -12.87
CA LEU A 9 13.44 -0.74 -12.62
C LEU A 9 14.89 -0.94 -12.21
N SER A 10 15.75 -0.14 -12.77
CA SER A 10 17.21 -0.25 -12.43
C SER A 10 17.81 1.13 -12.22
N LEU A 11 18.92 1.18 -11.53
CA LEU A 11 19.58 2.50 -11.28
C LEU A 11 21.10 2.38 -11.29
N PRO A 12 21.65 2.23 -12.47
CA PRO A 12 23.12 2.10 -12.62
C PRO A 12 23.83 3.40 -12.22
N VAL A 13 24.61 3.33 -11.18
CA VAL A 13 25.33 4.56 -10.72
C VAL A 13 26.72 4.23 -10.20
N SER A 14 27.34 5.24 -9.64
CA SER A 14 28.71 5.06 -9.09
C SER A 14 28.67 5.33 -7.58
N LEU A 15 29.59 4.75 -6.87
CA LEU A 15 29.60 4.98 -5.40
C LEU A 15 29.97 6.43 -5.09
N GLY A 16 28.97 7.25 -5.06
CA GLY A 16 29.19 8.70 -4.76
C GLY A 16 28.22 9.55 -5.58
N ASP A 17 26.97 9.17 -5.56
CA ASP A 17 25.94 9.94 -6.32
C ASP A 17 24.63 9.97 -5.56
N GLN A 18 23.68 10.71 -6.09
CA GLN A 18 22.35 10.80 -5.41
C GLN A 18 21.40 9.75 -5.99
N ALA A 19 20.43 9.36 -5.20
CA ALA A 19 19.45 8.34 -5.68
C ALA A 19 18.03 8.89 -5.59
N SER A 20 17.14 8.30 -6.36
CA SER A 20 15.73 8.78 -6.33
C SER A 20 14.77 7.71 -6.88
N ILE A 21 14.39 6.79 -6.04
CA ILE A 21 13.46 5.72 -6.52
C ILE A 21 12.03 6.24 -6.47
N SER A 22 11.37 6.13 -7.59
CA SER A 22 9.96 6.61 -7.68
C SER A 22 8.94 5.53 -7.30
N CYS A 23 7.80 5.98 -6.85
CA CYS A 23 6.69 5.06 -6.45
C CYS A 23 5.36 5.79 -6.51
N ARG A 24 4.56 5.46 -7.50
CA ARG A 24 3.24 6.13 -7.64
C ARG A 24 2.07 5.15 -7.54
N SER A 25 0.89 5.69 -7.34
CA SER A 25 -0.33 4.83 -7.24
C SER A 25 -1.48 5.45 -8.03
N SER A 26 -2.50 4.67 -8.27
CA SER A 26 -3.66 5.20 -9.04
C SER A 26 -4.57 6.06 -8.16
N GLN A 27 -4.61 5.77 -6.90
CA GLN A 27 -5.47 6.56 -5.98
C GLN A 27 -4.69 7.07 -4.77
N SER A 28 -5.04 8.25 -4.33
CA SER A 28 -4.33 8.83 -3.15
C SER A 28 -4.47 7.90 -1.94
N LEU A 29 -3.36 7.55 -1.35
CA LEU A 29 -3.42 6.65 -0.16
C LEU A 29 -3.76 7.43 1.09
N VAL A 30 -4.55 8.46 0.93
CA VAL A 30 -4.95 9.28 2.10
C VAL A 30 -6.23 8.72 2.73
N HIS A 31 -6.36 8.86 4.02
CA HIS A 31 -7.58 8.34 4.69
C HIS A 31 -8.57 9.47 5.00
N SER A 32 -9.77 9.11 5.37
CA SER A 32 -10.79 10.15 5.68
C SER A 32 -10.31 11.10 6.76
N ASN A 33 -9.58 10.57 7.72
CA ASN A 33 -9.07 11.44 8.82
C ASN A 33 -8.00 12.41 8.29
N GLY A 34 -7.43 12.09 7.16
CA GLY A 34 -6.39 12.98 6.58
C GLY A 34 -4.99 12.39 6.77
N ASN A 35 -4.92 11.13 7.12
CA ASN A 35 -3.60 10.48 7.33
C ASN A 35 -3.24 9.54 6.19
N THR A 36 -2.00 9.58 5.78
CA THR A 36 -1.55 8.70 4.66
C THR A 36 -0.64 7.61 5.20
N TYR A 37 -0.72 6.44 4.62
CA TYR A 37 0.15 5.32 5.10
C TYR A 37 0.96 4.69 3.97
N LEU A 38 2.24 4.97 3.98
CA LEU A 38 3.14 4.41 2.93
C LEU A 38 4.53 4.17 3.51
N ASN A 39 5.09 3.02 3.22
CA ASN A 39 6.45 2.71 3.77
C ASN A 39 7.41 2.24 2.69
N TRP A 40 8.68 2.30 3.00
CA TRP A 40 9.72 1.86 2.04
C TRP A 40 10.46 0.64 2.59
N TYR A 41 11.11 -0.10 1.73
CA TYR A 41 11.85 -1.30 2.21
C TYR A 41 13.10 -1.57 1.38
N LEU A 42 14.21 -1.70 2.04
CA LEU A 42 15.49 -1.97 1.32
C LEU A 42 16.05 -3.32 1.76
N GLN A 43 16.00 -4.28 0.88
CA GLN A 43 16.53 -5.62 1.23
C GLN A 43 17.66 -6.06 0.30
N LYS A 44 18.52 -6.88 0.82
CA LYS A 44 19.67 -7.38 0.01
C LYS A 44 19.83 -8.88 0.25
N ALA A 45 20.87 -9.27 0.93
CA ALA A 45 21.10 -10.71 1.20
C ALA A 45 20.41 -11.09 2.52
N GLY A 46 21.17 -11.12 3.58
CA GLY A 46 20.58 -11.48 4.90
C GLY A 46 20.22 -10.20 5.66
N GLN A 47 19.54 -9.31 4.98
CA GLN A 47 19.15 -8.02 5.62
C GLN A 47 17.64 -7.80 5.56
N SER A 48 16.93 -8.83 5.17
CA SER A 48 15.43 -8.73 5.08
C SER A 48 14.85 -7.77 6.13
N PRO A 49 15.10 -8.04 7.40
CA PRO A 49 14.58 -7.17 8.48
C PRO A 49 15.17 -5.76 8.39
N LYS A 50 14.57 -4.94 7.58
CA LYS A 50 15.07 -3.54 7.42
C LYS A 50 13.93 -2.57 7.11
N LEU A 51 14.17 -1.32 7.36
CA LEU A 51 13.12 -0.29 7.10
C LEU A 51 13.74 1.11 7.12
N LEU A 52 13.38 1.93 6.17
CA LEU A 52 13.94 3.30 6.12
C LEU A 52 12.87 4.33 6.46
N ILE A 53 11.84 4.35 5.66
CA ILE A 53 10.73 5.33 5.90
C ILE A 53 9.41 4.57 6.14
N TYR A 54 8.62 5.03 7.07
CA TYR A 54 7.33 4.34 7.34
C TYR A 54 6.13 5.26 7.15
N LYS A 55 6.37 6.48 6.76
CA LYS A 55 5.24 7.43 6.56
C LYS A 55 5.61 8.51 5.54
N VAL A 56 6.10 8.05 4.41
CA VAL A 56 6.52 8.97 3.29
C VAL A 56 7.70 9.86 3.68
N SER A 57 7.56 10.65 4.71
CA SER A 57 8.69 11.54 5.15
C SER A 57 9.00 11.33 6.62
N ASN A 58 9.23 10.08 6.98
CA ASN A 58 9.56 9.77 8.40
C ASN A 58 10.54 8.61 8.49
N ARG A 59 11.76 8.94 8.80
CA ARG A 59 12.80 7.88 8.93
C ARG A 59 12.57 7.04 10.17
N PHE A 60 12.92 5.78 10.09
CA PHE A 60 12.74 4.89 11.26
C PHE A 60 13.94 4.96 12.21
N SER A 61 13.80 4.39 13.36
CA SER A 61 14.93 4.41 14.34
C SER A 61 16.17 3.74 13.77
N GLY A 62 17.29 4.42 13.85
CA GLY A 62 18.56 3.85 13.32
C GLY A 62 18.80 4.28 11.87
N VAL A 63 17.73 4.60 11.19
CA VAL A 63 17.86 5.03 9.77
C VAL A 63 18.66 6.34 9.65
N PRO A 64 19.82 6.26 9.01
CA PRO A 64 20.68 7.43 8.83
C PRO A 64 20.00 8.52 7.99
N ASP A 65 20.39 9.75 8.23
CA ASP A 65 19.80 10.88 7.48
C ASP A 65 20.00 10.71 5.97
N ARG A 66 20.95 9.86 5.62
CA ARG A 66 21.23 9.62 4.18
C ARG A 66 19.97 9.23 3.41
N PHE A 67 18.91 8.95 4.13
CA PHE A 67 17.63 8.57 3.45
C PHE A 67 16.52 9.59 3.72
N SER A 68 15.94 10.07 2.65
CA SER A 68 14.85 11.07 2.79
C SER A 68 13.72 10.78 1.80
N GLY A 69 12.56 10.52 2.31
CA GLY A 69 11.40 10.22 1.42
C GLY A 69 10.34 11.32 1.49
N SER A 70 9.52 11.38 0.48
CA SER A 70 8.44 12.41 0.45
C SER A 70 7.32 11.98 -0.48
N GLY A 71 6.27 12.76 -0.54
CA GLY A 71 5.13 12.39 -1.44
C GLY A 71 3.87 13.19 -1.09
N SER A 72 3.05 13.39 -2.07
CA SER A 72 1.79 14.15 -1.84
C SER A 72 0.62 13.21 -1.54
N GLY A 73 0.16 12.50 -2.54
CA GLY A 73 -0.98 11.56 -2.33
C GLY A 73 -0.78 10.28 -3.17
N THR A 74 -0.48 10.46 -4.43
CA THR A 74 -0.26 9.28 -5.32
C THR A 74 1.17 9.23 -5.83
N ASP A 75 2.01 10.03 -5.22
CA ASP A 75 3.44 10.06 -5.63
C ASP A 75 4.37 10.00 -4.42
N PHE A 76 5.29 9.08 -4.47
CA PHE A 76 6.24 8.92 -3.35
C PHE A 76 7.61 8.51 -3.90
N THR A 77 8.63 9.19 -3.49
CA THR A 77 9.99 8.84 -3.99
C THR A 77 11.04 8.82 -2.87
N LEU A 78 11.91 7.84 -2.93
CA LEU A 78 12.97 7.71 -1.90
C LEU A 78 14.27 8.30 -2.46
N LYS A 79 14.73 9.36 -1.85
CA LYS A 79 15.99 9.99 -2.34
C LYS A 79 17.16 9.78 -1.38
N ILE A 80 18.31 9.54 -1.94
CA ILE A 80 19.53 9.32 -1.11
C ILE A 80 20.58 10.35 -1.45
N SER A 81 21.20 10.88 -0.44
CA SER A 81 22.24 11.91 -0.70
C SER A 81 23.49 11.32 -1.35
N ARG A 82 24.16 10.45 -0.64
CA ARG A 82 25.39 9.82 -1.20
C ARG A 82 25.29 8.31 -1.19
N VAL A 83 25.06 7.75 -2.34
CA VAL A 83 24.95 6.27 -2.45
C VAL A 83 26.29 5.60 -2.19
N GLU A 84 26.37 4.88 -1.10
CA GLU A 84 27.63 4.18 -0.75
C GLU A 84 27.58 2.71 -1.20
N ALA A 85 28.26 1.86 -0.48
CA ALA A 85 28.25 0.42 -0.86
C ALA A 85 27.08 -0.33 -0.21
N GLU A 86 26.68 0.13 0.94
CA GLU A 86 25.54 -0.53 1.64
C GLU A 86 24.22 -0.18 0.97
N ASP A 87 24.14 1.02 0.45
CA ASP A 87 22.89 1.46 -0.22
C ASP A 87 22.58 0.58 -1.44
N LEU A 88 23.57 -0.16 -1.87
CA LEU A 88 23.37 -1.06 -3.04
C LEU A 88 22.39 -2.19 -2.71
N GLY A 89 21.65 -2.61 -3.70
CA GLY A 89 20.68 -3.72 -3.48
C GLY A 89 19.38 -3.44 -4.24
N ILE A 90 18.30 -3.98 -3.76
CA ILE A 90 16.99 -3.75 -4.43
C ILE A 90 16.03 -3.01 -3.50
N TYR A 91 15.55 -1.89 -3.96
CA TYR A 91 14.61 -1.09 -3.12
C TYR A 91 13.15 -1.45 -3.39
N PHE A 92 12.32 -1.21 -2.40
CA PHE A 92 10.88 -1.52 -2.55
C PHE A 92 10.02 -0.51 -1.79
N CYS A 93 8.74 -0.53 -2.06
CA CYS A 93 7.82 0.41 -1.36
C CYS A 93 6.40 -0.14 -1.39
N SER A 94 5.66 0.11 -0.35
CA SER A 94 4.27 -0.40 -0.30
C SER A 94 3.33 0.59 0.40
N GLN A 95 2.05 0.30 0.32
CA GLN A 95 1.05 1.19 0.96
C GLN A 95 0.33 0.45 2.09
N THR A 96 -0.11 1.18 3.06
CA THR A 96 -0.83 0.55 4.21
C THR A 96 -2.21 1.16 4.36
N THR A 97 -2.66 1.81 3.33
CA THR A 97 -4.00 2.45 3.36
C THR A 97 -5.08 1.50 2.85
N HIS A 98 -4.66 0.54 2.06
CA HIS A 98 -5.64 -0.44 1.51
C HIS A 98 -5.26 -1.87 1.90
N VAL A 99 -6.24 -2.59 2.37
CA VAL A 99 -5.99 -4.00 2.78
C VAL A 99 -6.75 -4.98 1.88
N PRO A 100 -6.11 -6.07 1.51
CA PRO A 100 -4.72 -6.38 1.93
C PRO A 100 -3.70 -5.47 1.23
N PRO A 101 -2.53 -5.37 1.82
CA PRO A 101 -1.45 -4.54 1.28
C PRO A 101 -1.01 -5.04 -0.10
N THR A 102 -0.67 -4.12 -0.96
CA THR A 102 -0.24 -4.53 -2.33
C THR A 102 1.23 -4.97 -2.34
N PHE A 103 2.10 -4.04 -2.03
CA PHE A 103 3.55 -4.35 -2.00
C PHE A 103 4.06 -4.78 -3.38
N GLY A 104 5.34 -4.64 -3.60
CA GLY A 104 5.93 -5.03 -4.92
C GLY A 104 7.06 -4.08 -5.31
N GLY A 105 7.35 -4.03 -6.58
CA GLY A 105 8.44 -3.14 -7.07
C GLY A 105 9.76 -3.91 -7.16
N GLY A 106 10.85 -3.19 -7.10
CA GLY A 106 12.17 -3.88 -7.18
C GLY A 106 13.18 -3.05 -7.97
N THR A 107 13.49 -1.89 -7.45
CA THR A 107 14.48 -1.02 -8.17
C THR A 107 15.88 -1.54 -7.92
N LYS A 108 16.47 -2.12 -8.94
CA LYS A 108 17.85 -2.65 -8.80
C LYS A 108 18.91 -1.56 -8.83
N LEU A 109 19.48 -1.29 -7.68
CA LEU A 109 20.52 -0.24 -7.59
C LEU A 109 21.90 -0.89 -7.54
N GLU A 110 22.41 -1.20 -8.71
CA GLU A 110 23.75 -1.83 -8.78
C GLU A 110 24.78 -0.87 -9.37
N ILE A 111 26.00 -0.99 -8.93
CA ILE A 111 27.06 -0.10 -9.44
C ILE A 111 27.35 -0.37 -10.92
N LYS A 112 27.37 0.68 -11.70
CA LYS A 112 27.64 0.52 -13.14
C LYS A 112 29.07 0.06 -13.35
N ARG A 113 29.22 -1.13 -13.89
CA ARG A 113 30.59 -1.66 -14.13
C ARG A 113 30.72 -2.19 -15.57
N ASP A 1 -8.81 -3.60 -6.55
CA ASP A 1 -8.02 -3.15 -5.36
C ASP A 1 -7.65 -1.69 -5.50
N VAL A 2 -7.07 -1.17 -4.47
CA VAL A 2 -6.67 0.27 -4.53
C VAL A 2 -5.43 0.47 -5.40
N VAL A 3 -5.51 1.41 -6.30
CA VAL A 3 -4.35 1.69 -7.20
C VAL A 3 -3.42 2.75 -6.60
N MET A 4 -2.19 2.76 -7.04
CA MET A 4 -1.22 3.75 -6.51
C MET A 4 -0.31 4.29 -7.62
N THR A 5 -0.48 5.55 -7.93
CA THR A 5 0.36 6.17 -9.00
C THR A 5 1.74 6.54 -8.45
N GLN A 6 2.76 5.83 -8.89
CA GLN A 6 4.13 6.13 -8.40
C GLN A 6 4.88 7.04 -9.37
N THR A 7 5.42 8.11 -8.84
CA THR A 7 6.18 9.07 -9.69
C THR A 7 7.05 9.97 -8.82
N PRO A 8 8.11 10.52 -9.38
CA PRO A 8 8.51 10.25 -10.77
C PRO A 8 9.27 8.94 -10.89
N LEU A 9 9.64 8.59 -12.08
CA LEU A 9 10.40 7.32 -12.28
C LEU A 9 11.88 7.56 -12.03
N SER A 10 12.34 8.73 -12.40
CA SER A 10 13.78 9.08 -12.20
C SER A 10 13.90 10.47 -11.60
N LEU A 11 15.01 10.73 -10.96
CA LEU A 11 15.20 12.07 -10.34
C LEU A 11 16.67 12.53 -10.44
N PRO A 12 17.04 12.96 -11.62
CA PRO A 12 18.41 13.44 -11.86
C PRO A 12 18.63 14.77 -11.13
N VAL A 13 19.15 14.69 -9.94
CA VAL A 13 19.39 15.93 -9.16
C VAL A 13 20.88 16.18 -8.92
N SER A 14 21.15 17.22 -8.18
CA SER A 14 22.56 17.57 -7.87
C SER A 14 22.81 17.37 -6.37
N LEU A 15 24.03 17.08 -6.01
CA LEU A 15 24.33 16.88 -4.57
C LEU A 15 24.21 18.18 -3.79
N GLY A 16 23.01 18.42 -3.32
CA GLY A 16 22.76 19.67 -2.53
C GLY A 16 21.36 20.22 -2.83
N ASP A 17 20.73 19.69 -3.84
CA ASP A 17 19.36 20.16 -4.20
C ASP A 17 18.30 19.53 -3.30
N GLN A 18 17.06 19.70 -3.66
CA GLN A 18 15.96 19.12 -2.83
C GLN A 18 15.30 17.95 -3.56
N ALA A 19 14.50 17.18 -2.85
CA ALA A 19 13.83 16.02 -3.50
C ALA A 19 12.33 16.03 -3.21
N SER A 20 11.60 15.28 -4.00
CA SER A 20 10.12 15.23 -3.80
C SER A 20 9.52 13.99 -4.49
N ILE A 21 9.71 12.85 -3.89
CA ILE A 21 9.15 11.61 -4.51
C ILE A 21 7.64 11.58 -4.34
N SER A 22 6.93 11.26 -5.39
CA SER A 22 5.45 11.21 -5.29
C SER A 22 4.90 9.79 -5.23
N CYS A 23 3.87 9.61 -4.45
CA CYS A 23 3.23 8.28 -4.29
C CYS A 23 1.74 8.47 -4.06
N ARG A 24 1.02 8.66 -5.14
CA ARG A 24 -0.46 8.87 -5.01
C ARG A 24 -1.23 7.57 -4.85
N SER A 25 -2.49 7.72 -4.50
CA SER A 25 -3.38 6.54 -4.30
C SER A 25 -4.74 6.80 -4.95
N SER A 26 -5.41 5.75 -5.32
CA SER A 26 -6.75 5.93 -5.95
C SER A 26 -7.76 6.49 -4.96
N GLN A 27 -7.83 5.87 -3.81
CA GLN A 27 -8.79 6.34 -2.77
C GLN A 27 -8.04 6.76 -1.51
N SER A 28 -8.73 7.42 -0.62
CA SER A 28 -8.09 7.87 0.64
C SER A 28 -7.69 6.67 1.50
N LEU A 29 -6.42 6.58 1.83
CA LEU A 29 -5.97 5.44 2.67
C LEU A 29 -6.29 5.68 4.14
N VAL A 30 -7.38 6.36 4.39
CA VAL A 30 -7.76 6.64 5.81
C VAL A 30 -8.80 5.61 6.28
N HIS A 31 -8.56 5.05 7.43
CA HIS A 31 -9.51 4.05 7.98
C HIS A 31 -10.67 4.70 8.72
N SER A 32 -11.69 3.93 9.01
CA SER A 32 -12.87 4.48 9.73
C SER A 32 -12.48 5.08 11.09
N ASN A 33 -11.42 4.58 11.66
CA ASN A 33 -10.98 5.12 12.98
C ASN A 33 -10.21 6.43 12.80
N GLY A 34 -9.88 6.75 11.58
CA GLY A 34 -9.14 8.01 11.31
C GLY A 34 -7.62 7.78 11.23
N ASN A 35 -7.20 6.55 11.42
CA ASN A 35 -5.74 6.26 11.36
C ASN A 35 -5.30 6.03 9.91
N THR A 36 -4.10 6.48 9.61
CA THR A 36 -3.57 6.29 8.23
C THR A 36 -2.59 5.11 8.19
N TYR A 37 -2.42 4.53 7.03
CA TYR A 37 -1.49 3.38 6.93
C TYR A 37 -0.63 3.45 5.66
N LEU A 38 0.51 4.08 5.78
CA LEU A 38 1.42 4.20 4.59
C LEU A 38 2.85 4.42 5.04
N ASN A 39 3.76 3.71 4.43
CA ASN A 39 5.20 3.87 4.82
C ASN A 39 6.08 4.09 3.59
N TRP A 40 7.29 4.49 3.83
CA TRP A 40 8.24 4.74 2.71
C TRP A 40 9.42 3.77 2.78
N TYR A 41 10.18 3.71 1.73
CA TYR A 41 11.35 2.78 1.72
C TYR A 41 12.52 3.35 0.90
N LEU A 42 13.69 2.84 1.17
CA LEU A 42 14.91 3.30 0.45
C LEU A 42 15.92 2.16 0.39
N GLN A 43 16.48 1.92 -0.77
CA GLN A 43 17.47 0.82 -0.88
C GLN A 43 18.70 1.27 -1.67
N LYS A 44 19.80 0.61 -1.41
CA LYS A 44 21.05 0.97 -2.12
C LYS A 44 21.45 -0.14 -3.11
N ALA A 45 22.68 -0.58 -3.04
CA ALA A 45 23.13 -1.65 -3.97
C ALA A 45 22.69 -3.03 -3.48
N GLY A 46 23.02 -3.34 -2.25
CA GLY A 46 22.62 -4.68 -1.70
C GLY A 46 22.73 -4.68 -0.18
N GLN A 47 22.27 -3.60 0.41
CA GLN A 47 22.33 -3.49 1.90
C GLN A 47 20.95 -3.77 2.51
N SER A 48 20.90 -3.76 3.82
CA SER A 48 19.60 -4.02 4.51
C SER A 48 18.58 -2.94 4.13
N PRO A 49 17.31 -3.30 4.20
CA PRO A 49 16.23 -2.37 3.87
C PRO A 49 16.27 -1.12 4.77
N LYS A 50 15.95 0.02 4.21
CA LYS A 50 15.97 1.27 5.00
C LYS A 50 14.59 1.92 5.06
N LEU A 51 14.21 2.35 6.23
CA LEU A 51 12.87 3.01 6.41
C LEU A 51 13.04 4.44 6.90
N LEU A 52 12.44 5.37 6.18
CA LEU A 52 12.54 6.80 6.58
C LEU A 52 11.27 7.23 7.32
N ILE A 53 10.15 6.92 6.72
CA ILE A 53 8.84 7.28 7.33
C ILE A 53 7.93 6.06 7.35
N TYR A 54 7.25 5.84 8.44
CA TYR A 54 6.34 4.66 8.51
C TYR A 54 4.88 5.09 8.66
N LYS A 55 4.69 6.35 8.90
CA LYS A 55 3.31 6.89 9.06
C LYS A 55 3.25 8.30 8.50
N VAL A 56 2.74 8.41 7.28
CA VAL A 56 2.62 9.73 6.59
C VAL A 56 3.86 10.64 6.76
N SER A 57 4.07 11.17 7.95
CA SER A 57 5.26 12.04 8.17
C SER A 57 6.15 11.50 9.30
N ASN A 58 5.54 10.75 10.18
CA ASN A 58 6.30 10.17 11.33
C ASN A 58 7.61 9.51 10.89
N ARG A 59 8.70 10.17 11.21
CA ARG A 59 10.03 9.62 10.83
C ARG A 59 10.46 8.51 11.79
N PHE A 60 11.36 7.68 11.36
CA PHE A 60 11.82 6.57 12.23
C PHE A 60 12.90 7.06 13.22
N SER A 61 13.05 6.34 14.29
CA SER A 61 14.06 6.72 15.32
C SER A 61 15.48 6.63 14.73
N GLY A 62 15.90 7.69 14.09
CA GLY A 62 17.25 7.70 13.49
C GLY A 62 17.24 8.46 12.15
N VAL A 63 16.07 8.82 11.72
CA VAL A 63 15.95 9.56 10.42
C VAL A 63 16.08 11.08 10.67
N PRO A 64 17.10 11.66 10.08
CA PRO A 64 17.35 13.11 10.22
C PRO A 64 16.19 13.94 9.67
N ASP A 65 16.03 15.13 10.21
CA ASP A 65 14.93 16.02 9.75
C ASP A 65 15.02 16.31 8.26
N ARG A 66 16.11 15.90 7.65
CA ARG A 66 16.27 16.15 6.20
C ARG A 66 15.16 15.45 5.42
N PHE A 67 14.68 14.37 5.97
CA PHE A 67 13.59 13.60 5.30
C PHE A 67 12.23 13.94 5.89
N SER A 68 11.29 14.25 5.04
CA SER A 68 9.93 14.60 5.55
C SER A 68 8.86 14.04 4.63
N GLY A 69 7.85 13.46 5.22
CA GLY A 69 6.74 12.88 4.39
C GLY A 69 5.43 13.61 4.68
N SER A 70 4.71 13.93 3.65
CA SER A 70 3.41 14.64 3.85
C SER A 70 2.51 14.45 2.63
N GLY A 71 1.36 15.06 2.68
CA GLY A 71 0.41 14.95 1.53
C GLY A 71 -1.00 14.66 2.05
N SER A 72 -1.92 14.49 1.15
CA SER A 72 -3.33 14.21 1.58
C SER A 72 -3.56 12.70 1.73
N GLY A 73 -4.76 12.33 2.07
CA GLY A 73 -5.07 10.88 2.24
C GLY A 73 -4.89 10.16 0.90
N THR A 74 -4.83 10.93 -0.15
CA THR A 74 -4.66 10.33 -1.51
C THR A 74 -3.38 10.84 -2.16
N ASP A 75 -2.52 11.38 -1.34
CA ASP A 75 -1.24 11.91 -1.88
C ASP A 75 -0.15 11.88 -0.82
N PHE A 76 0.95 11.24 -1.14
CA PHE A 76 2.07 11.15 -0.18
C PHE A 76 3.38 11.46 -0.90
N THR A 77 4.17 12.32 -0.34
CA THR A 77 5.47 12.66 -0.99
C THR A 77 6.64 12.60 -0.03
N LEU A 78 7.78 12.22 -0.56
CA LEU A 78 9.02 12.12 0.27
C LEU A 78 9.92 13.30 -0.08
N LYS A 79 9.84 14.34 0.72
CA LYS A 79 10.68 15.53 0.46
C LYS A 79 11.99 15.50 1.24
N ILE A 80 13.04 15.93 0.58
CA ILE A 80 14.37 15.96 1.24
C ILE A 80 14.95 17.35 1.14
N SER A 81 15.47 17.82 2.24
CA SER A 81 16.04 19.18 2.22
C SER A 81 17.24 19.27 1.31
N ARG A 82 18.27 18.53 1.61
CA ARG A 82 19.48 18.56 0.75
C ARG A 82 19.88 17.14 0.37
N VAL A 83 19.67 16.81 -0.87
CA VAL A 83 20.03 15.45 -1.36
C VAL A 83 21.54 15.26 -1.35
N GLU A 84 22.00 14.51 -0.40
CA GLU A 84 23.46 14.25 -0.29
C GLU A 84 23.83 12.98 -1.07
N ALA A 85 25.00 12.47 -0.81
CA ALA A 85 25.43 11.23 -1.52
C ALA A 85 24.78 9.98 -0.92
N GLU A 86 24.42 10.05 0.34
CA GLU A 86 23.78 8.86 0.97
C GLU A 86 22.32 8.71 0.54
N ASP A 87 21.69 9.83 0.27
CA ASP A 87 20.26 9.77 -0.15
C ASP A 87 20.11 9.05 -1.50
N LEU A 88 21.18 9.03 -2.25
CA LEU A 88 21.14 8.35 -3.58
C LEU A 88 20.72 6.89 -3.46
N GLY A 89 20.18 6.36 -4.52
CA GLY A 89 19.75 4.94 -4.50
C GLY A 89 18.34 4.80 -5.10
N ILE A 90 17.60 3.84 -4.62
CA ILE A 90 16.23 3.63 -5.13
C ILE A 90 15.21 3.86 -4.02
N TYR A 91 14.12 4.51 -4.35
CA TYR A 91 13.07 4.78 -3.32
C TYR A 91 11.77 4.08 -3.64
N PHE A 92 11.02 3.76 -2.61
CA PHE A 92 9.71 3.07 -2.80
C PHE A 92 8.73 3.45 -1.69
N CYS A 93 7.52 2.99 -1.81
CA CYS A 93 6.49 3.31 -0.78
C CYS A 93 5.43 2.20 -0.72
N SER A 94 4.72 2.12 0.36
CA SER A 94 3.67 1.06 0.47
C SER A 94 2.54 1.48 1.39
N GLN A 95 1.44 0.75 1.32
CA GLN A 95 0.28 1.09 2.17
C GLN A 95 -0.15 -0.11 3.00
N THR A 96 -0.74 0.16 4.12
CA THR A 96 -1.20 -0.93 5.02
C THR A 96 -2.68 -0.71 5.34
N THR A 97 -3.43 -0.39 4.33
CA THR A 97 -4.90 -0.14 4.53
C THR A 97 -5.74 -1.28 3.94
N HIS A 98 -5.41 -1.69 2.74
CA HIS A 98 -6.18 -2.80 2.12
C HIS A 98 -5.39 -4.10 2.10
N VAL A 99 -6.09 -5.20 1.93
CA VAL A 99 -5.40 -6.52 1.90
C VAL A 99 -5.72 -7.28 0.61
N PRO A 100 -4.69 -7.80 -0.04
CA PRO A 100 -3.30 -7.65 0.42
C PRO A 100 -2.80 -6.21 0.24
N PRO A 101 -1.84 -5.82 1.04
CA PRO A 101 -1.28 -4.46 0.97
C PRO A 101 -0.68 -4.20 -0.41
N THR A 102 -1.02 -3.07 -0.98
CA THR A 102 -0.48 -2.75 -2.32
C THR A 102 0.89 -2.07 -2.23
N PHE A 103 1.83 -2.62 -2.95
CA PHE A 103 3.21 -2.05 -2.93
C PHE A 103 3.50 -1.33 -4.25
N GLY A 104 4.41 -0.39 -4.19
CA GLY A 104 4.75 0.36 -5.45
C GLY A 104 5.93 1.31 -5.20
N GLY A 105 6.35 1.98 -6.24
CA GLY A 105 7.48 2.93 -6.09
C GLY A 105 8.68 2.46 -6.93
N GLY A 106 9.63 3.33 -7.08
CA GLY A 106 10.84 2.96 -7.88
C GLY A 106 11.52 4.21 -8.44
N THR A 107 11.56 5.23 -7.65
CA THR A 107 12.20 6.49 -8.12
C THR A 107 13.71 6.36 -8.04
N LYS A 108 14.36 6.42 -9.18
CA LYS A 108 15.84 6.31 -9.19
C LYS A 108 16.51 7.66 -8.91
N LEU A 109 17.06 7.78 -7.74
CA LEU A 109 17.74 9.05 -7.38
C LEU A 109 19.22 8.98 -7.73
N GLU A 110 19.54 9.36 -8.93
CA GLU A 110 20.95 9.33 -9.38
C GLU A 110 21.45 10.75 -9.65
N ILE A 111 22.69 10.99 -9.32
CA ILE A 111 23.25 12.35 -9.56
C ILE A 111 23.44 12.61 -11.05
N LYS A 112 23.14 13.80 -11.48
CA LYS A 112 23.31 14.14 -12.91
C LYS A 112 24.79 14.19 -13.28
N ARG A 113 25.05 14.43 -14.53
CA ARG A 113 26.46 14.50 -14.99
C ARG A 113 26.63 15.60 -16.04
N ASP A 1 -4.82 -4.21 0.01
CA ASP A 1 -4.87 -4.05 -1.47
C ASP A 1 -3.49 -4.25 -2.06
N VAL A 2 -3.44 -4.36 -3.36
CA VAL A 2 -2.13 -4.56 -4.01
C VAL A 2 -1.34 -3.25 -4.05
N VAL A 3 -0.05 -3.37 -4.03
CA VAL A 3 0.82 -2.15 -4.07
C VAL A 3 1.29 -1.86 -5.49
N MET A 4 1.70 -0.63 -5.70
CA MET A 4 2.19 -0.24 -7.06
C MET A 4 3.26 0.85 -6.96
N THR A 5 4.46 0.50 -7.33
CA THR A 5 5.57 1.49 -7.28
C THR A 5 5.85 2.05 -8.66
N GLN A 6 5.81 3.35 -8.76
CA GLN A 6 6.07 3.99 -10.09
C GLN A 6 7.40 4.75 -10.08
N THR A 7 8.16 4.57 -11.12
CA THR A 7 9.48 5.26 -11.22
C THR A 7 9.93 5.30 -12.68
N PRO A 8 10.81 6.21 -12.99
CA PRO A 8 11.33 7.20 -12.02
C PRO A 8 10.33 8.34 -11.80
N LEU A 9 10.67 9.23 -10.91
CA LEU A 9 9.76 10.37 -10.63
C LEU A 9 9.92 11.44 -11.72
N SER A 10 11.15 11.66 -12.11
CA SER A 10 11.43 12.66 -13.16
C SER A 10 12.37 12.06 -14.22
N LEU A 11 12.26 12.54 -15.43
CA LEU A 11 13.13 12.00 -16.50
C LEU A 11 13.57 13.09 -17.49
N PRO A 12 14.59 13.83 -17.11
CA PRO A 12 15.11 14.91 -17.97
C PRO A 12 15.76 14.32 -19.22
N VAL A 13 15.11 14.48 -20.34
CA VAL A 13 15.67 13.93 -21.61
C VAL A 13 15.70 14.98 -22.72
N SER A 14 16.21 14.56 -23.84
CA SER A 14 16.30 15.47 -25.01
C SER A 14 15.30 15.05 -26.10
N LEU A 15 14.96 15.97 -26.95
CA LEU A 15 13.99 15.65 -28.02
C LEU A 15 14.64 14.76 -29.07
N GLY A 16 14.55 13.48 -28.83
CA GLY A 16 15.15 12.50 -29.79
C GLY A 16 15.68 11.27 -29.05
N ASP A 17 15.74 11.36 -27.75
CA ASP A 17 16.25 10.21 -26.95
C ASP A 17 15.16 9.16 -26.74
N GLN A 18 15.43 8.23 -25.86
CA GLN A 18 14.43 7.15 -25.59
C GLN A 18 13.87 7.28 -24.17
N ALA A 19 12.69 6.75 -23.96
CA ALA A 19 12.08 6.83 -22.61
C ALA A 19 11.96 5.43 -22.00
N SER A 20 11.76 5.39 -20.70
CA SER A 20 11.63 4.08 -20.01
C SER A 20 10.99 4.23 -18.63
N ILE A 21 9.70 4.45 -18.62
CA ILE A 21 9.02 4.61 -17.31
C ILE A 21 8.75 3.25 -16.68
N SER A 22 9.28 3.04 -15.51
CA SER A 22 9.08 1.74 -14.82
C SER A 22 7.81 1.71 -13.94
N CYS A 23 7.35 0.51 -13.71
CA CYS A 23 6.12 0.30 -12.88
C CYS A 23 6.09 -1.14 -12.36
N ARG A 24 6.32 -1.31 -11.09
CA ARG A 24 6.31 -2.69 -10.52
C ARG A 24 5.15 -2.90 -9.55
N SER A 25 4.77 -4.15 -9.40
CA SER A 25 3.65 -4.47 -8.48
C SER A 25 4.07 -5.56 -7.49
N SER A 26 3.67 -5.42 -6.26
CA SER A 26 4.05 -6.44 -5.24
C SER A 26 3.66 -7.85 -5.69
N GLN A 27 2.41 -8.02 -6.04
CA GLN A 27 1.94 -9.36 -6.49
C GLN A 27 1.73 -9.39 -8.00
N SER A 28 1.85 -10.57 -8.57
CA SER A 28 1.65 -10.71 -10.04
C SER A 28 0.22 -10.35 -10.42
N LEU A 29 0.07 -9.38 -11.28
CA LEU A 29 -1.30 -8.97 -11.69
C LEU A 29 -1.90 -9.97 -12.67
N VAL A 30 -1.49 -11.20 -12.54
CA VAL A 30 -2.01 -12.27 -13.45
C VAL A 30 -3.25 -12.92 -12.84
N HIS A 31 -4.18 -13.29 -13.69
CA HIS A 31 -5.44 -13.92 -13.19
C HIS A 31 -5.35 -15.45 -13.28
N SER A 32 -6.31 -16.10 -12.66
CA SER A 32 -6.32 -17.60 -12.68
C SER A 32 -6.59 -18.14 -14.09
N ASN A 33 -7.32 -17.39 -14.87
CA ASN A 33 -7.62 -17.86 -16.26
C ASN A 33 -6.41 -17.69 -17.18
N GLY A 34 -5.44 -16.92 -16.73
CA GLY A 34 -4.22 -16.71 -17.57
C GLY A 34 -4.20 -15.30 -18.17
N ASN A 35 -5.33 -14.67 -18.25
CA ASN A 35 -5.38 -13.30 -18.83
C ASN A 35 -4.91 -12.25 -17.81
N THR A 36 -4.00 -11.41 -18.24
CA THR A 36 -3.49 -10.35 -17.33
C THR A 36 -4.06 -9.00 -17.71
N TYR A 37 -4.13 -8.10 -16.76
CA TYR A 37 -4.69 -6.75 -17.08
C TYR A 37 -3.74 -5.63 -16.64
N LEU A 38 -3.62 -4.63 -17.48
CA LEU A 38 -2.73 -3.48 -17.16
C LEU A 38 -3.04 -2.31 -18.10
N ASN A 39 -2.54 -1.14 -17.78
CA ASN A 39 -2.82 0.03 -18.66
C ASN A 39 -1.86 1.19 -18.39
N TRP A 40 -1.59 1.94 -19.43
CA TRP A 40 -0.67 3.11 -19.31
C TRP A 40 -1.44 4.38 -19.64
N TYR A 41 -1.00 5.49 -19.11
CA TYR A 41 -1.70 6.77 -19.39
C TYR A 41 -0.72 7.94 -19.47
N LEU A 42 -1.07 8.93 -20.25
CA LEU A 42 -0.19 10.12 -20.39
C LEU A 42 -1.02 11.38 -20.22
N GLN A 43 -1.27 11.73 -18.99
CA GLN A 43 -2.09 12.94 -18.71
C GLN A 43 -1.47 14.18 -19.35
N LYS A 44 -1.99 14.57 -20.49
CA LYS A 44 -1.45 15.76 -21.17
C LYS A 44 -2.38 16.95 -20.92
N ALA A 45 -1.84 18.13 -21.07
CA ALA A 45 -2.68 19.34 -20.84
C ALA A 45 -3.87 19.37 -21.80
N GLY A 46 -5.04 19.12 -21.28
CA GLY A 46 -6.25 19.12 -22.16
C GLY A 46 -6.51 17.72 -22.72
N GLN A 47 -5.46 17.07 -23.15
CA GLN A 47 -5.61 15.70 -23.72
C GLN A 47 -5.73 14.67 -22.60
N SER A 48 -5.91 15.15 -21.40
CA SER A 48 -6.04 14.22 -20.23
C SER A 48 -6.67 12.88 -20.61
N PRO A 49 -7.85 12.91 -21.21
CA PRO A 49 -8.54 11.68 -21.64
C PRO A 49 -7.79 11.00 -22.79
N LYS A 50 -6.83 10.16 -22.44
CA LYS A 50 -6.06 9.45 -23.50
C LYS A 50 -5.50 8.12 -22.99
N LEU A 51 -5.25 7.21 -23.90
CA LEU A 51 -4.71 5.88 -23.51
C LEU A 51 -3.55 5.50 -24.42
N LEU A 52 -2.65 4.70 -23.90
CA LEU A 52 -1.48 4.29 -24.73
C LEU A 52 -1.39 2.76 -24.87
N ILE A 53 -1.12 2.10 -23.77
CA ILE A 53 -1.02 0.61 -23.83
C ILE A 53 -1.89 -0.03 -22.75
N TYR A 54 -2.32 -1.24 -22.99
CA TYR A 54 -3.18 -1.94 -21.98
C TYR A 54 -2.74 -3.40 -21.81
N LYS A 55 -2.89 -4.18 -22.83
CA LYS A 55 -2.48 -5.61 -22.70
C LYS A 55 -0.96 -5.74 -22.83
N VAL A 56 -0.27 -5.31 -21.80
CA VAL A 56 1.22 -5.37 -21.78
C VAL A 56 1.84 -4.50 -22.88
N SER A 57 1.77 -4.96 -24.10
CA SER A 57 2.35 -4.16 -25.23
C SER A 57 1.27 -3.76 -26.23
N ASN A 58 0.11 -4.29 -26.06
CA ASN A 58 -1.01 -3.95 -26.99
C ASN A 58 -1.31 -2.46 -26.96
N ARG A 59 -1.20 -1.82 -28.10
CA ARG A 59 -1.49 -0.36 -28.16
C ARG A 59 -2.91 -0.11 -28.64
N PHE A 60 -3.41 1.06 -28.38
CA PHE A 60 -4.80 1.40 -28.82
C PHE A 60 -4.79 1.92 -30.25
N SER A 61 -5.89 1.73 -30.94
CA SER A 61 -5.96 2.22 -32.36
C SER A 61 -5.64 3.72 -32.43
N GLY A 62 -4.40 4.02 -32.71
CA GLY A 62 -4.00 5.46 -32.81
C GLY A 62 -2.63 5.68 -32.16
N VAL A 63 -2.33 4.88 -31.17
CA VAL A 63 -1.01 5.02 -30.48
C VAL A 63 0.13 4.66 -31.43
N PRO A 64 1.03 5.60 -31.64
CA PRO A 64 2.18 5.39 -32.53
C PRO A 64 3.05 4.23 -32.06
N ASP A 65 3.49 3.44 -33.00
CA ASP A 65 4.34 2.27 -32.64
C ASP A 65 5.56 2.70 -31.81
N ARG A 66 5.81 3.99 -31.80
CA ARG A 66 6.98 4.50 -31.01
C ARG A 66 6.82 4.08 -29.56
N PHE A 67 5.62 3.75 -29.19
CA PHE A 67 5.34 3.34 -27.79
C PHE A 67 5.26 1.82 -27.70
N SER A 68 5.97 1.26 -26.77
CA SER A 68 5.94 -0.22 -26.60
C SER A 68 5.91 -0.60 -25.13
N GLY A 69 4.89 -1.31 -24.75
CA GLY A 69 4.78 -1.72 -23.33
C GLY A 69 5.32 -3.14 -23.14
N SER A 70 6.13 -3.32 -22.14
CA SER A 70 6.70 -4.67 -21.89
C SER A 70 6.74 -4.96 -20.39
N GLY A 71 6.44 -6.18 -20.03
CA GLY A 71 6.45 -6.55 -18.59
C GLY A 71 6.04 -8.01 -18.41
N SER A 72 6.50 -8.59 -17.32
CA SER A 72 6.15 -10.01 -17.04
C SER A 72 4.88 -10.13 -16.21
N GLY A 73 5.02 -9.93 -14.92
CA GLY A 73 3.83 -10.02 -14.02
C GLY A 73 3.90 -8.97 -12.91
N THR A 74 5.10 -8.69 -12.47
CA THR A 74 5.27 -7.68 -11.38
C THR A 74 6.19 -6.54 -11.85
N ASP A 75 6.33 -6.42 -13.14
CA ASP A 75 7.21 -5.36 -13.68
C ASP A 75 6.74 -4.94 -15.08
N PHE A 76 6.53 -3.67 -15.24
CA PHE A 76 6.06 -3.14 -16.55
C PHE A 76 6.76 -1.80 -16.83
N THR A 77 7.17 -1.61 -18.06
CA THR A 77 7.86 -0.33 -18.40
C THR A 77 7.38 0.26 -19.72
N LEU A 78 7.41 1.56 -19.79
CA LEU A 78 6.97 2.27 -21.03
C LEU A 78 8.19 2.85 -21.74
N LYS A 79 8.53 2.28 -22.85
CA LYS A 79 9.70 2.78 -23.61
C LYS A 79 9.30 3.46 -24.92
N ILE A 80 9.96 4.55 -25.21
CA ILE A 80 9.66 5.30 -26.46
C ILE A 80 10.90 5.38 -27.31
N SER A 81 10.74 5.09 -28.57
CA SER A 81 11.91 5.14 -29.46
C SER A 81 12.50 6.56 -29.54
N ARG A 82 11.69 7.51 -29.92
CA ARG A 82 12.18 8.91 -30.01
C ARG A 82 11.24 9.87 -29.30
N VAL A 83 11.63 10.30 -28.13
CA VAL A 83 10.78 11.24 -27.36
C VAL A 83 10.74 12.63 -28.00
N GLU A 84 9.55 13.13 -28.19
CA GLU A 84 9.40 14.48 -28.82
C GLU A 84 8.93 15.50 -27.78
N ALA A 85 8.59 16.67 -28.24
CA ALA A 85 8.13 17.73 -27.30
C ALA A 85 6.72 17.42 -26.80
N GLU A 86 5.87 16.98 -27.70
CA GLU A 86 4.47 16.66 -27.32
C GLU A 86 4.44 15.54 -26.29
N ASP A 87 5.39 14.63 -26.40
CA ASP A 87 5.44 13.50 -25.44
C ASP A 87 5.56 14.00 -24.00
N LEU A 88 6.02 15.23 -23.86
CA LEU A 88 6.18 15.81 -22.51
C LEU A 88 4.83 15.86 -21.78
N GLY A 89 4.87 15.62 -20.50
CA GLY A 89 3.63 15.63 -19.70
C GLY A 89 3.79 14.74 -18.46
N ILE A 90 2.69 14.27 -17.95
CA ILE A 90 2.75 13.40 -16.75
C ILE A 90 2.29 11.99 -17.09
N TYR A 91 3.20 11.05 -17.01
CA TYR A 91 2.83 9.64 -17.32
C TYR A 91 2.31 8.91 -16.08
N PHE A 92 1.48 7.92 -16.32
CA PHE A 92 0.90 7.14 -15.18
C PHE A 92 0.65 5.69 -15.61
N CYS A 93 0.42 4.84 -14.64
CA CYS A 93 0.16 3.41 -14.95
C CYS A 93 -0.67 2.78 -13.85
N SER A 94 -1.43 1.78 -14.17
CA SER A 94 -2.26 1.13 -13.12
C SER A 94 -2.61 -0.32 -13.47
N GLN A 95 -3.33 -0.95 -12.58
CA GLN A 95 -3.74 -2.37 -12.81
C GLN A 95 -5.22 -2.54 -12.50
N THR A 96 -5.87 -3.36 -13.29
CA THR A 96 -7.33 -3.58 -13.06
C THR A 96 -7.58 -5.04 -12.66
N THR A 97 -6.56 -5.67 -12.14
CA THR A 97 -6.70 -7.08 -11.71
C THR A 97 -7.53 -7.16 -10.43
N HIS A 98 -7.22 -6.27 -9.52
CA HIS A 98 -7.96 -6.26 -8.23
C HIS A 98 -8.83 -5.01 -8.12
N VAL A 99 -9.94 -5.14 -7.43
CA VAL A 99 -10.85 -3.99 -7.26
C VAL A 99 -11.00 -3.65 -5.76
N PRO A 100 -11.07 -2.37 -5.46
CA PRO A 100 -11.02 -1.27 -6.45
C PRO A 100 -9.62 -1.12 -7.06
N PRO A 101 -9.57 -0.43 -8.18
CA PRO A 101 -8.30 -0.19 -8.89
C PRO A 101 -7.34 0.64 -8.04
N THR A 102 -6.08 0.33 -8.11
CA THR A 102 -5.09 1.09 -7.30
C THR A 102 -4.76 2.43 -7.97
N PHE A 103 -4.20 2.34 -9.16
CA PHE A 103 -3.83 3.57 -9.91
C PHE A 103 -2.77 4.38 -9.15
N GLY A 104 -2.11 5.25 -9.86
CA GLY A 104 -1.07 6.09 -9.21
C GLY A 104 0.10 6.35 -10.18
N GLY A 105 1.19 6.81 -9.64
CA GLY A 105 2.38 7.09 -10.49
C GLY A 105 2.59 8.60 -10.64
N GLY A 106 3.14 8.99 -11.76
CA GLY A 106 3.37 10.45 -11.98
C GLY A 106 4.80 10.72 -12.45
N THR A 107 5.18 10.08 -13.53
CA THR A 107 6.56 10.30 -14.03
C THR A 107 6.62 11.62 -14.80
N LYS A 108 7.24 12.59 -14.18
CA LYS A 108 7.36 13.92 -14.82
C LYS A 108 8.32 13.88 -16.00
N LEU A 109 7.78 13.76 -17.18
CA LEU A 109 8.65 13.71 -18.38
C LEU A 109 8.88 15.13 -18.88
N GLU A 110 9.84 15.78 -18.29
CA GLU A 110 10.15 17.18 -18.71
C GLU A 110 11.50 17.23 -19.41
N ILE A 111 11.60 18.08 -20.38
CA ILE A 111 12.88 18.20 -21.13
C ILE A 111 13.99 18.71 -20.21
N LYS A 112 15.22 18.46 -20.60
CA LYS A 112 16.36 18.93 -19.78
C LYS A 112 16.31 20.43 -19.53
N ARG A 113 15.73 21.13 -20.46
CA ARG A 113 15.62 22.62 -20.31
C ARG A 113 14.45 22.99 -19.42
N ASP A 1 -10.85 -4.47 -5.54
CA ASP A 1 -9.70 -4.08 -4.67
C ASP A 1 -9.91 -2.70 -4.10
N VAL A 2 -9.16 -2.39 -3.08
CA VAL A 2 -9.30 -1.06 -2.47
C VAL A 2 -8.74 0.03 -3.38
N VAL A 3 -9.41 1.14 -3.43
CA VAL A 3 -8.94 2.26 -4.30
C VAL A 3 -8.01 3.20 -3.52
N MET A 4 -7.15 3.89 -4.24
CA MET A 4 -6.21 4.83 -3.58
C MET A 4 -5.96 6.05 -4.45
N THR A 5 -6.38 7.20 -3.98
CA THR A 5 -6.18 8.45 -4.77
C THR A 5 -4.99 9.25 -4.23
N GLN A 6 -4.10 9.62 -5.11
CA GLN A 6 -2.90 10.39 -4.67
C GLN A 6 -3.01 11.87 -5.07
N THR A 7 -2.57 12.73 -4.19
CA THR A 7 -2.63 14.19 -4.47
C THR A 7 -1.72 14.96 -3.50
N PRO A 8 -1.11 16.02 -3.98
CA PRO A 8 -1.22 16.47 -5.38
C PRO A 8 -0.29 15.68 -6.30
N LEU A 9 -0.27 16.06 -7.55
CA LEU A 9 0.60 15.35 -8.52
C LEU A 9 2.01 15.96 -8.47
N SER A 10 2.07 17.26 -8.49
CA SER A 10 3.40 17.93 -8.45
C SER A 10 3.45 18.91 -7.28
N LEU A 11 4.62 19.25 -6.84
CA LEU A 11 4.74 20.20 -5.70
C LEU A 11 5.97 21.09 -5.81
N PRO A 12 5.82 22.18 -6.53
CA PRO A 12 6.93 23.14 -6.73
C PRO A 12 7.22 23.88 -5.41
N VAL A 13 8.44 23.77 -4.95
CA VAL A 13 8.78 24.47 -3.67
C VAL A 13 10.21 25.03 -3.68
N SER A 14 10.63 25.46 -2.53
CA SER A 14 12.01 26.03 -2.39
C SER A 14 12.69 25.41 -1.18
N LEU A 15 13.99 25.51 -1.13
CA LEU A 15 14.73 24.94 0.03
C LEU A 15 14.47 25.75 1.30
N GLY A 16 13.44 25.39 1.98
CA GLY A 16 13.08 26.09 3.25
C GLY A 16 11.55 26.19 3.41
N ASP A 17 10.87 25.22 2.88
CA ASP A 17 9.38 25.22 2.99
C ASP A 17 8.87 23.92 3.60
N GLN A 18 7.56 23.79 3.67
CA GLN A 18 6.96 22.56 4.25
C GLN A 18 6.19 21.81 3.17
N ALA A 19 6.32 20.51 3.17
CA ALA A 19 5.61 19.69 2.15
C ALA A 19 4.55 18.80 2.79
N SER A 20 3.58 18.40 2.00
CA SER A 20 2.50 17.53 2.53
C SER A 20 1.87 16.71 1.42
N ILE A 21 2.39 15.53 1.20
CA ILE A 21 1.82 14.68 0.12
C ILE A 21 0.61 13.91 0.65
N SER A 22 -0.45 13.93 -0.09
CA SER A 22 -1.68 13.22 0.37
C SER A 22 -1.90 11.89 -0.37
N CYS A 23 -2.44 10.95 0.36
CA CYS A 23 -2.72 9.60 -0.20
C CYS A 23 -3.94 9.02 0.52
N ARG A 24 -5.09 9.14 -0.10
CA ARG A 24 -6.32 8.61 0.54
C ARG A 24 -6.78 7.29 -0.07
N SER A 25 -7.49 6.51 0.70
CA SER A 25 -8.00 5.20 0.21
C SER A 25 -9.49 5.08 0.49
N SER A 26 -10.22 4.47 -0.41
CA SER A 26 -11.68 4.32 -0.20
C SER A 26 -11.98 3.66 1.15
N GLN A 27 -11.70 2.38 1.25
CA GLN A 27 -11.96 1.67 2.53
C GLN A 27 -10.82 1.90 3.52
N SER A 28 -11.15 1.83 4.79
CA SER A 28 -10.11 2.05 5.84
C SER A 28 -9.08 0.93 5.81
N LEU A 29 -7.83 1.30 5.82
CA LEU A 29 -6.75 0.27 5.80
C LEU A 29 -6.55 -0.35 7.19
N VAL A 30 -7.61 -0.39 7.94
CA VAL A 30 -7.52 -0.98 9.31
C VAL A 30 -7.97 -2.43 9.29
N HIS A 31 -7.22 -3.29 9.91
CA HIS A 31 -7.61 -4.73 9.93
C HIS A 31 -8.56 -5.03 11.09
N SER A 32 -9.23 -6.15 11.00
CA SER A 32 -10.18 -6.54 12.08
C SER A 32 -9.49 -6.68 13.44
N ASN A 33 -8.21 -6.96 13.41
CA ASN A 33 -7.48 -7.12 14.70
C ASN A 33 -7.19 -5.76 15.35
N GLY A 34 -7.33 -4.71 14.59
CA GLY A 34 -7.07 -3.35 15.15
C GLY A 34 -5.75 -2.76 14.62
N ASN A 35 -4.97 -3.57 13.96
CA ASN A 35 -3.68 -3.07 13.43
C ASN A 35 -3.84 -2.49 12.02
N THR A 36 -3.16 -1.42 11.76
CA THR A 36 -3.26 -0.78 10.41
C THR A 36 -1.96 -0.98 9.63
N TYR A 37 -2.05 -0.90 8.31
CA TYR A 37 -0.82 -1.09 7.50
C TYR A 37 -0.72 -0.07 6.35
N LEU A 38 0.21 0.84 6.50
CA LEU A 38 0.40 1.88 5.45
C LEU A 38 1.84 2.40 5.51
N ASN A 39 2.51 2.39 4.38
CA ASN A 39 3.92 2.88 4.37
C ASN A 39 4.15 3.98 3.34
N TRP A 40 5.29 4.61 3.46
CA TRP A 40 5.65 5.70 2.53
C TRP A 40 6.97 5.38 1.87
N TYR A 41 7.17 5.90 0.69
CA TYR A 41 8.43 5.64 -0.04
C TYR A 41 8.99 6.91 -0.67
N LEU A 42 10.28 6.90 -0.89
CA LEU A 42 10.93 8.09 -1.50
C LEU A 42 12.09 7.63 -2.38
N GLN A 43 11.99 7.90 -3.66
CA GLN A 43 13.07 7.48 -4.59
C GLN A 43 13.60 8.67 -5.39
N LYS A 44 14.79 8.53 -5.89
CA LYS A 44 15.40 9.61 -6.69
C LYS A 44 15.59 9.16 -8.14
N ALA A 45 16.63 9.64 -8.77
CA ALA A 45 16.87 9.25 -10.18
C ALA A 45 17.70 7.97 -10.27
N GLY A 46 18.86 7.99 -9.65
CA GLY A 46 19.73 6.78 -9.67
C GLY A 46 20.33 6.50 -8.29
N GLN A 47 19.47 6.36 -7.31
CA GLN A 47 19.96 6.09 -5.94
C GLN A 47 19.21 4.93 -5.31
N SER A 48 19.76 4.38 -4.27
CA SER A 48 19.09 3.23 -3.59
C SER A 48 17.84 3.71 -2.86
N PRO A 49 16.71 3.10 -3.16
CA PRO A 49 15.44 3.45 -2.53
C PRO A 49 15.48 3.24 -1.02
N LYS A 50 14.60 3.92 -0.32
CA LYS A 50 14.58 3.76 1.16
C LYS A 50 13.18 3.98 1.73
N LEU A 51 12.97 3.48 2.91
CA LEU A 51 11.64 3.63 3.57
C LEU A 51 11.70 4.74 4.61
N LEU A 52 10.71 5.58 4.63
CA LEU A 52 10.70 6.69 5.63
C LEU A 52 9.73 6.39 6.77
N ILE A 53 8.45 6.38 6.46
CA ILE A 53 7.44 6.10 7.52
C ILE A 53 6.64 4.85 7.18
N TYR A 54 6.33 4.09 8.19
CA TYR A 54 5.53 2.85 7.97
C TYR A 54 4.59 2.61 9.15
N LYS A 55 3.66 1.70 8.98
CA LYS A 55 2.70 1.41 10.08
C LYS A 55 1.89 2.66 10.44
N VAL A 56 1.94 3.63 9.55
CA VAL A 56 1.19 4.91 9.76
C VAL A 56 1.91 5.86 10.73
N SER A 57 3.10 5.51 11.16
CA SER A 57 3.82 6.42 12.11
C SER A 57 5.27 6.00 12.34
N ASN A 58 5.46 4.80 12.79
CA ASN A 58 6.84 4.30 13.04
C ASN A 58 7.79 4.68 11.90
N ARG A 59 8.90 5.29 12.25
CA ARG A 59 9.88 5.70 11.21
C ARG A 59 10.99 4.65 11.10
N PHE A 60 11.49 4.47 9.90
CA PHE A 60 12.57 3.46 9.72
C PHE A 60 13.88 3.95 10.33
N SER A 61 14.77 3.05 10.60
CA SER A 61 16.08 3.44 11.20
C SER A 61 16.80 4.44 10.30
N GLY A 62 17.10 5.58 10.86
CA GLY A 62 17.81 6.62 10.04
C GLY A 62 16.85 7.74 9.61
N VAL A 63 15.58 7.45 9.68
CA VAL A 63 14.58 8.48 9.27
C VAL A 63 14.45 9.56 10.34
N PRO A 64 14.80 10.78 9.98
CA PRO A 64 14.74 11.93 10.91
C PRO A 64 13.30 12.27 11.32
N ASP A 65 13.20 13.18 12.24
CA ASP A 65 11.85 13.61 12.73
C ASP A 65 11.19 14.57 11.74
N ARG A 66 11.99 15.12 10.84
CA ARG A 66 11.41 16.06 9.86
C ARG A 66 10.28 15.40 9.09
N PHE A 67 10.35 14.10 8.99
CA PHE A 67 9.29 13.34 8.26
C PHE A 67 8.27 12.79 9.24
N SER A 68 7.05 13.22 9.08
CA SER A 68 5.97 12.73 9.99
C SER A 68 4.79 12.19 9.20
N GLY A 69 4.83 10.91 8.94
CA GLY A 69 3.72 10.28 8.19
C GLY A 69 2.65 9.79 9.16
N SER A 70 1.43 10.19 8.92
CA SER A 70 0.32 9.77 9.82
C SER A 70 -1.04 9.92 9.13
N GLY A 71 -2.08 9.55 9.83
CA GLY A 71 -3.44 9.67 9.24
C GLY A 71 -4.48 8.94 10.10
N SER A 72 -5.71 8.96 9.67
CA SER A 72 -6.79 8.28 10.43
C SER A 72 -6.99 6.84 9.95
N GLY A 73 -7.79 6.68 8.92
CA GLY A 73 -8.04 5.31 8.38
C GLY A 73 -8.11 5.34 6.85
N THR A 74 -8.64 6.41 6.32
CA THR A 74 -8.75 6.53 4.84
C THR A 74 -8.06 7.79 4.34
N ASP A 75 -7.40 8.45 5.24
CA ASP A 75 -6.71 9.71 4.88
C ASP A 75 -5.30 9.75 5.49
N PHE A 76 -4.32 9.79 4.64
CA PHE A 76 -2.91 9.84 5.12
C PHE A 76 -2.12 10.91 4.38
N THR A 77 -1.10 11.44 5.02
CA THR A 77 -0.28 12.49 4.36
C THR A 77 1.14 12.53 4.92
N LEU A 78 2.07 12.85 4.04
CA LEU A 78 3.50 12.94 4.45
C LEU A 78 3.87 14.39 4.76
N LYS A 79 3.89 14.73 6.02
CA LYS A 79 4.23 16.12 6.39
C LYS A 79 5.73 16.31 6.63
N ILE A 80 6.31 17.22 5.90
CA ILE A 80 7.77 17.48 6.05
C ILE A 80 7.97 18.87 6.63
N SER A 81 8.81 18.95 7.62
CA SER A 81 9.05 20.27 8.23
C SER A 81 9.82 21.22 7.31
N ARG A 82 11.09 20.95 7.13
CA ARG A 82 11.90 21.84 6.25
C ARG A 82 12.45 21.09 5.04
N VAL A 83 11.81 21.30 3.92
CA VAL A 83 12.26 20.62 2.68
C VAL A 83 13.66 21.06 2.28
N GLU A 84 14.51 20.10 2.00
CA GLU A 84 15.90 20.42 1.59
C GLU A 84 16.16 19.95 0.17
N ALA A 85 17.40 20.06 -0.26
CA ALA A 85 17.73 19.63 -1.64
C ALA A 85 17.72 18.10 -1.77
N GLU A 86 17.94 17.43 -0.67
CA GLU A 86 17.95 15.94 -0.71
C GLU A 86 16.53 15.39 -0.81
N ASP A 87 15.59 16.10 -0.22
CA ASP A 87 14.18 15.65 -0.25
C ASP A 87 13.66 15.54 -1.68
N LEU A 88 14.18 16.40 -2.53
CA LEU A 88 13.75 16.40 -3.96
C LEU A 88 13.73 14.99 -4.53
N GLY A 89 12.72 14.71 -5.32
CA GLY A 89 12.61 13.35 -5.93
C GLY A 89 11.12 12.99 -6.16
N ILE A 90 10.84 11.72 -6.11
CA ILE A 90 9.44 11.26 -6.31
C ILE A 90 8.96 10.46 -5.10
N TYR A 91 7.90 10.93 -4.50
CA TYR A 91 7.36 10.21 -3.31
C TYR A 91 6.28 9.21 -3.71
N PHE A 92 6.14 8.17 -2.94
CA PHE A 92 5.11 7.14 -3.25
C PHE A 92 4.47 6.58 -1.98
N CYS A 93 3.35 5.93 -2.14
CA CYS A 93 2.66 5.34 -0.96
C CYS A 93 1.95 4.05 -1.36
N SER A 94 1.80 3.15 -0.41
CA SER A 94 1.11 1.87 -0.73
C SER A 94 0.54 1.21 0.53
N GLN A 95 -0.44 0.38 0.34
CA GLN A 95 -1.07 -0.31 1.51
C GLN A 95 -1.00 -1.84 1.36
N THR A 96 -0.87 -2.51 2.47
CA THR A 96 -0.79 -4.00 2.45
C THR A 96 -1.85 -4.60 3.37
N THR A 97 -2.92 -3.89 3.55
CA THR A 97 -4.02 -4.38 4.44
C THR A 97 -4.87 -5.45 3.75
N HIS A 98 -5.05 -5.32 2.47
CA HIS A 98 -5.88 -6.31 1.72
C HIS A 98 -5.03 -7.26 0.89
N VAL A 99 -4.06 -6.71 0.19
CA VAL A 99 -3.18 -7.54 -0.67
C VAL A 99 -3.97 -8.14 -1.85
N PRO A 100 -3.36 -8.16 -3.01
CA PRO A 100 -1.99 -7.67 -3.24
C PRO A 100 -1.89 -6.15 -3.07
N PRO A 101 -0.68 -5.65 -3.03
CA PRO A 101 -0.42 -4.21 -2.86
C PRO A 101 -0.97 -3.40 -4.04
N THR A 102 -1.62 -2.31 -3.73
CA THR A 102 -2.19 -1.45 -4.81
C THR A 102 -1.10 -0.60 -5.45
N PHE A 103 -0.45 0.20 -4.63
CA PHE A 103 0.65 1.09 -5.13
C PHE A 103 0.11 2.11 -6.13
N GLY A 104 0.90 3.12 -6.39
CA GLY A 104 0.47 4.17 -7.36
C GLY A 104 0.87 5.56 -6.87
N GLY A 105 0.17 6.55 -7.36
CA GLY A 105 0.50 7.95 -6.95
C GLY A 105 1.74 8.45 -7.67
N GLY A 106 2.59 9.12 -6.95
CA GLY A 106 3.84 9.65 -7.58
C GLY A 106 3.86 11.18 -7.51
N THR A 107 3.99 11.69 -6.32
CA THR A 107 4.02 13.17 -6.16
C THR A 107 5.40 13.69 -6.54
N LYS A 108 5.45 14.46 -7.59
CA LYS A 108 6.76 15.03 -8.04
C LYS A 108 7.19 16.20 -7.17
N LEU A 109 8.24 15.99 -6.42
CA LEU A 109 8.75 17.06 -5.53
C LEU A 109 10.06 17.60 -6.09
N GLU A 110 9.95 18.60 -6.93
CA GLU A 110 11.18 19.18 -7.53
C GLU A 110 11.27 20.68 -7.21
N ILE A 111 12.46 21.15 -7.01
CA ILE A 111 12.66 22.58 -6.69
C ILE A 111 12.28 23.46 -7.89
N LYS A 112 11.84 24.64 -7.59
CA LYS A 112 11.45 25.58 -8.68
C LYS A 112 12.57 25.73 -9.71
N ARG A 113 12.20 25.69 -10.96
CA ARG A 113 13.23 25.82 -12.04
C ARG A 113 13.02 27.12 -12.82
N ASP A 1 -9.07 -3.07 -4.59
CA ASP A 1 -7.91 -3.95 -4.87
C ASP A 1 -7.61 -4.82 -3.67
N VAL A 2 -6.72 -5.75 -3.86
CA VAL A 2 -6.38 -6.65 -2.74
C VAL A 2 -5.47 -5.97 -1.71
N VAL A 3 -5.70 -6.28 -0.45
CA VAL A 3 -4.87 -5.67 0.63
C VAL A 3 -3.70 -6.59 0.98
N MET A 4 -2.60 -6.00 1.39
CA MET A 4 -1.40 -6.81 1.76
C MET A 4 -0.80 -6.32 3.07
N THR A 5 -1.02 -7.06 4.12
CA THR A 5 -0.47 -6.65 5.44
C THR A 5 0.80 -7.44 5.78
N GLN A 6 1.83 -6.73 6.15
CA GLN A 6 3.10 -7.39 6.51
C GLN A 6 3.38 -7.33 8.01
N THR A 7 4.01 -8.34 8.52
CA THR A 7 4.34 -8.39 9.98
C THR A 7 5.44 -9.43 10.24
N PRO A 8 6.34 -9.13 11.15
CA PRO A 8 6.36 -7.87 11.91
C PRO A 8 7.06 -6.75 11.13
N LEU A 9 6.98 -5.56 11.66
CA LEU A 9 7.63 -4.41 10.97
C LEU A 9 9.15 -4.48 11.17
N SER A 10 9.54 -4.80 12.37
CA SER A 10 10.99 -4.90 12.69
C SER A 10 11.31 -6.26 13.30
N LEU A 11 12.48 -6.77 13.01
CA LEU A 11 12.83 -8.11 13.57
C LEU A 11 14.28 -8.16 14.08
N PRO A 12 14.52 -7.54 15.21
CA PRO A 12 15.87 -7.51 15.81
C PRO A 12 16.27 -8.92 16.25
N VAL A 13 17.32 -9.44 15.66
CA VAL A 13 17.76 -10.81 16.04
C VAL A 13 19.28 -10.91 16.13
N SER A 14 19.76 -12.11 16.35
CA SER A 14 21.21 -12.33 16.46
C SER A 14 21.69 -13.17 15.28
N LEU A 15 22.98 -13.31 15.16
CA LEU A 15 23.53 -14.11 14.02
C LEU A 15 23.56 -15.60 14.39
N GLY A 16 22.46 -16.25 14.17
CA GLY A 16 22.39 -17.71 14.48
C GLY A 16 20.98 -18.10 14.94
N ASP A 17 19.99 -17.43 14.39
CA ASP A 17 18.59 -17.73 14.77
C ASP A 17 17.75 -17.98 13.52
N GLN A 18 16.46 -18.13 13.71
CA GLN A 18 15.58 -18.38 12.54
C GLN A 18 14.64 -17.19 12.35
N ALA A 19 14.46 -16.80 11.11
CA ALA A 19 13.55 -15.64 10.83
C ALA A 19 12.16 -16.12 10.42
N SER A 20 11.23 -15.19 10.41
CA SER A 20 9.84 -15.56 10.01
C SER A 20 9.02 -14.32 9.65
N ILE A 21 9.26 -13.80 8.47
CA ILE A 21 8.51 -12.59 8.03
C ILE A 21 7.13 -13.01 7.55
N SER A 22 6.14 -12.23 7.87
CA SER A 22 4.75 -12.59 7.43
C SER A 22 4.18 -11.60 6.42
N CYS A 23 3.30 -12.12 5.61
CA CYS A 23 2.62 -11.30 4.56
C CYS A 23 1.29 -11.96 4.20
N ARG A 24 0.22 -11.44 4.75
CA ARG A 24 -1.11 -12.02 4.45
C ARG A 24 -1.97 -11.10 3.59
N SER A 25 -2.86 -11.68 2.83
CA SER A 25 -3.74 -10.86 1.95
C SER A 25 -5.21 -11.06 2.35
N SER A 26 -6.01 -10.06 2.13
CA SER A 26 -7.45 -10.17 2.48
C SER A 26 -8.12 -11.34 1.76
N GLN A 27 -7.86 -11.46 0.48
CA GLN A 27 -8.48 -12.57 -0.29
C GLN A 27 -7.43 -13.56 -0.79
N SER A 28 -7.89 -14.63 -1.39
CA SER A 28 -6.96 -15.67 -1.92
C SER A 28 -6.24 -15.21 -3.19
N LEU A 29 -5.01 -15.65 -3.34
CA LEU A 29 -4.24 -15.25 -4.54
C LEU A 29 -4.23 -16.39 -5.57
N VAL A 30 -5.29 -17.15 -5.58
CA VAL A 30 -5.38 -18.28 -6.55
C VAL A 30 -6.35 -17.96 -7.68
N HIS A 31 -5.92 -18.18 -8.89
CA HIS A 31 -6.81 -17.89 -10.05
C HIS A 31 -8.06 -18.77 -10.02
N SER A 32 -9.14 -18.27 -10.59
CA SER A 32 -10.40 -19.06 -10.61
C SER A 32 -10.12 -20.51 -11.01
N ASN A 33 -9.06 -20.70 -11.74
CA ASN A 33 -8.70 -22.08 -12.18
C ASN A 33 -7.20 -22.16 -12.46
N GLY A 34 -6.41 -21.60 -11.56
CA GLY A 34 -4.94 -21.64 -11.75
C GLY A 34 -4.23 -21.99 -10.44
N ASN A 35 -3.18 -21.28 -10.15
CA ASN A 35 -2.42 -21.56 -8.88
C ASN A 35 -2.19 -20.27 -8.09
N THR A 36 -1.47 -20.39 -7.00
CA THR A 36 -1.19 -19.19 -6.17
C THR A 36 -0.04 -18.37 -6.75
N TYR A 37 -0.20 -17.06 -6.76
CA TYR A 37 0.87 -16.19 -7.31
C TYR A 37 1.43 -15.26 -6.23
N LEU A 38 2.60 -15.57 -5.76
CA LEU A 38 3.22 -14.73 -4.70
C LEU A 38 4.75 -14.68 -4.89
N ASN A 39 5.33 -13.54 -4.62
CA ASN A 39 6.81 -13.41 -4.78
C ASN A 39 7.44 -12.70 -3.58
N TRP A 40 8.70 -12.97 -3.35
CA TRP A 40 9.42 -12.34 -2.21
C TRP A 40 10.65 -11.60 -2.70
N TYR A 41 10.98 -10.52 -2.03
CA TYR A 41 12.18 -9.74 -2.45
C TYR A 41 12.97 -9.23 -1.25
N LEU A 42 14.27 -9.17 -1.41
CA LEU A 42 15.14 -8.69 -0.29
C LEU A 42 16.09 -7.63 -0.85
N GLN A 43 15.96 -6.42 -0.38
CA GLN A 43 16.84 -5.34 -0.88
C GLN A 43 17.59 -4.66 0.27
N LYS A 44 18.85 -4.39 0.04
CA LYS A 44 19.68 -3.73 1.08
C LYS A 44 19.96 -2.27 0.71
N ALA A 45 21.23 -1.91 0.63
CA ALA A 45 21.59 -0.50 0.28
C ALA A 45 21.73 -0.34 -1.24
N GLY A 46 22.32 -1.32 -1.87
CA GLY A 46 22.49 -1.24 -3.36
C GLY A 46 23.07 -2.55 -3.90
N GLN A 47 22.28 -3.59 -3.85
CA GLN A 47 22.76 -4.89 -4.35
C GLN A 47 21.93 -5.37 -5.55
N SER A 48 22.50 -6.25 -6.32
CA SER A 48 21.77 -6.77 -7.51
C SER A 48 20.68 -7.78 -7.12
N PRO A 49 21.07 -8.83 -6.41
CA PRO A 49 20.11 -9.87 -5.98
C PRO A 49 18.98 -9.27 -5.16
N LYS A 50 17.79 -9.32 -5.69
CA LYS A 50 16.62 -8.77 -4.97
C LYS A 50 15.42 -9.73 -5.03
N LEU A 51 15.71 -10.99 -5.22
CA LEU A 51 14.61 -12.00 -5.30
C LEU A 51 15.03 -13.31 -4.63
N LEU A 52 14.22 -13.77 -3.71
CA LEU A 52 14.56 -15.05 -3.01
C LEU A 52 13.63 -16.15 -3.48
N ILE A 53 12.35 -15.88 -3.42
CA ILE A 53 11.34 -16.89 -3.85
C ILE A 53 10.35 -16.24 -4.81
N TYR A 54 10.08 -16.91 -5.90
CA TYR A 54 9.12 -16.34 -6.89
C TYR A 54 7.83 -17.15 -6.92
N LYS A 55 7.41 -17.57 -5.76
CA LYS A 55 6.16 -18.38 -5.65
C LYS A 55 5.92 -18.75 -4.19
N VAL A 56 5.01 -19.67 -3.97
CA VAL A 56 4.72 -20.08 -2.58
C VAL A 56 5.82 -21.01 -2.05
N SER A 57 6.65 -21.50 -2.93
CA SER A 57 7.74 -22.41 -2.47
C SER A 57 8.70 -22.76 -3.60
N ASN A 58 9.60 -21.86 -3.89
CA ASN A 58 10.58 -22.11 -4.99
C ASN A 58 11.66 -21.03 -5.01
N ARG A 59 12.85 -21.41 -4.59
CA ARG A 59 13.97 -20.43 -4.58
C ARG A 59 14.48 -20.18 -6.00
N PHE A 60 14.99 -19.01 -6.22
CA PHE A 60 15.50 -18.70 -7.58
C PHE A 60 16.91 -19.28 -7.76
N SER A 61 17.33 -19.36 -9.00
CA SER A 61 18.68 -19.92 -9.29
C SER A 61 19.78 -19.04 -8.68
N GLY A 62 20.11 -19.32 -7.44
CA GLY A 62 21.17 -18.52 -6.76
C GLY A 62 20.78 -18.32 -5.29
N VAL A 63 19.51 -18.31 -5.04
CA VAL A 63 19.03 -18.11 -3.65
C VAL A 63 19.35 -19.36 -2.80
N PRO A 64 20.18 -19.18 -1.80
CA PRO A 64 20.58 -20.28 -0.91
C PRO A 64 19.39 -20.95 -0.21
N ASP A 65 19.55 -22.23 0.04
CA ASP A 65 18.47 -23.00 0.71
C ASP A 65 18.11 -22.39 2.07
N ARG A 66 18.90 -21.44 2.49
CA ARG A 66 18.62 -20.78 3.81
C ARG A 66 17.27 -20.09 3.79
N PHE A 67 16.77 -19.79 2.62
CA PHE A 67 15.45 -19.11 2.53
C PHE A 67 14.34 -20.07 2.08
N SER A 68 13.36 -20.24 2.92
CA SER A 68 12.24 -21.15 2.57
C SER A 68 10.91 -20.42 2.67
N GLY A 69 10.33 -20.13 1.54
CA GLY A 69 9.02 -19.41 1.55
C GLY A 69 7.86 -20.42 1.47
N SER A 70 6.83 -20.16 2.22
CA SER A 70 5.66 -21.08 2.22
C SER A 70 4.38 -20.36 2.67
N GLY A 71 3.28 -20.74 2.09
CA GLY A 71 1.98 -20.09 2.47
C GLY A 71 0.80 -20.80 1.80
N SER A 72 -0.39 -20.47 2.23
CA SER A 72 -1.60 -21.11 1.64
C SER A 72 -2.19 -20.26 0.50
N GLY A 73 -3.29 -19.59 0.79
CA GLY A 73 -3.93 -18.75 -0.25
C GLY A 73 -3.95 -17.27 0.20
N THR A 74 -4.09 -17.06 1.48
CA THR A 74 -4.12 -15.66 2.00
C THR A 74 -3.09 -15.47 3.11
N ASP A 75 -2.25 -16.45 3.27
CA ASP A 75 -1.21 -16.37 4.34
C ASP A 75 0.14 -16.86 3.82
N PHE A 76 1.15 -16.06 4.05
CA PHE A 76 2.53 -16.44 3.59
C PHE A 76 3.58 -15.96 4.59
N THR A 77 4.65 -16.70 4.70
CA THR A 77 5.72 -16.29 5.66
C THR A 77 7.11 -16.75 5.18
N LEU A 78 8.05 -15.85 5.24
CA LEU A 78 9.44 -16.16 4.81
C LEU A 78 10.25 -16.61 6.03
N LYS A 79 10.67 -17.85 6.03
CA LYS A 79 11.47 -18.34 7.19
C LYS A 79 12.91 -18.68 6.78
N ILE A 80 13.83 -18.43 7.68
CA ILE A 80 15.26 -18.73 7.38
C ILE A 80 15.81 -19.67 8.43
N SER A 81 16.66 -20.56 7.99
CA SER A 81 17.24 -21.52 8.96
C SER A 81 18.22 -20.84 9.90
N ARG A 82 19.22 -20.23 9.34
CA ARG A 82 20.23 -19.54 10.19
C ARG A 82 20.43 -18.11 9.68
N VAL A 83 19.93 -17.17 10.42
CA VAL A 83 20.07 -15.75 10.01
C VAL A 83 21.52 -15.28 10.15
N GLU A 84 22.18 -15.16 9.03
CA GLU A 84 23.60 -14.71 9.03
C GLU A 84 23.67 -13.20 8.82
N ALA A 85 24.84 -12.72 8.47
CA ALA A 85 25.00 -11.26 8.24
C ALA A 85 24.44 -10.84 6.87
N GLU A 86 24.48 -11.73 5.92
CA GLU A 86 23.95 -11.40 4.57
C GLU A 86 22.43 -11.22 4.59
N ASP A 87 21.77 -11.86 5.52
CA ASP A 87 20.30 -11.74 5.59
C ASP A 87 19.88 -10.34 6.07
N LEU A 88 20.78 -9.68 6.75
CA LEU A 88 20.45 -8.32 7.26
C LEU A 88 19.99 -7.40 6.12
N GLY A 89 18.96 -6.64 6.39
CA GLY A 89 18.41 -5.70 5.37
C GLY A 89 16.89 -5.60 5.53
N ILE A 90 16.22 -5.17 4.48
CA ILE A 90 14.73 -5.05 4.56
C ILE A 90 14.07 -6.02 3.57
N TYR A 91 13.19 -6.84 4.09
CA TYR A 91 12.48 -7.81 3.21
C TYR A 91 11.14 -7.26 2.73
N PHE A 92 10.71 -7.73 1.58
CA PHE A 92 9.42 -7.26 1.02
C PHE A 92 8.65 -8.43 0.38
N CYS A 93 7.42 -8.18 0.02
CA CYS A 93 6.60 -9.24 -0.62
C CYS A 93 5.55 -8.64 -1.54
N SER A 94 5.15 -9.38 -2.54
CA SER A 94 4.12 -8.85 -3.49
C SER A 94 3.36 -9.99 -4.17
N GLN A 95 2.25 -9.66 -4.76
CA GLN A 95 1.42 -10.69 -5.45
C GLN A 95 1.13 -10.29 -6.89
N THR A 96 0.78 -11.25 -7.70
CA THR A 96 0.47 -10.95 -9.13
C THR A 96 -0.82 -11.65 -9.57
N THR A 97 -1.65 -11.95 -8.61
CA THR A 97 -2.95 -12.64 -8.93
C THR A 97 -4.00 -11.66 -9.46
N HIS A 98 -4.09 -10.52 -8.82
CA HIS A 98 -5.09 -9.51 -9.25
C HIS A 98 -4.43 -8.17 -9.61
N VAL A 99 -4.94 -7.56 -10.64
CA VAL A 99 -4.37 -6.25 -11.08
C VAL A 99 -5.20 -5.10 -10.48
N PRO A 100 -4.54 -4.03 -10.08
CA PRO A 100 -3.07 -3.90 -10.17
C PRO A 100 -2.34 -4.68 -9.07
N PRO A 101 -1.06 -4.88 -9.28
CA PRO A 101 -0.21 -5.61 -8.32
C PRO A 101 -0.06 -4.81 -7.03
N THR A 102 -0.53 -5.35 -5.94
CA THR A 102 -0.42 -4.63 -4.65
C THR A 102 0.89 -4.98 -3.93
N PHE A 103 1.84 -4.09 -3.98
CA PHE A 103 3.14 -4.36 -3.31
C PHE A 103 3.06 -3.95 -1.84
N GLY A 104 3.81 -4.63 -1.00
CA GLY A 104 3.79 -4.28 0.45
C GLY A 104 4.93 -5.00 1.18
N GLY A 105 5.13 -4.63 2.41
CA GLY A 105 6.22 -5.29 3.21
C GLY A 105 7.11 -4.23 3.85
N GLY A 106 8.35 -4.57 4.02
CA GLY A 106 9.30 -3.59 4.65
C GLY A 106 9.71 -4.07 6.04
N THR A 107 9.94 -5.35 6.17
CA THR A 107 10.34 -5.89 7.49
C THR A 107 11.82 -5.61 7.73
N LYS A 108 12.10 -4.67 8.58
CA LYS A 108 13.50 -4.33 8.88
C LYS A 108 14.19 -5.41 9.70
N LEU A 109 15.13 -6.07 9.09
CA LEU A 109 15.87 -7.16 9.79
C LEU A 109 17.27 -6.70 10.17
N GLU A 110 17.36 -5.96 11.25
CA GLU A 110 18.69 -5.47 11.69
C GLU A 110 19.23 -6.32 12.84
N ILE A 111 20.51 -6.58 12.80
CA ILE A 111 21.13 -7.40 13.87
C ILE A 111 21.19 -6.63 15.19
N LYS A 112 21.12 -7.33 16.29
CA LYS A 112 21.19 -6.64 17.61
C LYS A 112 22.45 -5.78 17.68
N ARG A 113 22.27 -4.53 18.05
CA ARG A 113 23.45 -3.63 18.14
C ARG A 113 23.17 -2.48 19.11
N ASP A 1 -6.77 -3.22 -6.35
CA ASP A 1 -6.17 -3.49 -5.02
C ASP A 1 -4.66 -3.52 -5.13
N VAL A 2 -4.02 -3.47 -3.99
CA VAL A 2 -2.55 -3.49 -4.01
C VAL A 2 -2.00 -4.85 -4.45
N VAL A 3 -1.42 -4.87 -5.62
CA VAL A 3 -0.87 -6.16 -6.14
C VAL A 3 0.41 -6.55 -5.40
N MET A 4 0.55 -7.82 -5.14
CA MET A 4 1.76 -8.30 -4.41
C MET A 4 2.42 -9.45 -5.18
N THR A 5 3.52 -9.14 -5.81
CA THR A 5 4.24 -10.19 -6.60
C THR A 5 5.04 -11.11 -5.68
N GLN A 6 5.08 -12.37 -6.01
CA GLN A 6 5.84 -13.34 -5.17
C GLN A 6 6.77 -14.20 -6.02
N THR A 7 7.98 -14.36 -5.54
CA THR A 7 8.99 -15.18 -6.26
C THR A 7 10.09 -15.60 -5.28
N PRO A 8 10.78 -16.66 -5.60
CA PRO A 8 10.55 -17.46 -6.81
C PRO A 8 9.35 -18.40 -6.62
N LEU A 9 9.01 -19.10 -7.66
CA LEU A 9 7.87 -20.04 -7.58
C LEU A 9 8.31 -21.32 -6.87
N SER A 10 9.47 -21.79 -7.27
CA SER A 10 10.03 -23.03 -6.66
C SER A 10 11.45 -22.77 -6.18
N LEU A 11 11.82 -23.38 -5.08
CA LEU A 11 13.20 -23.16 -4.56
C LEU A 11 13.88 -24.48 -4.19
N PRO A 12 14.36 -25.17 -5.20
CA PRO A 12 15.05 -26.45 -5.00
C PRO A 12 16.38 -26.23 -4.26
N VAL A 13 16.42 -26.63 -3.02
CA VAL A 13 17.67 -26.44 -2.24
C VAL A 13 18.09 -27.73 -1.51
N SER A 14 19.10 -27.58 -0.69
CA SER A 14 19.60 -28.73 0.09
C SER A 14 19.48 -28.44 1.58
N LEU A 15 19.76 -29.42 2.39
CA LEU A 15 19.66 -29.21 3.86
C LEU A 15 20.97 -28.67 4.42
N GLY A 16 21.08 -27.38 4.45
CA GLY A 16 22.32 -26.74 4.98
C GLY A 16 22.71 -25.54 4.11
N ASP A 17 21.73 -24.76 3.73
CA ASP A 17 22.02 -23.57 2.89
C ASP A 17 21.19 -22.38 3.33
N GLN A 18 21.21 -21.33 2.55
CA GLN A 18 20.42 -20.12 2.93
C GLN A 18 19.22 -19.94 1.99
N ALA A 19 18.11 -19.54 2.55
CA ALA A 19 16.88 -19.35 1.72
C ALA A 19 16.56 -17.85 1.58
N SER A 20 15.80 -17.51 0.57
CA SER A 20 15.44 -16.09 0.36
C SER A 20 14.16 -15.95 -0.46
N ILE A 21 13.04 -15.95 0.20
CA ILE A 21 11.75 -15.83 -0.52
C ILE A 21 11.48 -14.37 -0.84
N SER A 22 11.18 -14.09 -2.08
CA SER A 22 10.91 -12.68 -2.48
C SER A 22 9.41 -12.37 -2.50
N CYS A 23 9.08 -11.19 -2.05
CA CYS A 23 7.64 -10.78 -2.01
C CYS A 23 7.55 -9.25 -2.08
N ARG A 24 7.05 -8.75 -3.18
CA ARG A 24 6.93 -7.27 -3.33
C ARG A 24 5.47 -6.84 -3.51
N SER A 25 5.26 -5.55 -3.51
CA SER A 25 3.88 -5.02 -3.68
C SER A 25 3.86 -3.92 -4.73
N SER A 26 2.68 -3.56 -5.17
CA SER A 26 2.58 -2.48 -6.19
C SER A 26 2.90 -1.13 -5.56
N GLN A 27 2.24 -0.82 -4.47
CA GLN A 27 2.49 0.47 -3.81
C GLN A 27 3.15 0.26 -2.45
N SER A 28 3.76 1.30 -1.94
CA SER A 28 4.43 1.18 -0.61
C SER A 28 3.45 0.79 0.48
N LEU A 29 3.77 -0.27 1.20
CA LEU A 29 2.86 -0.71 2.29
C LEU A 29 3.06 0.14 3.54
N VAL A 30 3.44 1.37 3.35
CA VAL A 30 3.66 2.27 4.51
C VAL A 30 2.44 3.16 4.73
N HIS A 31 2.07 3.32 5.97
CA HIS A 31 0.89 4.17 6.29
C HIS A 31 1.29 5.64 6.44
N SER A 32 0.30 6.49 6.54
CA SER A 32 0.59 7.95 6.69
C SER A 32 1.09 8.27 8.09
N ASN A 33 0.75 7.44 9.05
CA ASN A 33 1.21 7.70 10.45
C ASN A 33 2.66 7.29 10.64
N GLY A 34 3.09 6.30 9.89
CA GLY A 34 4.52 5.85 10.02
C GLY A 34 4.57 4.40 10.52
N ASN A 35 3.73 3.57 9.97
CA ASN A 35 3.72 2.14 10.41
C ASN A 35 3.76 1.20 9.20
N THR A 36 4.50 0.13 9.35
CA THR A 36 4.61 -0.85 8.22
C THR A 36 3.95 -2.19 8.62
N TYR A 37 2.83 -2.48 8.00
CA TYR A 37 2.13 -3.75 8.32
C TYR A 37 2.44 -4.86 7.30
N LEU A 38 3.19 -5.84 7.74
CA LEU A 38 3.55 -6.97 6.83
C LEU A 38 3.84 -8.24 7.62
N ASN A 39 3.18 -9.32 7.25
CA ASN A 39 3.38 -10.60 7.97
C ASN A 39 3.65 -11.76 6.99
N TRP A 40 4.38 -12.74 7.46
CA TRP A 40 4.68 -13.91 6.58
C TRP A 40 4.03 -15.17 7.14
N TYR A 41 3.84 -16.15 6.30
CA TYR A 41 3.21 -17.43 6.78
C TYR A 41 3.92 -18.65 6.22
N LEU A 42 3.79 -19.75 6.92
CA LEU A 42 4.42 -21.02 6.47
C LEU A 42 3.47 -22.18 6.73
N GLN A 43 3.21 -22.95 5.72
CA GLN A 43 2.29 -24.11 5.90
C GLN A 43 2.89 -25.39 5.31
N LYS A 44 2.44 -26.51 5.81
CA LYS A 44 2.97 -27.81 5.30
C LYS A 44 1.88 -28.56 4.54
N ALA A 45 1.52 -29.72 5.02
CA ALA A 45 0.46 -30.51 4.32
C ALA A 45 -0.93 -30.00 4.72
N GLY A 46 -1.49 -30.56 5.75
CA GLY A 46 -2.84 -30.13 6.20
C GLY A 46 -2.80 -29.71 7.68
N GLN A 47 -1.74 -29.06 8.06
CA GLN A 47 -1.61 -28.61 9.46
C GLN A 47 -2.23 -27.21 9.64
N SER A 48 -2.10 -26.67 10.83
CA SER A 48 -2.67 -25.32 11.09
C SER A 48 -1.68 -24.23 10.65
N PRO A 49 -2.23 -23.09 10.27
CA PRO A 49 -1.40 -21.96 9.82
C PRO A 49 -0.40 -21.52 10.89
N LYS A 50 0.86 -21.48 10.51
CA LYS A 50 1.91 -21.07 11.48
C LYS A 50 2.42 -19.66 11.16
N LEU A 51 2.60 -18.86 12.18
CA LEU A 51 3.09 -17.47 11.95
C LEU A 51 4.58 -17.35 12.31
N LEU A 52 5.31 -16.71 11.43
CA LEU A 52 6.77 -16.53 11.67
C LEU A 52 7.07 -15.05 11.89
N ILE A 53 6.57 -14.25 10.99
CA ILE A 53 6.81 -12.78 11.09
C ILE A 53 5.47 -12.04 11.01
N TYR A 54 5.26 -11.09 11.87
CA TYR A 54 3.97 -10.33 11.83
C TYR A 54 4.19 -8.84 11.63
N LYS A 55 5.42 -8.41 11.75
CA LYS A 55 5.72 -6.97 11.56
C LYS A 55 7.05 -6.79 10.84
N VAL A 56 6.98 -6.77 9.53
CA VAL A 56 8.21 -6.60 8.67
C VAL A 56 9.39 -7.48 9.10
N SER A 57 9.99 -7.19 10.24
CA SER A 57 11.14 -8.02 10.69
C SER A 57 10.97 -8.47 12.14
N ASN A 58 9.74 -8.60 12.55
CA ASN A 58 9.47 -9.02 13.96
C ASN A 58 9.05 -10.49 14.00
N ARG A 59 9.90 -11.31 14.56
CA ARG A 59 9.57 -12.77 14.65
C ARG A 59 8.55 -13.02 15.76
N PHE A 60 7.78 -14.06 15.60
CA PHE A 60 6.75 -14.38 16.64
C PHE A 60 7.34 -15.27 17.74
N SER A 61 6.62 -15.40 18.82
CA SER A 61 7.11 -16.25 19.93
C SER A 61 7.31 -17.70 19.46
N GLY A 62 8.44 -18.26 19.79
CA GLY A 62 8.71 -19.68 19.37
C GLY A 62 9.45 -19.70 18.03
N VAL A 63 9.41 -18.60 17.32
CA VAL A 63 10.11 -18.55 16.00
C VAL A 63 11.63 -18.46 16.19
N PRO A 64 12.32 -19.46 15.71
CA PRO A 64 13.79 -19.51 15.82
C PRO A 64 14.45 -18.34 15.09
N ASP A 65 15.53 -17.86 15.66
CA ASP A 65 16.24 -16.71 15.03
C ASP A 65 16.65 -17.03 13.59
N ARG A 66 16.54 -18.29 13.21
CA ARG A 66 16.93 -18.68 11.83
C ARG A 66 16.05 -17.97 10.79
N PHE A 67 14.91 -17.49 11.23
CA PHE A 67 14.00 -16.78 10.29
C PHE A 67 14.05 -15.27 10.51
N SER A 68 14.37 -14.55 9.46
CA SER A 68 14.45 -13.07 9.58
C SER A 68 13.90 -12.41 8.31
N GLY A 69 12.89 -11.61 8.48
CA GLY A 69 12.29 -10.91 7.29
C GLY A 69 12.59 -9.42 7.34
N SER A 70 12.72 -8.83 6.18
CA SER A 70 13.02 -7.37 6.13
C SER A 70 12.69 -6.81 4.75
N GLY A 71 12.55 -5.51 4.69
CA GLY A 71 12.21 -4.88 3.37
C GLY A 71 12.08 -3.36 3.52
N SER A 72 11.92 -2.70 2.42
CA SER A 72 11.77 -1.21 2.45
C SER A 72 10.30 -0.82 2.54
N GLY A 73 9.67 -0.69 1.41
CA GLY A 73 8.22 -0.30 1.39
C GLY A 73 7.49 -1.07 0.29
N THR A 74 8.17 -1.31 -0.80
CA THR A 74 7.55 -2.05 -1.92
C THR A 74 8.33 -3.32 -2.24
N ASP A 75 9.14 -3.72 -1.30
CA ASP A 75 9.96 -4.95 -1.52
C ASP A 75 10.34 -5.60 -0.18
N PHE A 76 10.03 -6.86 -0.05
CA PHE A 76 10.35 -7.59 1.21
C PHE A 76 10.82 -9.01 0.89
N THR A 77 11.61 -9.57 1.76
CA THR A 77 12.10 -10.96 1.50
C THR A 77 12.32 -11.75 2.80
N LEU A 78 11.99 -13.01 2.76
CA LEU A 78 12.16 -13.87 3.96
C LEU A 78 13.42 -14.72 3.80
N LYS A 79 14.39 -14.49 4.64
CA LYS A 79 15.65 -15.28 4.53
C LYS A 79 15.85 -16.24 5.69
N ILE A 80 16.53 -17.32 5.40
CA ILE A 80 16.80 -18.34 6.46
C ILE A 80 18.28 -18.63 6.50
N SER A 81 18.82 -18.65 7.68
CA SER A 81 20.26 -18.93 7.80
C SER A 81 20.62 -20.35 7.38
N ARG A 82 19.91 -21.31 7.92
CA ARG A 82 20.20 -22.73 7.55
C ARG A 82 18.92 -23.48 7.24
N VAL A 83 18.67 -23.70 5.98
CA VAL A 83 17.44 -24.43 5.58
C VAL A 83 17.50 -25.89 6.02
N GLU A 84 16.59 -26.26 6.88
CA GLU A 84 16.55 -27.66 7.38
C GLU A 84 15.36 -28.42 6.79
N ALA A 85 15.22 -29.65 7.20
CA ALA A 85 14.08 -30.46 6.68
C ALA A 85 12.74 -29.96 7.23
N GLU A 86 12.81 -29.28 8.35
CA GLU A 86 11.56 -28.75 8.97
C GLU A 86 11.06 -27.52 8.18
N ASP A 87 11.97 -26.66 7.83
CA ASP A 87 11.57 -25.44 7.07
C ASP A 87 10.89 -25.82 5.74
N LEU A 88 11.13 -27.03 5.30
CA LEU A 88 10.52 -27.48 4.02
C LEU A 88 9.01 -27.26 4.01
N GLY A 89 8.49 -27.00 2.84
CA GLY A 89 7.02 -26.76 2.69
C GLY A 89 6.77 -25.57 1.77
N ILE A 90 5.60 -25.01 1.85
CA ILE A 90 5.28 -23.85 0.99
C ILE A 90 5.28 -22.56 1.81
N TYR A 91 5.59 -21.45 1.18
CA TYR A 91 5.61 -20.16 1.92
C TYR A 91 4.68 -19.13 1.29
N PHE A 92 4.14 -18.28 2.11
CA PHE A 92 3.22 -17.23 1.60
C PHE A 92 3.44 -15.91 2.33
N CYS A 93 2.95 -14.85 1.76
CA CYS A 93 3.11 -13.52 2.40
C CYS A 93 1.88 -12.64 2.16
N SER A 94 1.29 -12.16 3.21
CA SER A 94 0.09 -11.30 3.06
C SER A 94 0.33 -9.91 3.67
N GLN A 95 -0.47 -8.97 3.29
CA GLN A 95 -0.29 -7.59 3.85
C GLN A 95 -1.58 -7.08 4.47
N THR A 96 -1.44 -6.24 5.46
CA THR A 96 -2.63 -5.67 6.14
C THR A 96 -2.59 -4.15 6.12
N THR A 97 -2.40 -3.60 4.96
CA THR A 97 -2.35 -2.12 4.83
C THR A 97 -3.62 -1.59 4.16
N HIS A 98 -3.94 -2.18 3.04
CA HIS A 98 -5.17 -1.75 2.30
C HIS A 98 -6.24 -2.84 2.32
N VAL A 99 -7.45 -2.44 1.99
CA VAL A 99 -8.57 -3.42 1.98
C VAL A 99 -9.16 -3.54 0.57
N PRO A 100 -9.49 -4.75 0.17
CA PRO A 100 -9.30 -5.97 1.01
C PRO A 100 -7.83 -6.40 1.04
N PRO A 101 -7.48 -7.12 2.08
CA PRO A 101 -6.10 -7.61 2.26
C PRO A 101 -5.73 -8.61 1.15
N THR A 102 -4.71 -8.28 0.41
CA THR A 102 -4.28 -9.20 -0.69
C THR A 102 -3.22 -10.19 -0.21
N PHE A 103 -3.39 -11.43 -0.61
CA PHE A 103 -2.41 -12.47 -0.19
C PHE A 103 -1.21 -12.50 -1.15
N GLY A 104 -0.25 -13.33 -0.84
CA GLY A 104 0.95 -13.42 -1.72
C GLY A 104 0.74 -14.46 -2.84
N GLY A 105 1.82 -14.90 -3.42
CA GLY A 105 1.72 -15.90 -4.52
C GLY A 105 1.74 -17.33 -3.96
N GLY A 106 2.91 -17.81 -3.64
CA GLY A 106 3.02 -19.19 -3.09
C GLY A 106 4.35 -19.81 -3.53
N THR A 107 5.32 -19.71 -2.67
CA THR A 107 6.66 -20.28 -3.00
C THR A 107 6.80 -21.71 -2.48
N LYS A 108 6.98 -22.63 -3.39
CA LYS A 108 7.13 -24.05 -2.97
C LYS A 108 8.58 -24.35 -2.62
N LEU A 109 8.82 -24.64 -1.37
CA LEU A 109 10.20 -24.96 -0.93
C LEU A 109 10.37 -26.45 -0.67
N GLU A 110 10.82 -27.15 -1.66
CA GLU A 110 11.01 -28.62 -1.51
C GLU A 110 12.48 -29.00 -1.71
N ILE A 111 12.95 -29.90 -0.88
CA ILE A 111 14.37 -30.34 -1.00
C ILE A 111 14.60 -31.11 -2.30
N LYS A 112 15.83 -31.12 -2.75
CA LYS A 112 16.14 -31.85 -4.00
C LYS A 112 15.68 -33.31 -3.93
N ARG A 113 15.39 -33.87 -5.07
CA ARG A 113 14.92 -35.29 -5.10
C ARG A 113 15.50 -36.02 -6.31
N ASP A 1 -2.52 -5.67 -2.74
CA ASP A 1 -3.17 -5.02 -3.90
C ASP A 1 -2.67 -3.60 -4.07
N VAL A 2 -3.21 -2.92 -5.03
CA VAL A 2 -2.76 -1.54 -5.26
C VAL A 2 -3.15 -0.63 -4.09
N VAL A 3 -2.39 0.41 -3.89
CA VAL A 3 -2.69 1.35 -2.78
C VAL A 3 -3.48 2.56 -3.27
N MET A 4 -4.03 3.30 -2.34
CA MET A 4 -4.83 4.50 -2.72
C MET A 4 -4.74 5.59 -1.65
N THR A 5 -4.15 6.69 -2.03
CA THR A 5 -4.01 7.82 -1.07
C THR A 5 -5.16 8.82 -1.26
N GLN A 6 -5.66 9.34 -0.17
CA GLN A 6 -6.78 10.32 -0.28
C GLN A 6 -6.50 11.59 0.53
N THR A 7 -6.70 12.72 -0.11
CA THR A 7 -6.46 14.02 0.59
C THR A 7 -7.20 15.14 -0.15
N PRO A 8 -7.45 16.22 0.54
CA PRO A 8 -7.09 16.39 1.96
C PRO A 8 -8.10 15.67 2.85
N LEU A 9 -7.82 15.66 4.13
CA LEU A 9 -8.77 14.99 5.05
C LEU A 9 -9.98 15.88 5.31
N SER A 10 -9.72 17.15 5.52
CA SER A 10 -10.82 18.11 5.77
C SER A 10 -10.73 19.28 4.80
N LEU A 11 -11.85 19.81 4.40
CA LEU A 11 -11.82 20.97 3.45
C LEU A 11 -12.82 22.05 3.88
N PRO A 12 -12.43 22.82 4.87
CA PRO A 12 -13.28 23.91 5.37
C PRO A 12 -13.45 25.01 4.33
N VAL A 13 -14.65 25.15 3.83
CA VAL A 13 -14.92 26.19 2.80
C VAL A 13 -16.25 26.88 3.04
N SER A 14 -16.56 27.84 2.20
CA SER A 14 -17.85 28.57 2.34
C SER A 14 -18.78 28.20 1.20
N LEU A 15 -19.99 28.69 1.25
CA LEU A 15 -20.95 28.37 0.16
C LEU A 15 -20.81 29.34 -1.00
N GLY A 16 -19.92 29.00 -1.89
CA GLY A 16 -19.69 29.88 -3.08
C GLY A 16 -18.20 29.90 -3.46
N ASP A 17 -17.64 28.73 -3.62
CA ASP A 17 -16.20 28.67 -3.98
C ASP A 17 -15.89 27.37 -4.74
N GLN A 18 -14.64 27.20 -5.12
CA GLN A 18 -14.26 25.97 -5.87
C GLN A 18 -13.59 24.95 -4.95
N ALA A 19 -13.89 23.70 -5.17
CA ALA A 19 -13.28 22.63 -4.33
C ALA A 19 -12.36 21.76 -5.18
N SER A 20 -11.54 20.98 -4.53
CA SER A 20 -10.61 20.10 -5.30
C SER A 20 -10.10 18.93 -4.46
N ILE A 21 -10.80 17.83 -4.52
CA ILE A 21 -10.37 16.64 -3.72
C ILE A 21 -9.22 15.94 -4.43
N SER A 22 -8.39 15.27 -3.69
CA SER A 22 -7.24 14.57 -4.32
C SER A 22 -7.25 13.06 -4.02
N CYS A 23 -6.89 12.30 -5.02
CA CYS A 23 -6.87 10.82 -4.86
C CYS A 23 -5.77 10.23 -5.77
N ARG A 24 -4.72 9.73 -5.17
CA ARG A 24 -3.62 9.14 -5.99
C ARG A 24 -3.49 7.63 -5.80
N SER A 25 -2.79 7.03 -6.72
CA SER A 25 -2.60 5.55 -6.64
C SER A 25 -1.13 5.20 -6.89
N SER A 26 -0.67 4.15 -6.25
CA SER A 26 0.74 3.75 -6.43
C SER A 26 1.03 3.36 -7.89
N GLN A 27 0.10 2.66 -8.48
CA GLN A 27 0.28 2.24 -9.89
C GLN A 27 -0.79 2.86 -10.79
N SER A 28 -0.52 2.92 -12.07
CA SER A 28 -1.50 3.52 -13.01
C SER A 28 -2.73 2.61 -13.17
N LEU A 29 -3.89 3.18 -13.02
CA LEU A 29 -5.13 2.37 -13.16
C LEU A 29 -5.60 2.32 -14.62
N VAL A 30 -4.65 2.31 -15.52
CA VAL A 30 -5.01 2.26 -16.96
C VAL A 30 -5.29 0.83 -17.40
N HIS A 31 -6.19 0.67 -18.35
CA HIS A 31 -6.52 -0.70 -18.82
C HIS A 31 -5.76 -1.04 -20.11
N SER A 32 -5.78 -2.30 -20.46
CA SER A 32 -5.06 -2.75 -21.69
C SER A 32 -5.81 -2.35 -22.96
N ASN A 33 -5.89 -1.07 -23.21
CA ASN A 33 -6.61 -0.60 -24.43
C ASN A 33 -6.46 0.91 -24.59
N GLY A 34 -6.33 1.60 -23.49
CA GLY A 34 -6.18 3.09 -23.54
C GLY A 34 -7.31 3.77 -22.77
N ASN A 35 -7.77 3.13 -21.73
CA ASN A 35 -8.86 3.72 -20.92
C ASN A 35 -8.54 3.65 -19.42
N THR A 36 -8.72 4.75 -18.74
CA THR A 36 -8.43 4.77 -17.28
C THR A 36 -9.58 4.13 -16.49
N TYR A 37 -9.26 3.60 -15.34
CA TYR A 37 -10.33 2.96 -14.50
C TYR A 37 -10.39 3.57 -13.10
N LEU A 38 -11.18 4.61 -12.96
CA LEU A 38 -11.32 5.27 -11.64
C LEU A 38 -12.67 5.99 -11.55
N ASN A 39 -13.34 5.83 -10.45
CA ASN A 39 -14.66 6.49 -10.29
C ASN A 39 -14.76 7.26 -8.98
N TRP A 40 -15.54 8.32 -9.01
CA TRP A 40 -15.72 9.15 -7.81
C TRP A 40 -17.09 8.85 -7.19
N TYR A 41 -17.21 9.05 -5.89
CA TYR A 41 -18.52 8.77 -5.24
C TYR A 41 -18.69 9.59 -3.95
N LEU A 42 -19.81 10.25 -3.84
CA LEU A 42 -20.08 11.08 -2.63
C LEU A 42 -21.17 10.44 -1.77
N GLN A 43 -21.01 10.53 -0.48
CA GLN A 43 -22.03 9.92 0.44
C GLN A 43 -22.56 10.97 1.42
N LYS A 44 -23.85 10.95 1.64
CA LYS A 44 -24.44 11.93 2.58
C LYS A 44 -25.18 11.21 3.71
N ALA A 45 -25.57 11.95 4.71
CA ALA A 45 -26.30 11.33 5.86
C ALA A 45 -27.70 10.86 5.46
N GLY A 46 -28.05 9.69 5.92
CA GLY A 46 -29.41 9.12 5.59
C GLY A 46 -29.79 9.39 4.14
N GLN A 47 -28.91 9.06 3.24
CA GLN A 47 -29.22 9.29 1.80
C GLN A 47 -28.96 8.04 0.96
N SER A 48 -29.58 7.99 -0.19
CA SER A 48 -29.40 6.82 -1.08
C SER A 48 -28.06 6.90 -1.83
N PRO A 49 -27.59 5.77 -2.29
CA PRO A 49 -26.31 5.69 -3.03
C PRO A 49 -26.37 6.54 -4.29
N LYS A 50 -25.23 7.05 -4.70
CA LYS A 50 -25.20 7.90 -5.92
C LYS A 50 -23.79 8.04 -6.47
N LEU A 51 -23.65 7.88 -7.75
CA LEU A 51 -22.31 7.98 -8.39
C LEU A 51 -22.17 9.34 -9.09
N LEU A 52 -21.02 9.94 -8.96
CA LEU A 52 -20.79 11.26 -9.61
C LEU A 52 -20.02 11.10 -10.93
N ILE A 53 -18.82 10.60 -10.81
CA ILE A 53 -17.99 10.39 -12.04
C ILE A 53 -17.50 8.94 -12.11
N TYR A 54 -17.32 8.44 -13.30
CA TYR A 54 -16.85 7.03 -13.43
C TYR A 54 -15.80 6.92 -14.52
N LYS A 55 -15.02 5.87 -14.49
CA LYS A 55 -13.96 5.66 -15.51
C LYS A 55 -12.83 6.66 -15.29
N VAL A 56 -13.13 7.93 -15.43
CA VAL A 56 -12.08 8.97 -15.24
C VAL A 56 -12.66 10.38 -15.26
N SER A 57 -13.63 10.61 -16.11
CA SER A 57 -14.22 11.98 -16.16
C SER A 57 -15.69 11.97 -16.59
N ASN A 58 -16.10 10.97 -17.31
CA ASN A 58 -17.52 10.94 -17.75
C ASN A 58 -18.47 11.08 -16.56
N ARG A 59 -19.28 12.10 -16.61
CA ARG A 59 -20.25 12.33 -15.49
C ARG A 59 -21.42 11.36 -15.60
N PHE A 60 -22.01 11.03 -14.48
CA PHE A 60 -23.16 10.09 -14.50
C PHE A 60 -24.48 10.82 -14.65
N SER A 61 -25.53 10.07 -14.94
CA SER A 61 -26.88 10.69 -15.10
C SER A 61 -27.34 11.35 -13.80
N GLY A 62 -27.60 12.62 -13.89
CA GLY A 62 -28.07 13.37 -12.67
C GLY A 62 -26.93 14.21 -12.09
N VAL A 63 -25.75 14.03 -12.59
CA VAL A 63 -24.59 14.80 -12.08
C VAL A 63 -24.44 16.12 -12.87
N PRO A 64 -24.65 17.23 -12.18
CA PRO A 64 -24.55 18.56 -12.80
C PRO A 64 -23.12 18.89 -13.24
N ASP A 65 -23.01 19.77 -14.19
CA ASP A 65 -21.67 20.18 -14.70
C ASP A 65 -20.78 20.74 -13.59
N ARG A 66 -21.37 21.04 -12.47
CA ARG A 66 -20.58 21.60 -11.34
C ARG A 66 -19.52 20.61 -10.84
N PHE A 67 -19.69 19.36 -11.18
CA PHE A 67 -18.71 18.34 -10.73
C PHE A 67 -17.81 17.88 -11.87
N SER A 68 -16.57 18.27 -11.80
CA SER A 68 -15.60 17.89 -12.86
C SER A 68 -14.50 17.03 -12.28
N GLY A 69 -14.39 15.83 -12.77
CA GLY A 69 -13.34 14.91 -12.24
C GLY A 69 -12.49 14.38 -13.40
N SER A 70 -11.19 14.48 -13.24
CA SER A 70 -10.28 13.98 -14.31
C SER A 70 -8.89 13.75 -13.74
N GLY A 71 -8.05 13.11 -14.51
CA GLY A 71 -6.66 12.86 -14.02
C GLY A 71 -5.84 12.08 -15.04
N SER A 72 -4.62 11.77 -14.66
CA SER A 72 -3.73 11.01 -15.58
C SER A 72 -3.84 9.50 -15.34
N GLY A 73 -2.85 8.93 -14.72
CA GLY A 73 -2.88 7.46 -14.44
C GLY A 73 -2.78 7.17 -12.94
N THR A 74 -2.03 7.99 -12.24
CA THR A 74 -1.88 7.77 -10.77
C THR A 74 -2.25 9.02 -9.97
N ASP A 75 -2.94 9.91 -10.61
CA ASP A 75 -3.35 11.16 -9.92
C ASP A 75 -4.72 11.64 -10.40
N PHE A 76 -5.64 11.72 -9.48
CA PHE A 76 -7.02 12.18 -9.85
C PHE A 76 -7.52 13.23 -8.87
N THR A 77 -8.27 14.18 -9.38
CA THR A 77 -8.81 15.25 -8.50
C THR A 77 -10.24 15.62 -8.87
N LEU A 78 -11.04 15.88 -7.87
CA LEU A 78 -12.46 16.26 -8.12
C LEU A 78 -12.61 17.78 -8.04
N LYS A 79 -12.63 18.41 -9.17
CA LYS A 79 -12.77 19.89 -9.19
C LYS A 79 -14.24 20.32 -9.22
N ILE A 80 -14.66 21.00 -8.19
CA ILE A 80 -16.08 21.47 -8.12
C ILE A 80 -16.14 22.96 -8.41
N SER A 81 -17.13 23.35 -9.18
CA SER A 81 -17.25 24.78 -9.51
C SER A 81 -17.76 25.62 -8.34
N ARG A 82 -18.97 25.36 -7.92
CA ARG A 82 -19.53 26.13 -6.78
C ARG A 82 -19.98 25.22 -5.65
N VAL A 83 -19.20 25.15 -4.61
CA VAL A 83 -19.57 24.28 -3.47
C VAL A 83 -20.90 24.73 -2.86
N GLU A 84 -21.93 24.00 -3.15
CA GLU A 84 -23.27 24.37 -2.60
C GLU A 84 -23.60 23.52 -1.37
N ALA A 85 -24.63 23.93 -0.67
CA ALA A 85 -25.05 23.18 0.54
C ALA A 85 -25.31 21.71 0.23
N GLU A 86 -25.64 21.43 -1.00
CA GLU A 86 -25.91 20.02 -1.40
C GLU A 86 -24.60 19.28 -1.63
N ASP A 87 -23.64 19.97 -2.19
CA ASP A 87 -22.33 19.32 -2.46
C ASP A 87 -21.57 19.05 -1.16
N LEU A 88 -22.11 19.49 -0.06
CA LEU A 88 -21.43 19.26 1.25
C LEU A 88 -21.58 17.79 1.68
N GLY A 89 -20.60 17.31 2.40
CA GLY A 89 -20.68 15.88 2.85
C GLY A 89 -19.29 15.24 2.89
N ILE A 90 -19.26 13.95 2.67
CA ILE A 90 -17.96 13.22 2.67
C ILE A 90 -17.71 12.56 1.31
N TYR A 91 -16.66 12.95 0.66
CA TYR A 91 -16.35 12.35 -0.67
C TYR A 91 -15.43 11.15 -0.55
N PHE A 92 -15.51 10.28 -1.52
CA PHE A 92 -14.65 9.06 -1.51
C PHE A 92 -14.22 8.70 -2.93
N CYS A 93 -13.13 7.98 -3.05
CA CYS A 93 -12.64 7.57 -4.40
C CYS A 93 -12.24 6.10 -4.39
N SER A 94 -12.42 5.43 -5.49
CA SER A 94 -12.04 3.99 -5.54
C SER A 94 -11.61 3.57 -6.94
N GLN A 95 -11.00 2.41 -7.03
CA GLN A 95 -10.55 1.89 -8.35
C GLN A 95 -11.07 0.49 -8.60
N THR A 96 -11.37 0.20 -9.84
CA THR A 96 -11.89 -1.14 -10.20
C THR A 96 -10.95 -1.84 -11.17
N THR A 97 -9.73 -1.36 -11.24
CA THR A 97 -8.75 -1.98 -12.16
C THR A 97 -8.30 -3.35 -11.63
N HIS A 98 -8.08 -3.42 -10.35
CA HIS A 98 -7.64 -4.71 -9.74
C HIS A 98 -8.74 -5.27 -8.84
N VAL A 99 -8.54 -6.48 -8.39
CA VAL A 99 -9.56 -7.12 -7.51
C VAL A 99 -8.88 -7.88 -6.36
N PRO A 100 -9.45 -7.80 -5.18
CA PRO A 100 -10.70 -7.04 -4.92
C PRO A 100 -10.45 -5.52 -4.99
N PRO A 101 -11.54 -4.78 -4.99
CA PRO A 101 -11.47 -3.31 -5.04
C PRO A 101 -10.79 -2.75 -3.79
N THR A 102 -10.26 -1.56 -3.91
CA THR A 102 -9.58 -0.94 -2.74
C THR A 102 -10.55 -0.12 -1.87
N PHE A 103 -11.08 0.93 -2.46
CA PHE A 103 -12.04 1.80 -1.70
C PHE A 103 -11.36 2.46 -0.50
N GLY A 104 -12.06 3.37 0.12
CA GLY A 104 -11.49 4.07 1.30
C GLY A 104 -11.54 5.59 1.12
N GLY A 105 -10.68 6.28 1.82
CA GLY A 105 -10.66 7.77 1.70
C GLY A 105 -11.67 8.37 2.68
N GLY A 106 -11.87 9.67 2.58
CA GLY A 106 -12.85 10.31 3.50
C GLY A 106 -12.63 11.82 3.55
N THR A 107 -12.74 12.46 2.42
CA THR A 107 -12.55 13.93 2.38
C THR A 107 -13.79 14.64 2.94
N LYS A 108 -13.64 15.21 4.10
CA LYS A 108 -14.80 15.92 4.72
C LYS A 108 -15.00 17.29 4.08
N LEU A 109 -16.23 17.57 3.72
CA LEU A 109 -16.51 18.89 3.10
C LEU A 109 -17.59 19.63 3.91
N GLU A 110 -17.17 20.18 5.01
CA GLU A 110 -18.12 20.92 5.88
C GLU A 110 -17.86 22.42 5.77
N ILE A 111 -18.92 23.20 5.69
CA ILE A 111 -18.73 24.67 5.58
C ILE A 111 -18.06 25.24 6.81
N LYS A 112 -16.96 25.93 6.59
CA LYS A 112 -16.25 26.52 7.74
C LYS A 112 -17.15 27.57 8.40
N ARG A 113 -17.73 27.20 9.52
CA ARG A 113 -18.63 28.15 10.22
C ARG A 113 -17.89 28.89 11.34
#